data_9JQ5
#
_entry.id   9JQ5
#
loop_
_entity.id
_entity.type
_entity.pdbx_description
1 polymer 'Isovaleryl-CoA dehydrogenase, mitochondrial'
2 non-polymer 'Isovaleryl-coenzyme A'
3 non-polymer 'FLAVIN-ADENINE DINUCLEOTIDE'
#
_entity_poly.entity_id   1
_entity_poly.type   'polypeptide(L)'
_entity_poly.pdbx_seq_one_letter_code
;MAEMATATRLLGWRVASWRLRPPLAGFVSQRAHSLLPVDDAINGLSEEQRQLRQTMAKFLQEHLAPKAQEIDRSNEFKNL
REFWKQLGNLGVLGITAPVQYGGSGLGYLEHVLVMEEISRASGAVGLSYGAHSNLCINQLVRNGNEAQKEKYLPKLISGE
YIGALAMSEPNAGSDVVSMKLKAEKKGNHYILNGNKFWITNGPDADVLIVYAKTDLAAVPASRGITAFIVEKGMPGFSTS
KKLDKLGMRGSNTCELIFEDCKIPAANILGHENKGVYVLMSGLDLARLVLAGGPLGLMQAVLDHTIPYLHVREAFGQKIG
HFQLMQGKMADMYTRLMACRQYVYNVAKACDEGHCTAKDCAGVILYSAECATQVALDGIQCFGGNGYINDFPMGRFLRDA
KLYEIGAGTSEVRRLVIGRAFNADFH
;
_entity_poly.pdbx_strand_id   A,B,C,D
#
loop_
_chem_comp.id
_chem_comp.type
_chem_comp.name
_chem_comp.formula
FAD non-polymer 'FLAVIN-ADENINE DINUCLEOTIDE' 'C27 H33 N9 O15 P2'
IVC non-polymer 'Isovaleryl-coenzyme A' 'C26 H44 N7 O17 P3 S'
#
# COMPACT_ATOMS: atom_id res chain seq x y z
N VAL A 38 -7.38 6.36 28.10
CA VAL A 38 -8.09 5.83 26.95
C VAL A 38 -7.42 4.56 26.44
N ASP A 39 -6.28 4.22 27.03
CA ASP A 39 -5.56 3.03 26.63
C ASP A 39 -6.26 1.77 27.16
N ASP A 40 -5.74 0.62 26.77
CA ASP A 40 -6.30 -0.67 27.14
C ASP A 40 -5.24 -1.51 27.83
N ALA A 41 -5.69 -2.51 28.58
CA ALA A 41 -4.81 -3.37 29.34
C ALA A 41 -4.15 -4.45 28.49
N ILE A 42 -4.29 -4.40 27.17
CA ILE A 42 -3.69 -5.41 26.30
C ILE A 42 -2.17 -5.36 26.33
N ASN A 43 -1.60 -4.22 26.73
CA ASN A 43 -0.14 -4.07 26.74
C ASN A 43 0.52 -5.02 27.72
N GLY A 44 -0.20 -5.50 28.74
CA GLY A 44 0.37 -6.42 29.70
C GLY A 44 1.32 -5.81 30.70
N LEU A 45 1.33 -4.49 30.85
CA LEU A 45 2.21 -3.84 31.81
C LEU A 45 1.74 -4.09 33.23
N SER A 46 2.68 -4.08 34.16
CA SER A 46 2.38 -4.33 35.56
C SER A 46 1.67 -3.12 36.18
N GLU A 47 1.27 -3.28 37.44
CA GLU A 47 0.57 -2.20 38.14
C GLU A 47 1.49 -1.01 38.36
N GLU A 48 2.77 -1.27 38.65
CA GLU A 48 3.72 -0.17 38.83
C GLU A 48 3.93 0.60 37.52
N GLN A 49 4.02 -0.12 36.40
CA GLN A 49 4.17 0.54 35.11
C GLN A 49 2.88 1.27 34.71
N ARG A 50 1.74 0.79 35.17
CA ARG A 50 0.48 1.48 34.89
C ARG A 50 0.40 2.80 35.65
N GLN A 51 1.01 2.86 36.84
CA GLN A 51 1.00 4.11 37.60
C GLN A 51 1.77 5.21 36.88
N LEU A 52 2.91 4.87 36.29
CA LEU A 52 3.68 5.85 35.53
C LEU A 52 2.93 6.31 34.28
N ARG A 53 2.09 5.43 33.73
CA ARG A 53 1.31 5.79 32.56
C ARG A 53 0.30 6.89 32.87
N GLN A 54 -0.43 6.73 33.98
CA GLN A 54 -1.43 7.73 34.35
C GLN A 54 -0.81 8.95 35.03
N THR A 55 0.34 8.78 35.67
CA THR A 55 1.00 9.91 36.32
C THR A 55 1.42 10.95 35.29
N MET A 56 2.04 10.53 34.20
CA MET A 56 2.42 11.46 33.15
C MET A 56 1.19 11.95 32.38
N ALA A 57 0.12 11.16 32.37
CA ALA A 57 -1.08 11.54 31.65
C ALA A 57 -1.70 12.81 32.23
N LYS A 58 -1.84 12.89 33.55
CA LYS A 58 -2.42 14.07 34.16
C LYS A 58 -1.45 15.24 34.20
N PHE A 59 -0.15 14.97 34.16
CA PHE A 59 0.84 16.04 34.21
C PHE A 59 0.98 16.72 32.85
N LEU A 60 1.11 15.93 31.78
CA LEU A 60 1.36 16.50 30.46
C LEU A 60 0.12 17.19 29.90
N GLN A 61 -1.07 16.74 30.29
CA GLN A 61 -2.30 17.37 29.80
C GLN A 61 -2.56 18.74 30.41
N GLU A 62 -1.74 19.20 31.35
CA GLU A 62 -1.91 20.52 31.94
C GLU A 62 -0.62 21.32 31.83
N HIS A 63 0.52 20.64 31.69
CA HIS A 63 1.80 21.32 31.60
C HIS A 63 2.34 21.38 30.18
N LEU A 64 2.09 20.36 29.36
CA LEU A 64 2.65 20.26 28.02
C LEU A 64 1.61 20.32 26.92
N ALA A 65 0.47 19.65 27.11
CA ALA A 65 -0.55 19.60 26.06
C ALA A 65 -1.14 20.97 25.71
N PRO A 66 -1.58 21.81 26.67
CA PRO A 66 -2.20 23.08 26.29
C PRO A 66 -1.26 24.06 25.60
N LYS A 67 0.06 23.87 25.71
CA LYS A 67 1.01 24.75 25.06
C LYS A 67 1.70 24.12 23.86
N ALA A 68 1.22 22.97 23.38
CA ALA A 68 1.84 22.31 22.23
C ALA A 68 1.73 23.16 20.97
N GLN A 69 0.55 23.74 20.73
CA GLN A 69 0.38 24.59 19.55
C GLN A 69 1.26 25.83 19.62
N GLU A 70 1.40 26.40 20.82
CA GLU A 70 2.27 27.57 20.99
C GLU A 70 3.72 27.22 20.70
N ILE A 71 4.19 26.08 21.21
CA ILE A 71 5.56 25.66 20.95
C ILE A 71 5.76 25.38 19.46
N ASP A 72 4.73 24.82 18.81
CA ASP A 72 4.85 24.52 17.38
C ASP A 72 4.92 25.78 16.55
N ARG A 73 4.07 26.77 16.85
CA ARG A 73 4.04 27.98 16.03
C ARG A 73 5.17 28.94 16.36
N SER A 74 5.69 28.91 17.59
CA SER A 74 6.78 29.79 17.96
C SER A 74 8.14 29.17 17.75
N ASN A 75 8.22 27.82 17.71
CA ASN A 75 9.48 27.11 17.51
C ASN A 75 10.49 27.46 18.60
N GLU A 76 10.01 27.58 19.83
CA GLU A 76 10.88 27.93 20.96
C GLU A 76 10.19 27.52 22.25
N PHE A 77 10.84 26.64 23.02
CA PHE A 77 10.31 26.21 24.31
C PHE A 77 10.84 27.17 25.37
N LYS A 78 10.02 28.14 25.74
CA LYS A 78 10.42 29.12 26.75
C LYS A 78 10.60 28.49 28.11
N ASN A 79 9.76 27.52 28.46
CA ASN A 79 9.84 26.82 29.73
C ASN A 79 10.64 25.52 29.64
N LEU A 80 11.63 25.46 28.74
CA LEU A 80 12.37 24.22 28.53
C LEU A 80 13.06 23.75 29.79
N ARG A 81 13.84 24.63 30.43
CA ARG A 81 14.58 24.23 31.62
C ARG A 81 13.65 23.98 32.81
N GLU A 82 12.58 24.77 32.94
CA GLU A 82 11.63 24.54 34.02
C GLU A 82 10.93 23.19 33.85
N PHE A 83 10.52 22.88 32.62
CA PHE A 83 9.89 21.59 32.36
C PHE A 83 10.88 20.45 32.58
N TRP A 84 12.14 20.65 32.21
CA TRP A 84 13.16 19.62 32.45
C TRP A 84 13.36 19.38 33.93
N LYS A 85 13.39 20.45 34.73
CA LYS A 85 13.55 20.29 36.17
C LYS A 85 12.33 19.62 36.78
N GLN A 86 11.13 19.96 36.31
CA GLN A 86 9.93 19.31 36.81
C GLN A 86 9.92 17.83 36.47
N LEU A 87 10.39 17.46 35.27
CA LEU A 87 10.50 16.05 34.91
C LEU A 87 11.56 15.34 35.74
N GLY A 88 12.67 16.02 36.03
CA GLY A 88 13.68 15.43 36.90
C GLY A 88 13.17 15.21 38.30
N ASN A 89 12.28 16.08 38.77
CA ASN A 89 11.65 15.86 40.07
C ASN A 89 10.77 14.61 40.05
N LEU A 90 10.18 14.31 38.89
CA LEU A 90 9.37 13.10 38.75
C LEU A 90 10.21 11.84 38.58
N GLY A 91 11.48 11.97 38.23
CA GLY A 91 12.35 10.84 38.05
C GLY A 91 12.26 10.16 36.69
N VAL A 92 11.64 10.79 35.70
CA VAL A 92 11.53 10.18 34.37
C VAL A 92 12.75 10.41 33.51
N LEU A 93 13.64 11.35 33.89
CA LEU A 93 14.85 11.57 33.11
C LEU A 93 15.83 10.42 33.29
N GLY A 94 16.19 10.11 34.54
CA GLY A 94 17.05 8.98 34.83
C GLY A 94 16.26 7.73 35.12
N ILE A 95 15.21 7.50 34.33
CA ILE A 95 14.33 6.34 34.57
C ILE A 95 15.06 5.03 34.28
N THR A 96 16.11 5.08 33.44
CA THR A 96 16.91 3.91 33.15
C THR A 96 18.25 3.90 33.90
N ALA A 97 18.53 4.94 34.68
CA ALA A 97 19.77 5.03 35.42
C ALA A 97 19.66 4.27 36.73
N PRO A 98 20.79 3.82 37.28
CA PRO A 98 20.76 3.19 38.61
C PRO A 98 20.31 4.17 39.68
N VAL A 99 19.90 3.62 40.83
CA VAL A 99 19.40 4.43 41.92
C VAL A 99 20.51 5.12 42.71
N GLN A 100 21.78 4.85 42.37
CA GLN A 100 22.88 5.45 43.10
C GLN A 100 23.05 6.93 42.76
N TYR A 101 22.79 7.32 41.50
CA TYR A 101 22.96 8.69 41.05
C TYR A 101 21.63 9.46 41.03
N GLY A 102 20.65 9.03 41.82
CA GLY A 102 19.37 9.70 41.85
C GLY A 102 18.39 9.27 40.78
N GLY A 103 18.67 8.17 40.09
CA GLY A 103 17.79 7.70 39.04
C GLY A 103 16.60 6.91 39.58
N SER A 104 16.03 6.05 38.75
CA SER A 104 14.88 5.22 39.12
C SER A 104 15.20 3.75 39.19
N GLY A 105 16.06 3.25 38.30
CA GLY A 105 16.41 1.84 38.29
C GLY A 105 15.45 0.95 37.52
N LEU A 106 14.53 1.52 36.74
CA LEU A 106 13.56 0.75 36.00
C LEU A 106 14.19 0.24 34.70
N GLY A 107 13.37 -0.33 33.82
CA GLY A 107 13.84 -0.89 32.57
C GLY A 107 13.54 0.01 31.38
N TYR A 108 13.75 -0.57 30.19
CA TYR A 108 13.52 0.19 28.96
C TYR A 108 12.05 0.34 28.63
N LEU A 109 11.19 -0.55 29.13
CA LEU A 109 9.76 -0.47 28.81
C LEU A 109 9.14 0.78 29.42
N GLU A 110 9.52 1.12 30.66
CA GLU A 110 9.01 2.33 31.28
C GLU A 110 9.47 3.57 30.53
N HIS A 111 10.73 3.60 30.09
CA HIS A 111 11.21 4.72 29.28
C HIS A 111 10.45 4.81 27.96
N VAL A 112 10.17 3.67 27.34
CA VAL A 112 9.43 3.67 26.07
C VAL A 112 8.03 4.22 26.27
N LEU A 113 7.35 3.81 27.34
CA LEU A 113 5.98 4.29 27.56
C LEU A 113 5.96 5.77 27.94
N VAL A 114 6.96 6.23 28.70
CA VAL A 114 7.04 7.65 29.02
C VAL A 114 7.30 8.46 27.75
N MET A 115 8.18 7.96 26.88
CA MET A 115 8.43 8.63 25.61
C MET A 115 7.15 8.68 24.76
N GLU A 116 6.40 7.58 24.73
CA GLU A 116 5.15 7.56 23.97
C GLU A 116 4.15 8.57 24.52
N GLU A 117 4.04 8.67 25.85
CA GLU A 117 3.12 9.63 26.44
C GLU A 117 3.54 11.06 26.14
N ILE A 118 4.84 11.35 26.24
CA ILE A 118 5.31 12.70 25.99
C ILE A 118 5.13 13.07 24.51
N SER A 119 5.32 12.09 23.62
CA SER A 119 5.09 12.34 22.20
C SER A 119 3.61 12.55 21.89
N ARG A 120 2.73 11.83 22.59
CA ARG A 120 1.30 12.07 22.46
C ARG A 120 0.95 13.47 22.93
N ALA A 121 1.57 13.92 24.02
CA ALA A 121 1.35 15.29 24.48
C ALA A 121 1.97 16.30 23.52
N SER A 122 3.23 16.09 23.15
CA SER A 122 3.91 16.98 22.21
C SER A 122 5.05 16.20 21.56
N GLY A 123 4.93 15.94 20.26
CA GLY A 123 5.95 15.17 19.57
C GLY A 123 7.30 15.88 19.53
N ALA A 124 7.28 17.21 19.47
CA ALA A 124 8.53 17.97 19.43
C ALA A 124 9.29 17.84 20.74
N VAL A 125 8.58 17.94 21.87
CA VAL A 125 9.24 17.81 23.16
C VAL A 125 9.64 16.37 23.44
N GLY A 126 8.91 15.41 22.88
CA GLY A 126 9.26 14.01 23.09
C GLY A 126 10.60 13.65 22.46
N LEU A 127 10.86 14.16 21.26
CA LEU A 127 12.15 13.90 20.61
C LEU A 127 13.30 14.42 21.45
N SER A 128 13.18 15.65 21.95
CA SER A 128 14.23 16.23 22.79
C SER A 128 14.38 15.45 24.09
N TYR A 129 13.26 15.09 24.72
CA TYR A 129 13.33 14.31 25.96
C TYR A 129 14.06 13.00 25.75
N GLY A 130 13.73 12.28 24.67
CA GLY A 130 14.41 11.03 24.39
C GLY A 130 15.89 11.22 24.09
N ALA A 131 16.20 12.10 23.12
CA ALA A 131 17.58 12.33 22.72
C ALA A 131 18.43 12.86 23.86
N HIS A 132 17.83 13.47 24.88
CA HIS A 132 18.58 13.83 26.08
C HIS A 132 18.72 12.61 26.99
N SER A 133 17.59 12.12 27.51
CA SER A 133 17.62 11.10 28.56
C SER A 133 18.37 9.86 28.10
N ASN A 134 17.85 9.18 27.07
CA ASN A 134 18.50 7.96 26.62
C ASN A 134 19.93 8.24 26.15
N LEU A 135 20.05 9.04 25.09
CA LEU A 135 21.32 9.22 24.39
C LEU A 135 22.39 9.87 25.25
N CYS A 136 22.06 10.31 26.47
CA CYS A 136 23.10 10.76 27.39
C CYS A 136 23.28 9.81 28.57
N ILE A 137 22.22 9.54 29.32
CA ILE A 137 22.35 8.78 30.55
C ILE A 137 22.72 7.33 30.25
N ASN A 138 22.09 6.71 29.25
CA ASN A 138 22.41 5.32 28.94
C ASN A 138 23.85 5.20 28.43
N GLN A 139 24.27 6.14 27.58
CA GLN A 139 25.63 6.11 27.07
C GLN A 139 26.65 6.32 28.18
N LEU A 140 26.30 7.11 29.20
CA LEU A 140 27.23 7.35 30.30
C LEU A 140 27.27 6.17 31.26
N VAL A 141 26.13 5.51 31.50
CA VAL A 141 26.13 4.42 32.47
C VAL A 141 26.67 3.13 31.84
N ARG A 142 26.60 3.00 30.51
CA ARG A 142 27.04 1.77 29.89
C ARG A 142 28.55 1.78 29.61
N ASN A 143 29.13 2.96 29.41
CA ASN A 143 30.54 3.06 29.05
C ASN A 143 31.35 4.04 29.89
N GLY A 144 30.72 4.83 30.76
CA GLY A 144 31.47 5.76 31.57
C GLY A 144 32.11 5.10 32.77
N ASN A 145 33.25 5.66 33.18
CA ASN A 145 33.98 5.12 34.31
C ASN A 145 33.33 5.57 35.63
N GLU A 146 34.02 5.27 36.74
CA GLU A 146 33.47 5.60 38.06
C GLU A 146 33.44 7.10 38.30
N ALA A 147 34.35 7.85 37.68
CA ALA A 147 34.41 9.29 37.92
C ALA A 147 33.44 10.05 37.02
N GLN A 148 33.36 9.67 35.75
CA GLN A 148 32.47 10.36 34.82
C GLN A 148 31.01 10.19 35.20
N LYS A 149 30.65 9.02 35.74
CA LYS A 149 29.28 8.80 36.19
C LYS A 149 28.96 9.67 37.40
N GLU A 150 29.87 9.73 38.37
CA GLU A 150 29.63 10.55 39.56
C GLU A 150 29.63 12.04 39.23
N LYS A 151 30.35 12.44 38.17
CA LYS A 151 30.50 13.87 37.90
C LYS A 151 29.27 14.44 37.20
N TYR A 152 28.73 13.75 36.21
CA TYR A 152 27.69 14.31 35.35
C TYR A 152 26.29 13.79 35.62
N LEU A 153 26.14 12.53 36.03
CA LEU A 153 24.81 11.94 36.14
C LEU A 153 23.90 12.62 37.15
N PRO A 154 24.36 13.06 38.33
CA PRO A 154 23.42 13.71 39.28
C PRO A 154 22.69 14.91 38.69
N LYS A 155 23.43 15.90 38.17
CA LYS A 155 22.79 17.09 37.62
C LYS A 155 22.08 16.81 36.31
N LEU A 156 22.45 15.74 35.60
CA LEU A 156 21.74 15.37 34.39
C LEU A 156 20.36 14.78 34.72
N ILE A 157 20.30 13.93 35.74
CA ILE A 157 19.02 13.37 36.16
C ILE A 157 18.15 14.43 36.83
N SER A 158 18.78 15.30 37.62
CA SER A 158 18.03 16.34 38.32
C SER A 158 17.44 17.38 37.37
N GLY A 159 17.88 17.41 36.11
CA GLY A 159 17.36 18.34 35.14
C GLY A 159 18.17 19.61 34.97
N GLU A 160 19.22 19.82 35.78
CA GLU A 160 20.02 21.03 35.66
C GLU A 160 20.88 21.00 34.41
N TYR A 161 21.40 19.84 34.04
CA TYR A 161 22.23 19.67 32.85
C TYR A 161 21.43 18.93 31.78
N ILE A 162 21.50 19.43 30.55
CA ILE A 162 20.86 18.80 29.41
C ILE A 162 21.92 18.05 28.61
N GLY A 163 21.54 16.91 28.04
CA GLY A 163 22.46 16.08 27.30
C GLY A 163 22.12 15.95 25.83
N ALA A 164 23.11 15.60 25.01
CA ALA A 164 22.92 15.44 23.58
C ALA A 164 23.98 14.49 23.04
N LEU A 165 23.72 13.99 21.84
CA LEU A 165 24.63 13.07 21.15
C LEU A 165 25.04 13.69 19.83
N ALA A 166 26.34 13.73 19.57
CA ALA A 166 26.91 14.35 18.36
C ALA A 166 27.59 13.26 17.54
N MET A 167 26.86 12.69 16.59
CA MET A 167 27.39 11.65 15.71
C MET A 167 27.23 12.00 14.23
N SER A 168 26.13 12.66 13.87
CA SER A 168 25.87 12.98 12.48
C SER A 168 26.76 14.14 12.01
N GLU A 169 26.85 14.28 10.69
CA GLU A 169 27.65 15.32 10.06
C GLU A 169 26.90 15.84 8.85
N PRO A 170 27.23 17.05 8.38
CA PRO A 170 26.54 17.58 7.20
C PRO A 170 26.78 16.75 5.93
N ASN A 171 27.89 16.01 5.91
CA ASN A 171 28.24 15.19 4.75
C ASN A 171 28.08 13.71 5.03
N ALA A 172 27.62 13.34 6.23
CA ALA A 172 27.42 11.94 6.57
C ALA A 172 26.25 11.77 7.53
N GLY A 173 25.08 11.47 6.98
CA GLY A 173 23.90 11.23 7.80
C GLY A 173 23.76 9.78 8.22
N SER A 174 23.75 8.88 7.24
CA SER A 174 23.64 7.46 7.55
C SER A 174 25.02 6.82 7.65
N ASP A 175 25.97 7.28 6.85
CA ASP A 175 27.34 6.74 6.87
C ASP A 175 28.16 7.39 7.99
N VAL A 176 27.82 7.06 9.24
CA VAL A 176 28.45 7.69 10.38
C VAL A 176 29.93 7.31 10.50
N VAL A 177 30.33 6.17 9.93
CA VAL A 177 31.73 5.75 10.01
C VAL A 177 32.63 6.65 9.17
N SER A 178 32.06 7.40 8.24
CA SER A 178 32.82 8.31 7.39
C SER A 178 32.90 9.73 7.95
N MET A 179 32.81 9.89 9.26
CA MET A 179 32.86 11.22 9.86
C MET A 179 34.21 11.87 9.61
N LYS A 180 34.21 13.21 9.58
CA LYS A 180 35.41 13.98 9.28
C LYS A 180 36.02 14.66 10.50
N LEU A 181 35.32 14.69 11.63
CA LEU A 181 35.86 15.31 12.83
C LEU A 181 37.05 14.50 13.34
N LYS A 182 38.18 15.17 13.52
CA LYS A 182 39.42 14.52 13.93
C LYS A 182 39.90 15.08 15.26
N ALA A 183 40.67 14.27 15.98
CA ALA A 183 41.26 14.67 17.26
C ALA A 183 42.74 14.31 17.25
N GLU A 184 43.55 15.20 17.83
CA GLU A 184 44.99 15.01 17.89
C GLU A 184 45.47 15.19 19.32
N LYS A 185 46.38 14.32 19.74
CA LYS A 185 46.86 14.32 21.12
C LYS A 185 47.99 15.34 21.29
N LYS A 186 47.68 16.45 21.95
CA LYS A 186 48.69 17.46 22.30
C LYS A 186 49.16 17.25 23.74
N GLY A 187 49.87 16.14 23.94
CA GLY A 187 50.27 15.73 25.28
C GLY A 187 49.14 15.00 25.98
N ASN A 188 48.81 15.42 27.21
CA ASN A 188 47.64 14.89 27.92
C ASN A 188 46.39 15.71 27.63
N HIS A 189 46.08 15.89 26.35
CA HIS A 189 44.92 16.67 25.92
C HIS A 189 44.52 16.22 24.52
N TYR A 190 43.29 16.56 24.13
CA TYR A 190 42.77 16.25 22.81
C TYR A 190 42.23 17.52 22.18
N ILE A 191 42.78 17.88 21.02
CA ILE A 191 42.38 19.08 20.29
C ILE A 191 41.40 18.62 19.21
N LEU A 192 40.11 18.81 19.47
CA LEU A 192 39.06 18.40 18.54
C LEU A 192 38.86 19.47 17.47
N ASN A 193 38.78 19.05 16.21
CA ASN A 193 38.54 19.95 15.09
C ASN A 193 37.52 19.33 14.15
N GLY A 194 36.57 20.14 13.71
CA GLY A 194 35.49 19.70 12.84
C GLY A 194 34.17 20.30 13.26
N ASN A 195 33.11 19.80 12.63
CA ASN A 195 31.75 20.28 12.89
C ASN A 195 30.80 19.11 12.98
N LYS A 196 29.70 19.33 13.71
CA LYS A 196 28.64 18.34 13.87
C LYS A 196 27.30 18.97 13.51
N PHE A 197 26.41 18.15 12.96
CA PHE A 197 25.14 18.63 12.47
C PHE A 197 24.02 17.67 12.89
N TRP A 198 22.80 18.19 12.89
CA TRP A 198 21.60 17.46 13.28
C TRP A 198 21.60 17.03 14.74
N ILE A 199 22.16 17.84 15.63
CA ILE A 199 22.19 17.53 17.06
C ILE A 199 20.94 18.10 17.70
N THR A 200 20.19 17.25 18.40
CA THR A 200 19.03 17.72 19.16
C THR A 200 19.49 18.37 20.45
N ASN A 201 18.81 19.46 20.82
CA ASN A 201 19.11 20.25 22.01
C ASN A 201 20.54 20.80 22.00
N GLY A 202 21.00 21.32 20.86
CA GLY A 202 22.34 21.81 20.72
C GLY A 202 22.70 22.93 21.69
N PRO A 203 22.06 24.09 21.54
CA PRO A 203 22.43 25.23 22.40
C PRO A 203 22.01 25.04 23.84
N ASP A 204 21.17 24.04 24.14
CA ASP A 204 20.67 23.84 25.50
C ASP A 204 21.45 22.79 26.27
N ALA A 205 22.10 21.87 25.57
CA ALA A 205 22.83 20.80 26.24
C ALA A 205 24.07 21.34 26.94
N ASP A 206 24.23 20.98 28.21
CA ASP A 206 25.41 21.35 28.97
C ASP A 206 26.50 20.30 28.91
N VAL A 207 26.13 19.03 28.73
CA VAL A 207 27.07 17.93 28.58
C VAL A 207 26.72 17.18 27.30
N LEU A 208 27.69 17.10 26.38
CA LEU A 208 27.45 16.51 25.08
C LEU A 208 28.47 15.39 24.82
N ILE A 209 27.99 14.29 24.25
CA ILE A 209 28.83 13.17 23.86
C ILE A 209 29.15 13.33 22.38
N VAL A 210 30.43 13.54 22.07
CA VAL A 210 30.89 13.81 20.72
C VAL A 210 31.88 12.71 20.32
N TYR A 211 31.68 12.14 19.14
CA TYR A 211 32.59 11.13 18.59
C TYR A 211 33.60 11.81 17.68
N ALA A 212 34.87 11.51 17.88
CA ALA A 212 35.95 12.10 17.10
C ALA A 212 36.95 11.02 16.71
N LYS A 213 37.44 11.12 15.47
CA LYS A 213 38.44 10.18 14.96
C LYS A 213 39.81 10.57 15.49
N THR A 214 40.41 9.69 16.30
CA THR A 214 41.74 9.93 16.83
C THR A 214 42.84 9.36 15.96
N ASP A 215 42.53 8.43 15.07
CA ASP A 215 43.51 7.83 14.17
C ASP A 215 42.90 7.67 12.80
N LEU A 216 43.70 7.95 11.77
CA LEU A 216 43.27 7.84 10.39
C LEU A 216 44.13 6.90 9.54
N ALA A 217 45.21 6.36 10.09
CA ALA A 217 46.09 5.47 9.34
C ALA A 217 45.68 4.01 9.43
N ALA A 218 44.70 3.68 10.28
CA ALA A 218 44.25 2.30 10.39
C ALA A 218 43.53 1.87 9.11
N VAL A 219 43.69 0.59 8.76
CA VAL A 219 43.06 0.04 7.57
C VAL A 219 41.55 0.05 7.72
N PRO A 220 40.97 -0.41 8.84
CA PRO A 220 39.51 -0.26 9.02
C PRO A 220 39.19 1.17 9.44
N ALA A 221 38.18 1.75 8.78
CA ALA A 221 37.78 3.12 9.09
C ALA A 221 37.11 3.22 10.46
N SER A 222 36.58 2.12 10.98
CA SER A 222 35.88 2.18 12.27
C SER A 222 36.85 2.23 13.43
N ARG A 223 38.04 1.72 13.25
CA ARG A 223 39.01 1.69 14.33
C ARG A 223 39.58 3.02 14.75
N GLY A 224 39.24 4.08 14.05
CA GLY A 224 39.72 5.40 14.42
C GLY A 224 38.77 6.24 15.24
N ILE A 225 37.48 5.90 15.24
CA ILE A 225 36.46 6.71 15.91
C ILE A 225 36.56 6.50 17.42
N THR A 226 36.51 7.61 18.16
CA THR A 226 36.57 7.58 19.61
C THR A 226 35.58 8.59 20.18
N ALA A 227 34.99 8.25 21.32
CA ALA A 227 33.97 9.07 21.96
C ALA A 227 34.59 9.96 23.02
N PHE A 228 34.07 11.19 23.13
CA PHE A 228 34.56 12.17 24.08
C PHE A 228 33.39 12.86 24.75
N ILE A 229 33.60 13.31 25.98
CA ILE A 229 32.61 14.08 26.73
C ILE A 229 32.97 15.55 26.64
N VAL A 230 32.07 16.34 26.06
CA VAL A 230 32.28 17.78 25.87
C VAL A 230 31.27 18.54 26.72
N GLU A 231 31.77 19.47 27.53
CA GLU A 231 30.92 20.30 28.36
C GLU A 231 30.64 21.63 27.68
N LYS A 232 29.58 22.29 28.12
CA LYS A 232 29.24 23.59 27.58
C LYS A 232 30.13 24.68 28.19
N GLY A 233 30.58 25.60 27.34
CA GLY A 233 31.45 26.66 27.79
C GLY A 233 32.93 26.37 27.67
N MET A 234 33.32 25.23 27.11
CA MET A 234 34.73 24.93 26.95
C MET A 234 35.34 25.83 25.88
N PRO A 235 36.62 26.18 25.98
CA PRO A 235 37.25 27.02 24.96
C PRO A 235 37.27 26.32 23.61
N GLY A 236 36.67 26.95 22.62
CA GLY A 236 36.58 26.41 21.28
C GLY A 236 35.28 25.71 20.95
N PHE A 237 34.31 25.71 21.85
CA PHE A 237 33.01 25.10 21.61
C PHE A 237 31.94 26.18 21.52
N SER A 238 31.14 26.13 20.46
CA SER A 238 30.10 27.11 20.24
C SER A 238 29.04 26.52 19.32
N THR A 239 27.91 27.23 19.23
CA THR A 239 26.80 26.84 18.37
C THR A 239 26.52 27.95 17.37
N SER A 240 26.20 27.56 16.14
CA SER A 240 26.00 28.54 15.07
C SER A 240 24.64 29.22 15.17
N LYS A 241 23.57 28.45 14.98
CA LYS A 241 22.23 29.01 15.00
C LYS A 241 21.22 27.86 14.94
N LYS A 242 20.06 28.09 15.57
CA LYS A 242 18.97 27.12 15.51
C LYS A 242 18.37 27.09 14.10
N LEU A 243 18.23 25.90 13.55
CA LEU A 243 17.65 25.74 12.22
C LEU A 243 16.15 25.51 12.32
N ASP A 244 15.46 25.79 11.22
CA ASP A 244 14.00 25.65 11.15
C ASP A 244 13.67 24.39 10.37
N LYS A 245 12.75 23.58 10.90
CA LYS A 245 12.34 22.33 10.29
C LYS A 245 10.85 22.37 9.97
N LEU A 246 10.44 21.49 9.07
CA LEU A 246 9.01 21.38 8.73
C LEU A 246 8.20 20.93 9.93
N GLY A 247 8.67 19.92 10.63
CA GLY A 247 8.00 19.43 11.81
C GLY A 247 8.89 19.48 13.04
N MET A 248 8.41 18.95 14.16
CA MET A 248 9.15 18.96 15.42
C MET A 248 9.56 20.37 15.81
N ARG A 249 8.70 21.35 15.51
CA ARG A 249 9.01 22.74 15.81
C ARG A 249 9.00 22.97 17.31
N GLY A 250 9.99 23.72 17.79
CA GLY A 250 10.22 23.89 19.22
C GLY A 250 11.35 23.07 19.77
N SER A 251 11.77 22.01 19.09
CA SER A 251 12.93 21.24 19.50
C SER A 251 14.19 21.88 18.91
N ASN A 252 15.06 22.39 19.78
CA ASN A 252 16.22 23.15 19.34
C ASN A 252 17.24 22.23 18.68
N THR A 253 17.60 22.55 17.44
CA THR A 253 18.62 21.84 16.70
C THR A 253 19.52 22.85 16.01
N CYS A 254 20.83 22.64 16.11
CA CYS A 254 21.79 23.59 15.58
C CYS A 254 23.01 22.82 15.06
N GLU A 255 24.06 23.55 14.73
CA GLU A 255 25.32 22.98 14.27
C GLU A 255 26.40 23.22 15.32
N LEU A 256 27.15 22.17 15.63
CA LEU A 256 28.24 22.24 16.60
C LEU A 256 29.52 22.61 15.88
N ILE A 257 30.25 23.58 16.42
CA ILE A 257 31.50 24.08 15.83
C ILE A 257 32.60 23.89 16.85
N PHE A 258 33.63 23.14 16.48
CA PHE A 258 34.80 22.90 17.31
C PHE A 258 36.00 23.60 16.69
N GLU A 259 36.55 24.59 17.41
CA GLU A 259 37.70 25.37 16.93
C GLU A 259 38.81 25.24 17.98
N ASP A 260 39.65 24.22 17.81
CA ASP A 260 40.77 23.96 18.71
C ASP A 260 40.28 23.76 20.15
N CYS A 261 39.27 22.91 20.30
CA CYS A 261 38.71 22.64 21.61
C CYS A 261 39.64 21.73 22.41
N LYS A 262 40.06 22.19 23.58
CA LYS A 262 41.01 21.45 24.42
C LYS A 262 40.24 20.58 25.42
N ILE A 263 39.81 19.42 24.93
CA ILE A 263 39.10 18.47 25.79
C ILE A 263 40.10 17.69 26.61
N PRO A 264 39.93 17.58 27.92
CA PRO A 264 40.89 16.82 28.74
C PRO A 264 40.86 15.33 28.40
N ALA A 265 41.94 14.65 28.74
CA ALA A 265 42.04 13.22 28.47
C ALA A 265 41.13 12.41 29.37
N ALA A 266 40.75 12.95 30.53
CA ALA A 266 39.88 12.24 31.45
C ALA A 266 38.43 12.21 30.98
N ASN A 267 38.07 12.97 29.95
CA ASN A 267 36.71 13.02 29.44
C ASN A 267 36.45 12.01 28.33
N ILE A 268 37.35 11.05 28.12
CA ILE A 268 37.16 10.05 27.09
C ILE A 268 36.12 9.03 27.54
N LEU A 269 35.14 8.77 26.68
CA LEU A 269 34.11 7.78 26.95
C LEU A 269 34.54 6.44 26.36
N GLY A 270 34.53 5.40 27.19
CA GLY A 270 34.96 4.09 26.74
C GLY A 270 36.45 3.88 26.84
N HIS A 271 37.09 3.56 25.72
CA HIS A 271 38.52 3.33 25.68
C HIS A 271 39.11 4.00 24.44
N GLU A 272 40.43 3.93 24.33
CA GLU A 272 41.13 4.50 23.19
C GLU A 272 40.79 3.72 21.91
N ASN A 273 40.38 4.45 20.87
CA ASN A 273 40.03 3.88 19.58
C ASN A 273 38.92 2.84 19.66
N LYS A 274 37.99 3.03 20.59
CA LYS A 274 36.88 2.09 20.79
C LYS A 274 35.52 2.76 20.66
N GLY A 275 35.43 3.87 19.93
CA GLY A 275 34.20 4.63 19.86
C GLY A 275 33.09 3.95 19.06
N VAL A 276 33.44 3.17 18.04
CA VAL A 276 32.41 2.53 17.22
C VAL A 276 31.66 1.47 18.01
N TYR A 277 32.37 0.72 18.87
CA TYR A 277 31.69 -0.25 19.73
C TYR A 277 30.78 0.44 20.73
N VAL A 278 31.13 1.67 21.14
CA VAL A 278 30.25 2.45 22.00
C VAL A 278 29.12 3.07 21.18
N LEU A 279 29.43 3.51 19.96
CA LEU A 279 28.42 4.15 19.12
C LEU A 279 27.37 3.15 18.67
N MET A 280 27.81 2.01 18.12
CA MET A 280 26.87 1.01 17.63
C MET A 280 26.02 0.43 18.75
N SER A 281 26.56 0.37 19.97
CA SER A 281 25.78 -0.11 21.11
C SER A 281 24.66 0.88 21.45
N GLY A 282 24.98 2.18 21.44
CA GLY A 282 23.95 3.18 21.69
C GLY A 282 23.03 3.37 20.50
N LEU A 283 23.54 3.10 19.29
CA LEU A 283 22.72 3.23 18.09
C LEU A 283 21.58 2.22 18.08
N ASP A 284 21.82 1.00 18.58
CA ASP A 284 20.77 0.00 18.62
C ASP A 284 19.74 0.30 19.70
N LEU A 285 20.14 0.97 20.77
CA LEU A 285 19.23 1.25 21.87
C LEU A 285 18.40 2.50 21.64
N ALA A 286 18.91 3.47 20.88
CA ALA A 286 18.15 4.70 20.64
C ALA A 286 16.99 4.44 19.69
N ARG A 287 17.11 3.42 18.83
CA ARG A 287 16.02 3.11 17.91
C ARG A 287 14.82 2.51 18.64
N LEU A 288 15.08 1.74 19.70
CA LEU A 288 14.01 1.13 20.47
C LEU A 288 13.30 2.16 21.34
N VAL A 289 14.07 3.04 21.98
CA VAL A 289 13.48 4.03 22.88
C VAL A 289 12.67 5.06 22.09
N LEU A 290 13.20 5.53 20.97
CA LEU A 290 12.50 6.53 20.17
C LEU A 290 11.32 5.95 19.40
N ALA A 291 11.03 4.66 19.55
CA ALA A 291 9.88 4.07 18.89
C ALA A 291 8.56 4.57 19.46
N GLY A 292 8.55 5.09 20.70
CA GLY A 292 7.34 5.61 21.28
C GLY A 292 6.86 6.89 20.64
N GLY A 293 7.74 7.62 19.95
CA GLY A 293 7.37 8.83 19.26
C GLY A 293 6.30 8.60 18.22
N PRO A 294 6.58 7.74 17.23
CA PRO A 294 5.51 7.35 16.29
C PRO A 294 4.30 6.75 16.98
N LEU A 295 4.52 5.95 18.03
CA LEU A 295 3.40 5.41 18.80
C LEU A 295 2.61 6.52 19.46
N GLY A 296 3.29 7.51 20.04
CA GLY A 296 2.59 8.62 20.66
C GLY A 296 1.78 9.43 19.68
N LEU A 297 2.35 9.69 18.50
CA LEU A 297 1.63 10.45 17.48
C LEU A 297 0.44 9.67 16.94
N MET A 298 0.61 8.36 16.74
CA MET A 298 -0.48 7.53 16.25
C MET A 298 -1.56 7.34 17.30
N GLN A 299 -1.23 7.46 18.58
CA GLN A 299 -2.25 7.47 19.63
C GLN A 299 -2.96 8.82 19.69
N ALA A 300 -2.23 9.91 19.51
CA ALA A 300 -2.82 11.24 19.59
C ALA A 300 -3.76 11.51 18.41
N VAL A 301 -3.41 11.05 17.21
CA VAL A 301 -4.29 11.27 16.07
C VAL A 301 -5.61 10.55 16.26
N LEU A 302 -5.58 9.39 16.92
CA LEU A 302 -6.82 8.66 17.19
C LEU A 302 -7.59 9.31 18.33
N ASP A 303 -6.88 9.81 19.35
CA ASP A 303 -7.55 10.49 20.46
C ASP A 303 -8.19 11.80 20.00
N HIS A 304 -7.69 12.39 18.92
CA HIS A 304 -8.26 13.61 18.39
C HIS A 304 -9.27 13.38 17.27
N THR A 305 -9.18 12.25 16.57
CA THR A 305 -10.04 11.98 15.41
C THR A 305 -11.37 11.36 15.80
N ILE A 306 -11.34 10.35 16.66
CA ILE A 306 -12.53 9.61 17.06
C ILE A 306 -13.58 10.54 17.70
N PRO A 307 -13.23 11.40 18.66
CA PRO A 307 -14.24 12.32 19.21
C PRO A 307 -14.73 13.35 18.21
N TYR A 308 -14.04 13.55 17.09
CA TYR A 308 -14.46 14.53 16.09
C TYR A 308 -15.53 13.97 15.15
N LEU A 309 -15.42 12.68 14.80
CA LEU A 309 -16.41 12.09 13.90
C LEU A 309 -17.75 11.91 14.58
N HIS A 310 -17.77 11.90 15.93
CA HIS A 310 -19.01 11.75 16.67
C HIS A 310 -19.75 13.07 16.89
N VAL A 311 -19.22 14.18 16.39
CA VAL A 311 -19.82 15.49 16.55
C VAL A 311 -20.34 16.03 15.21
N ARG A 312 -19.48 16.07 14.20
CA ARG A 312 -19.86 16.60 12.90
C ARG A 312 -20.81 15.65 12.18
N GLU A 313 -21.85 16.22 11.58
CA GLU A 313 -22.88 15.45 10.89
C GLU A 313 -22.89 15.82 9.41
N ALA A 314 -23.18 14.84 8.56
CA ALA A 314 -23.27 15.05 7.13
C ALA A 314 -24.36 14.17 6.55
N PHE A 315 -25.11 14.71 5.59
CA PHE A 315 -26.22 14.04 4.93
C PHE A 315 -27.31 13.60 5.89
N GLY A 316 -27.44 14.28 7.03
CA GLY A 316 -28.46 13.97 8.00
C GLY A 316 -28.04 13.05 9.13
N GLN A 317 -26.78 12.64 9.18
CA GLN A 317 -26.28 11.76 10.22
C GLN A 317 -24.81 12.05 10.49
N LYS A 318 -24.31 11.52 11.60
CA LYS A 318 -22.92 11.72 11.96
C LYS A 318 -22.01 11.03 10.96
N ILE A 319 -20.83 11.63 10.72
CA ILE A 319 -19.89 11.07 9.76
C ILE A 319 -19.29 9.78 10.26
N GLY A 320 -19.34 9.54 11.57
CA GLY A 320 -18.81 8.31 12.15
C GLY A 320 -19.60 7.06 11.81
N HIS A 321 -20.81 7.21 11.29
CA HIS A 321 -21.64 6.06 10.96
C HIS A 321 -21.43 5.55 9.54
N PHE A 322 -20.70 6.28 8.70
CA PHE A 322 -20.44 5.83 7.35
C PHE A 322 -19.39 4.73 7.33
N GLN A 323 -19.53 3.80 6.40
CA GLN A 323 -18.62 2.65 6.35
C GLN A 323 -17.22 3.05 5.94
N LEU A 324 -17.09 4.07 5.07
CA LEU A 324 -15.76 4.48 4.63
C LEU A 324 -14.95 5.09 5.76
N MET A 325 -15.61 5.73 6.72
CA MET A 325 -14.90 6.26 7.88
C MET A 325 -14.63 5.17 8.91
N GLN A 326 -15.59 4.25 9.08
CA GLN A 326 -15.40 3.15 10.04
C GLN A 326 -14.25 2.24 9.62
N GLY A 327 -14.11 1.99 8.31
CA GLY A 327 -13.00 1.17 7.85
C GLY A 327 -11.66 1.81 8.12
N LYS A 328 -11.55 3.12 7.88
CA LYS A 328 -10.30 3.82 8.15
C LYS A 328 -9.99 3.85 9.63
N MET A 329 -11.01 4.09 10.46
CA MET A 329 -10.80 4.07 11.91
C MET A 329 -10.34 2.69 12.37
N ALA A 330 -10.94 1.63 11.84
CA ALA A 330 -10.54 0.28 12.19
C ALA A 330 -9.10 0.01 11.78
N ASP A 331 -8.73 0.40 10.56
CA ASP A 331 -7.37 0.20 10.09
C ASP A 331 -6.37 0.94 10.97
N MET A 332 -6.67 2.20 11.30
CA MET A 332 -5.76 2.99 12.13
C MET A 332 -5.62 2.38 13.52
N TYR A 333 -6.74 1.96 14.12
CA TYR A 333 -6.68 1.37 15.45
C TYR A 333 -5.89 0.07 15.46
N THR A 334 -6.14 -0.80 14.47
CA THR A 334 -5.40 -2.06 14.40
C THR A 334 -3.92 -1.81 14.18
N ARG A 335 -3.56 -0.86 13.32
CA ARG A 335 -2.16 -0.55 13.08
C ARG A 335 -1.49 -0.01 14.33
N LEU A 336 -2.15 0.91 15.03
CA LEU A 336 -1.61 1.47 16.26
C LEU A 336 -1.40 0.39 17.30
N MET A 337 -2.41 -0.47 17.51
CA MET A 337 -2.29 -1.52 18.52
C MET A 337 -1.20 -2.51 18.16
N ALA A 338 -1.10 -2.88 16.87
CA ALA A 338 -0.07 -3.82 16.45
C ALA A 338 1.32 -3.24 16.69
N CYS A 339 1.54 -1.98 16.29
CA CYS A 339 2.84 -1.36 16.49
C CYS A 339 3.16 -1.21 17.97
N ARG A 340 2.16 -0.87 18.79
CA ARG A 340 2.40 -0.71 20.22
C ARG A 340 2.78 -2.03 20.86
N GLN A 341 2.04 -3.09 20.54
CA GLN A 341 2.37 -4.41 21.09
C GLN A 341 3.75 -4.87 20.61
N TYR A 342 4.07 -4.61 19.34
CA TYR A 342 5.39 -4.94 18.81
C TYR A 342 6.50 -4.27 19.61
N VAL A 343 6.38 -2.95 19.79
CA VAL A 343 7.42 -2.20 20.51
C VAL A 343 7.50 -2.66 21.96
N TYR A 344 6.35 -2.87 22.60
CA TYR A 344 6.36 -3.24 24.01
C TYR A 344 6.92 -4.64 24.22
N ASN A 345 6.72 -5.54 23.25
CA ASN A 345 7.26 -6.89 23.39
C ASN A 345 8.75 -6.92 23.07
N VAL A 346 9.20 -6.11 22.11
CA VAL A 346 10.62 -6.06 21.81
C VAL A 346 11.38 -5.39 22.96
N ALA A 347 10.76 -4.41 23.61
CA ALA A 347 11.39 -3.75 24.75
C ALA A 347 11.63 -4.72 25.90
N LYS A 348 10.64 -5.57 26.18
CA LYS A 348 10.77 -6.53 27.28
C LYS A 348 11.92 -7.51 27.03
N ALA A 349 12.15 -7.86 25.77
CA ALA A 349 13.20 -8.82 25.45
C ALA A 349 14.59 -8.23 25.71
N CYS A 350 14.74 -6.91 25.52
CA CYS A 350 16.04 -6.28 25.71
C CYS A 350 16.40 -6.15 27.19
N ASP A 351 15.41 -6.15 28.08
CA ASP A 351 15.71 -6.06 29.51
C ASP A 351 16.16 -7.41 30.08
N GLU A 352 15.69 -8.50 29.48
CA GLU A 352 16.08 -9.83 29.95
C GLU A 352 17.56 -10.09 29.69
N GLY A 353 18.10 -9.52 28.62
CA GLY A 353 19.50 -9.69 28.30
C GLY A 353 19.73 -10.27 26.92
N HIS A 354 18.73 -10.17 26.04
CA HIS A 354 18.79 -10.69 24.68
C HIS A 354 18.32 -9.59 23.74
N CYS A 355 19.26 -8.76 23.28
CA CYS A 355 18.97 -7.68 22.37
C CYS A 355 19.64 -7.91 21.02
N THR A 356 18.98 -7.45 19.96
CA THR A 356 19.48 -7.58 18.60
C THR A 356 19.31 -6.24 17.88
N ALA A 357 20.20 -6.01 16.90
CA ALA A 357 20.15 -4.75 16.16
C ALA A 357 19.09 -4.79 15.07
N LYS A 358 18.72 -5.98 14.60
CA LYS A 358 17.71 -6.10 13.55
C LYS A 358 16.33 -5.67 14.06
N ASP A 359 15.94 -6.18 15.22
CA ASP A 359 14.60 -5.88 15.75
C ASP A 359 14.48 -4.41 16.12
N CYS A 360 15.55 -3.82 16.65
CA CYS A 360 15.50 -2.42 17.08
C CYS A 360 15.28 -1.48 15.90
N ALA A 361 15.86 -1.81 14.74
CA ALA A 361 15.62 -1.01 13.55
C ALA A 361 14.26 -1.32 12.94
N GLY A 362 13.87 -2.60 12.96
CA GLY A 362 12.58 -2.97 12.39
C GLY A 362 11.41 -2.32 13.10
N VAL A 363 11.45 -2.28 14.43
CA VAL A 363 10.33 -1.72 15.19
C VAL A 363 10.18 -0.23 14.90
N ILE A 364 11.28 0.51 14.87
CA ILE A 364 11.19 1.94 14.64
C ILE A 364 10.78 2.24 13.20
N LEU A 365 11.29 1.45 12.24
CA LEU A 365 10.86 1.64 10.85
C LEU A 365 9.37 1.39 10.69
N TYR A 366 8.87 0.27 11.23
CA TYR A 366 7.46 -0.05 11.12
C TYR A 366 6.60 0.98 11.82
N SER A 367 7.02 1.42 13.01
CA SER A 367 6.25 2.41 13.76
C SER A 367 6.20 3.73 13.02
N ALA A 368 7.32 4.18 12.45
CA ALA A 368 7.33 5.44 11.72
C ALA A 368 6.45 5.38 10.48
N GLU A 369 6.59 4.31 9.70
CA GLU A 369 5.77 4.17 8.50
C GLU A 369 4.28 4.11 8.84
N CYS A 370 3.91 3.33 9.86
CA CYS A 370 2.51 3.20 10.21
C CYS A 370 1.95 4.49 10.79
N ALA A 371 2.75 5.21 11.59
CA ALA A 371 2.30 6.49 12.11
C ALA A 371 2.08 7.50 11.00
N THR A 372 2.99 7.55 10.01
CA THR A 372 2.79 8.45 8.89
C THR A 372 1.53 8.10 8.11
N GLN A 373 1.34 6.80 7.80
CA GLN A 373 0.18 6.38 7.03
C GLN A 373 -1.12 6.59 7.81
N VAL A 374 -1.06 6.54 9.14
CA VAL A 374 -2.27 6.75 9.94
C VAL A 374 -2.58 8.24 10.05
N ALA A 375 -1.54 9.08 10.18
CA ALA A 375 -1.77 10.52 10.20
C ALA A 375 -2.30 11.02 8.86
N LEU A 376 -1.87 10.40 7.76
CA LEU A 376 -2.40 10.76 6.45
C LEU A 376 -3.91 10.62 6.41
N ASP A 377 -4.44 9.53 6.97
CA ASP A 377 -5.89 9.34 7.00
C ASP A 377 -6.54 10.20 8.08
N GLY A 378 -5.83 10.44 9.18
CA GLY A 378 -6.39 11.24 10.26
C GLY A 378 -6.63 12.69 9.85
N ILE A 379 -5.74 13.24 9.02
CA ILE A 379 -5.96 14.59 8.52
C ILE A 379 -7.16 14.61 7.58
N GLN A 380 -7.31 13.57 6.76
CA GLN A 380 -8.42 13.52 5.80
C GLN A 380 -9.75 13.35 6.50
N CYS A 381 -9.76 12.70 7.67
CA CYS A 381 -11.02 12.49 8.40
C CYS A 381 -11.63 13.79 8.89
N PHE A 382 -10.82 14.82 9.12
CA PHE A 382 -11.33 16.11 9.55
C PHE A 382 -11.87 16.93 8.39
N GLY A 383 -11.61 16.53 7.15
CA GLY A 383 -12.07 17.30 6.01
C GLY A 383 -11.29 18.59 5.87
N GLY A 384 -12.02 19.69 5.69
CA GLY A 384 -11.37 20.99 5.55
C GLY A 384 -10.76 21.49 6.84
N ASN A 385 -11.31 21.05 7.98
CA ASN A 385 -10.80 21.51 9.27
C ASN A 385 -9.41 20.98 9.57
N GLY A 386 -9.02 19.84 8.99
CA GLY A 386 -7.71 19.27 9.25
C GLY A 386 -6.59 19.94 8.49
N TYR A 387 -6.90 20.85 7.57
CA TYR A 387 -5.90 21.50 6.73
C TYR A 387 -5.47 22.85 7.29
N ILE A 388 -5.96 23.24 8.47
CA ILE A 388 -5.61 24.51 9.08
C ILE A 388 -4.78 24.25 10.33
N ASN A 389 -4.01 25.26 10.73
CA ASN A 389 -3.14 25.13 11.90
C ASN A 389 -3.91 25.17 13.21
N ASP A 390 -5.21 25.45 13.19
CA ASP A 390 -6.00 25.46 14.41
C ASP A 390 -6.15 24.06 15.00
N PHE A 391 -5.92 23.02 14.21
CA PHE A 391 -5.98 21.65 14.68
C PHE A 391 -4.60 21.01 14.62
N PRO A 392 -4.24 20.19 15.61
CA PRO A 392 -2.88 19.62 15.65
C PRO A 392 -2.65 18.46 14.69
N MET A 393 -3.58 18.19 13.77
CA MET A 393 -3.41 17.08 12.85
C MET A 393 -2.22 17.31 11.91
N GLY A 394 -2.11 18.54 11.40
CA GLY A 394 -0.97 18.87 10.55
C GLY A 394 0.35 18.76 11.29
N ARG A 395 0.37 19.19 12.56
CA ARG A 395 1.56 19.04 13.38
C ARG A 395 1.90 17.56 13.60
N PHE A 396 0.87 16.75 13.83
CA PHE A 396 1.08 15.31 14.02
C PHE A 396 1.65 14.68 12.77
N LEU A 397 1.21 15.13 11.60
CA LEU A 397 1.73 14.59 10.35
C LEU A 397 3.17 15.05 10.11
N ARG A 398 3.46 16.34 10.35
CA ARG A 398 4.79 16.86 10.12
C ARG A 398 5.80 16.24 11.10
N ASP A 399 5.35 15.89 12.31
CA ASP A 399 6.24 15.27 13.27
C ASP A 399 6.44 13.78 13.00
N ALA A 400 5.52 13.15 12.26
CA ALA A 400 5.63 11.72 11.99
C ALA A 400 6.71 11.42 10.95
N LYS A 401 6.97 12.37 10.05
CA LYS A 401 7.94 12.14 8.99
C LYS A 401 9.38 12.14 9.51
N LEU A 402 9.60 12.68 10.71
CA LEU A 402 10.97 12.75 11.24
C LEU A 402 11.54 11.36 11.51
N TYR A 403 10.75 10.48 12.13
CA TYR A 403 11.26 9.16 12.50
C TYR A 403 11.57 8.28 11.29
N GLU A 404 11.18 8.69 10.09
CA GLU A 404 11.59 7.99 8.88
C GLU A 404 12.92 8.50 8.34
N ILE A 405 13.36 9.68 8.76
CA ILE A 405 14.62 10.26 8.32
C ILE A 405 15.44 10.72 9.51
N GLY A 406 15.02 10.30 10.70
CA GLY A 406 15.74 10.64 11.92
C GLY A 406 16.08 9.40 12.70
N ALA A 407 17.14 9.49 13.50
CA ALA A 407 17.69 8.36 14.24
C ALA A 407 17.96 7.18 13.29
N GLY A 408 18.70 7.47 12.23
CA GLY A 408 18.92 6.51 11.17
C GLY A 408 18.13 6.86 9.92
N THR A 409 17.94 5.87 9.04
CA THR A 409 17.22 6.08 7.79
C THR A 409 16.37 4.85 7.51
N SER A 410 15.20 5.08 6.90
CA SER A 410 14.30 3.97 6.57
C SER A 410 14.97 2.98 5.64
N GLU A 411 15.89 3.45 4.79
CA GLU A 411 16.57 2.56 3.86
C GLU A 411 17.67 1.76 4.57
N VAL A 412 18.44 2.43 5.44
CA VAL A 412 19.57 1.75 6.08
C VAL A 412 19.07 0.75 7.11
N ARG A 413 17.86 0.93 7.64
CA ARG A 413 17.32 -0.04 8.58
C ARG A 413 17.05 -1.37 7.89
N ARG A 414 16.45 -1.34 6.70
CA ARG A 414 16.25 -2.57 5.95
C ARG A 414 17.57 -3.22 5.59
N LEU A 415 18.60 -2.41 5.31
CA LEU A 415 19.92 -2.96 5.01
C LEU A 415 20.51 -3.67 6.23
N VAL A 416 20.38 -3.05 7.41
CA VAL A 416 20.88 -3.69 8.63
C VAL A 416 20.12 -4.98 8.92
N ILE A 417 18.81 -4.97 8.67
CA ILE A 417 18.01 -6.18 8.87
C ILE A 417 18.46 -7.28 7.91
N GLY A 418 18.67 -6.93 6.64
CA GLY A 418 19.08 -7.92 5.67
C GLY A 418 20.47 -8.49 5.93
N ARG A 419 21.39 -7.63 6.38
CA ARG A 419 22.74 -8.10 6.67
C ARG A 419 22.77 -9.07 7.84
N ALA A 420 21.74 -9.09 8.68
CA ALA A 420 21.68 -10.05 9.76
C ALA A 420 21.43 -11.46 9.23
N PHE A 421 20.59 -11.58 8.21
CA PHE A 421 20.33 -12.89 7.61
C PHE A 421 21.49 -13.35 6.74
N ASN A 422 22.22 -12.40 6.12
CA ASN A 422 23.35 -12.78 5.29
C ASN A 422 24.51 -13.32 6.12
N ALA A 423 24.60 -12.94 7.39
CA ALA A 423 25.65 -13.41 8.27
C ALA A 423 25.35 -14.78 8.88
N ASP A 424 24.15 -15.32 8.67
CA ASP A 424 23.78 -16.61 9.21
C ASP A 424 23.70 -17.66 8.11
N VAL B 38 12.24 17.46 -17.71
CA VAL B 38 11.89 17.44 -19.13
C VAL B 38 10.56 16.70 -19.33
N ASP B 39 10.18 16.50 -20.59
CA ASP B 39 8.95 15.81 -20.92
C ASP B 39 9.15 15.02 -22.20
N ASP B 40 8.26 14.07 -22.44
CA ASP B 40 8.32 13.20 -23.59
C ASP B 40 7.06 13.34 -24.43
N ALA B 41 7.15 12.90 -25.69
CA ALA B 41 6.02 12.95 -26.60
C ALA B 41 5.02 11.83 -26.38
N ILE B 42 5.20 11.02 -25.32
CA ILE B 42 4.29 9.92 -25.05
C ILE B 42 2.87 10.42 -24.77
N ASN B 43 2.75 11.62 -24.21
CA ASN B 43 1.45 12.17 -23.87
C ASN B 43 0.59 12.47 -25.08
N GLY B 44 1.14 12.37 -26.29
CA GLY B 44 0.36 12.65 -27.49
C GLY B 44 0.03 14.10 -27.70
N LEU B 45 0.82 15.02 -27.13
CA LEU B 45 0.57 16.44 -27.31
C LEU B 45 0.92 16.88 -28.72
N SER B 46 -0.08 17.37 -29.45
CA SER B 46 0.13 17.82 -30.82
C SER B 46 0.74 19.22 -30.84
N GLU B 47 0.75 19.82 -32.02
CA GLU B 47 1.30 21.16 -32.20
C GLU B 47 0.47 22.18 -31.44
N GLU B 48 1.09 23.33 -31.11
CA GLU B 48 0.44 24.41 -30.37
C GLU B 48 0.11 24.01 -28.94
N GLN B 49 0.51 22.80 -28.55
CA GLN B 49 0.32 22.36 -27.17
C GLN B 49 1.67 22.13 -26.49
N ARG B 50 2.64 21.58 -27.23
CA ARG B 50 3.97 21.37 -26.67
C ARG B 50 4.73 22.68 -26.52
N GLN B 51 4.55 23.61 -27.45
CA GLN B 51 5.21 24.91 -27.34
C GLN B 51 4.68 25.70 -26.16
N LEU B 52 3.37 25.60 -25.90
CA LEU B 52 2.78 26.28 -24.75
C LEU B 52 3.35 25.75 -23.44
N ARG B 53 3.66 24.46 -23.39
CA ARG B 53 4.25 23.88 -22.19
C ARG B 53 5.61 24.52 -21.88
N GLN B 54 6.48 24.59 -22.89
CA GLN B 54 7.78 25.20 -22.68
C GLN B 54 7.67 26.69 -22.39
N THR B 55 6.72 27.37 -23.03
CA THR B 55 6.51 28.79 -22.76
C THR B 55 6.10 29.03 -21.31
N MET B 56 5.14 28.24 -20.83
CA MET B 56 4.71 28.35 -19.43
C MET B 56 5.85 28.00 -18.49
N ALA B 57 6.63 26.96 -18.83
CA ALA B 57 7.76 26.58 -17.99
C ALA B 57 8.76 27.73 -17.85
N LYS B 58 9.13 28.34 -18.98
CA LYS B 58 10.08 29.45 -18.94
C LYS B 58 9.51 30.63 -18.17
N PHE B 59 8.24 30.97 -18.42
CA PHE B 59 7.61 32.10 -17.74
C PHE B 59 7.58 31.90 -16.24
N LEU B 60 7.21 30.71 -15.79
CA LEU B 60 7.10 30.44 -14.36
C LEU B 60 8.47 30.26 -13.71
N GLN B 61 9.47 29.82 -14.46
CA GLN B 61 10.82 29.74 -13.91
C GLN B 61 11.50 31.09 -13.84
N GLU B 62 11.10 32.05 -14.68
CA GLU B 62 11.68 33.38 -14.60
C GLU B 62 10.88 34.32 -13.70
N HIS B 63 9.62 33.98 -13.42
CA HIS B 63 8.77 34.83 -12.58
C HIS B 63 8.30 34.14 -11.30
N LEU B 64 7.70 32.96 -11.39
CA LEU B 64 7.02 32.34 -10.26
C LEU B 64 7.92 31.41 -9.45
N ALA B 65 8.86 30.73 -10.09
CA ALA B 65 9.68 29.75 -9.38
C ALA B 65 10.50 30.35 -8.23
N PRO B 66 11.22 31.45 -8.38
CA PRO B 66 11.99 31.98 -7.25
C PRO B 66 11.15 32.68 -6.18
N LYS B 67 9.82 32.62 -6.28
CA LYS B 67 8.96 33.29 -5.31
C LYS B 67 8.05 32.34 -4.53
N ALA B 68 8.03 31.05 -4.88
CA ALA B 68 7.15 30.11 -4.19
C ALA B 68 7.51 29.97 -2.73
N GLN B 69 8.81 30.01 -2.41
CA GLN B 69 9.27 29.89 -1.04
C GLN B 69 8.75 31.05 -0.19
N GLU B 70 8.88 32.27 -0.70
CA GLU B 70 8.41 33.44 0.04
C GLU B 70 6.89 33.44 0.16
N ILE B 71 6.20 32.96 -0.88
CA ILE B 71 4.74 32.87 -0.83
C ILE B 71 4.31 31.90 0.27
N ASP B 72 4.98 30.74 0.35
CA ASP B 72 4.65 29.77 1.38
C ASP B 72 5.03 30.28 2.77
N ARG B 73 6.11 31.07 2.85
CA ARG B 73 6.56 31.56 4.16
C ARG B 73 5.60 32.62 4.70
N SER B 74 5.35 33.67 3.91
CA SER B 74 4.55 34.81 4.36
C SER B 74 3.05 34.56 4.24
N ASN B 75 2.63 33.42 3.68
CA ASN B 75 1.22 33.06 3.52
C ASN B 75 0.46 34.09 2.69
N GLU B 76 1.16 34.90 1.90
CA GLU B 76 0.53 35.91 1.08
C GLU B 76 1.25 36.01 -0.25
N PHE B 77 0.60 36.65 -1.22
CA PHE B 77 1.15 36.86 -2.56
C PHE B 77 0.99 38.35 -2.87
N LYS B 78 2.05 39.12 -2.61
CA LYS B 78 1.99 40.56 -2.87
C LYS B 78 1.86 40.85 -4.36
N ASN B 79 2.55 40.08 -5.20
CA ASN B 79 2.48 40.23 -6.64
C ASN B 79 1.36 39.37 -7.24
N LEU B 80 0.14 39.55 -6.73
CA LEU B 80 -1.00 38.77 -7.20
C LEU B 80 -1.66 39.44 -8.40
N ARG B 81 -1.93 40.74 -8.29
CA ARG B 81 -2.60 41.47 -9.37
C ARG B 81 -1.71 41.54 -10.61
N GLU B 82 -0.41 41.78 -10.43
CA GLU B 82 0.50 41.83 -11.56
C GLU B 82 0.61 40.47 -12.23
N PHE B 83 0.67 39.40 -11.43
CA PHE B 83 0.73 38.06 -12.00
C PHE B 83 -0.53 37.74 -12.78
N TRP B 84 -1.70 38.15 -12.26
CA TRP B 84 -2.94 37.90 -12.97
C TRP B 84 -3.00 38.70 -14.27
N LYS B 85 -2.52 39.95 -14.25
CA LYS B 85 -2.46 40.74 -15.46
C LYS B 85 -1.55 40.08 -16.50
N GLN B 86 -0.40 39.58 -16.06
CA GLN B 86 0.52 38.92 -16.98
C GLN B 86 -0.09 37.65 -17.57
N LEU B 87 -0.79 36.88 -16.72
CA LEU B 87 -1.45 35.67 -17.22
C LEU B 87 -2.57 36.00 -18.20
N GLY B 88 -3.30 37.10 -17.96
CA GLY B 88 -4.32 37.49 -18.90
C GLY B 88 -3.75 37.98 -20.21
N ASN B 89 -2.61 38.67 -20.15
CA ASN B 89 -1.95 39.11 -21.39
C ASN B 89 -1.39 37.93 -22.16
N LEU B 90 -0.87 36.91 -21.46
CA LEU B 90 -0.34 35.74 -22.14
C LEU B 90 -1.42 34.85 -22.72
N GLY B 91 -2.68 35.03 -22.35
CA GLY B 91 -3.77 34.28 -22.94
C GLY B 91 -4.04 32.94 -22.30
N VAL B 92 -3.59 32.71 -21.06
CA VAL B 92 -3.90 31.47 -20.38
C VAL B 92 -5.19 31.58 -19.58
N LEU B 93 -5.50 32.77 -19.07
CA LEU B 93 -6.79 33.00 -18.42
C LEU B 93 -7.90 32.97 -19.45
N GLY B 94 -9.00 32.29 -19.11
CA GLY B 94 -10.07 32.11 -20.07
C GLY B 94 -9.73 31.19 -21.21
N ILE B 95 -8.89 30.18 -20.96
CA ILE B 95 -8.47 29.26 -22.02
C ILE B 95 -9.65 28.46 -22.56
N THR B 96 -10.57 28.08 -21.68
CA THR B 96 -11.74 27.32 -22.09
C THR B 96 -12.85 28.21 -22.66
N ALA B 97 -12.84 29.50 -22.36
CA ALA B 97 -13.86 30.39 -22.85
C ALA B 97 -13.78 30.52 -24.37
N PRO B 98 -14.92 30.67 -25.05
CA PRO B 98 -14.90 30.81 -26.50
C PRO B 98 -14.27 32.14 -26.92
N VAL B 99 -14.03 32.25 -28.22
CA VAL B 99 -13.38 33.44 -28.77
C VAL B 99 -14.41 34.50 -29.10
N GLN B 100 -14.84 35.25 -28.08
CA GLN B 100 -15.73 36.37 -28.28
C GLN B 100 -15.22 37.61 -27.56
N TYR B 101 -14.62 37.42 -26.39
CA TYR B 101 -14.14 38.51 -25.55
C TYR B 101 -12.63 38.45 -25.31
N GLY B 102 -11.88 37.77 -26.17
CA GLY B 102 -10.45 37.64 -26.01
C GLY B 102 -9.97 36.31 -25.47
N GLY B 103 -10.85 35.33 -25.34
CA GLY B 103 -10.44 34.02 -24.87
C GLY B 103 -9.64 33.28 -25.93
N SER B 104 -9.05 32.16 -25.53
CA SER B 104 -8.27 31.35 -26.47
C SER B 104 -9.13 30.37 -27.24
N GLY B 105 -10.19 29.84 -26.64
CA GLY B 105 -11.07 28.92 -27.34
C GLY B 105 -10.51 27.55 -27.58
N LEU B 106 -9.54 27.11 -26.79
CA LEU B 106 -8.95 25.79 -26.95
C LEU B 106 -9.70 24.78 -26.07
N GLY B 107 -9.17 23.55 -26.03
CA GLY B 107 -9.78 22.48 -25.27
C GLY B 107 -9.33 22.46 -23.81
N TYR B 108 -9.85 21.47 -23.08
CA TYR B 108 -9.51 21.33 -21.67
C TYR B 108 -8.09 20.82 -21.47
N LEU B 109 -7.54 20.11 -22.46
CA LEU B 109 -6.19 19.57 -22.34
C LEU B 109 -5.16 20.67 -22.14
N GLU B 110 -5.30 21.76 -22.89
CA GLU B 110 -4.40 22.90 -22.71
C GLU B 110 -4.55 23.49 -21.31
N HIS B 111 -5.79 23.61 -20.83
CA HIS B 111 -6.00 24.10 -19.46
C HIS B 111 -5.40 23.13 -18.45
N VAL B 112 -5.51 21.82 -18.70
CA VAL B 112 -4.95 20.83 -17.80
C VAL B 112 -3.44 20.98 -17.72
N LEU B 113 -2.78 21.10 -18.87
CA LEU B 113 -1.32 21.21 -18.85
C LEU B 113 -0.86 22.54 -18.26
N VAL B 114 -1.62 23.62 -18.48
CA VAL B 114 -1.25 24.90 -17.87
C VAL B 114 -1.39 24.83 -16.36
N MET B 115 -2.48 24.23 -15.87
CA MET B 115 -2.64 24.03 -14.43
C MET B 115 -1.52 23.15 -13.87
N GLU B 116 -1.13 22.12 -14.62
CA GLU B 116 -0.04 21.25 -14.17
C GLU B 116 1.26 22.03 -14.05
N GLU B 117 1.58 22.85 -15.05
CA GLU B 117 2.81 23.63 -15.00
C GLU B 117 2.77 24.65 -13.86
N ILE B 118 1.61 25.25 -13.63
CA ILE B 118 1.49 26.25 -12.55
C ILE B 118 1.66 25.58 -11.19
N SER B 119 1.07 24.40 -11.01
CA SER B 119 1.24 23.69 -9.75
C SER B 119 2.67 23.19 -9.59
N ARG B 120 3.33 22.87 -10.70
CA ARG B 120 4.74 22.47 -10.65
C ARG B 120 5.63 23.64 -10.24
N ALA B 121 5.29 24.85 -10.68
CA ALA B 121 6.06 26.03 -10.28
C ALA B 121 5.75 26.42 -8.83
N SER B 122 4.47 26.53 -8.49
CA SER B 122 4.06 26.89 -7.14
C SER B 122 2.70 26.26 -6.88
N GLY B 123 2.63 25.37 -5.89
CA GLY B 123 1.37 24.68 -5.61
C GLY B 123 0.31 25.62 -5.07
N ALA B 124 0.72 26.62 -4.28
CA ALA B 124 -0.24 27.55 -3.70
C ALA B 124 -0.95 28.36 -4.77
N VAL B 125 -0.21 28.83 -5.78
CA VAL B 125 -0.81 29.59 -6.87
C VAL B 125 -1.64 28.68 -7.77
N GLY B 126 -1.38 27.38 -7.77
CA GLY B 126 -2.14 26.47 -8.61
C GLY B 126 -3.61 26.40 -8.22
N LEU B 127 -3.89 26.32 -6.91
CA LEU B 127 -5.27 26.29 -6.45
C LEU B 127 -6.00 27.58 -6.82
N SER B 128 -5.33 28.73 -6.67
CA SER B 128 -5.93 30.00 -7.03
C SER B 128 -6.21 30.07 -8.53
N TYR B 129 -5.26 29.61 -9.36
CA TYR B 129 -5.48 29.63 -10.80
C TYR B 129 -6.63 28.70 -11.18
N GLY B 130 -6.74 27.55 -10.51
CA GLY B 130 -7.85 26.64 -10.79
C GLY B 130 -9.18 27.23 -10.40
N ALA B 131 -9.24 27.91 -9.25
CA ALA B 131 -10.48 28.52 -8.81
C ALA B 131 -10.85 29.70 -9.70
N HIS B 132 -9.86 30.40 -10.25
CA HIS B 132 -10.14 31.56 -11.08
C HIS B 132 -10.57 31.15 -12.48
N SER B 133 -9.82 30.26 -13.12
CA SER B 133 -10.01 30.01 -14.54
C SER B 133 -11.13 29.02 -14.82
N ASN B 134 -11.41 28.11 -13.89
CA ASN B 134 -12.36 27.05 -14.19
C ASN B 134 -13.57 27.05 -13.24
N LEU B 135 -13.36 27.44 -11.99
CA LEU B 135 -14.47 27.42 -11.05
C LEU B 135 -15.45 28.56 -11.33
N CYS B 136 -14.97 29.68 -11.85
CA CYS B 136 -15.84 30.84 -12.10
C CYS B 136 -16.12 31.02 -13.59
N ILE B 137 -15.07 31.01 -14.41
CA ILE B 137 -15.21 31.34 -15.83
C ILE B 137 -16.05 30.30 -16.55
N ASN B 138 -15.88 29.03 -16.19
CA ASN B 138 -16.60 27.96 -16.89
C ASN B 138 -18.09 28.05 -16.65
N GLN B 139 -18.52 28.33 -15.42
CA GLN B 139 -19.95 28.48 -15.14
C GLN B 139 -20.52 29.68 -15.88
N LEU B 140 -19.70 30.70 -16.13
CA LEU B 140 -20.17 31.87 -16.85
C LEU B 140 -20.29 31.59 -18.35
N VAL B 141 -19.36 30.82 -18.90
CA VAL B 141 -19.40 30.56 -20.34
C VAL B 141 -20.41 29.47 -20.69
N ARG B 142 -20.72 28.59 -19.73
CA ARG B 142 -21.66 27.51 -20.03
C ARG B 142 -23.10 27.92 -19.80
N ASN B 143 -23.42 28.36 -18.59
CA ASN B 143 -24.80 28.67 -18.21
C ASN B 143 -25.10 30.16 -18.20
N GLY B 144 -24.09 31.02 -18.33
CA GLY B 144 -24.34 32.45 -18.35
C GLY B 144 -24.94 32.90 -19.67
N ASN B 145 -25.90 33.81 -19.59
CA ASN B 145 -26.55 34.33 -20.78
C ASN B 145 -25.62 35.33 -21.49
N GLU B 146 -26.14 35.90 -22.59
CA GLU B 146 -25.34 36.79 -23.42
C GLU B 146 -24.92 38.04 -22.66
N ALA B 147 -25.89 38.75 -22.07
CA ALA B 147 -25.58 40.00 -21.40
C ALA B 147 -24.77 39.75 -20.12
N GLN B 148 -24.90 38.57 -19.54
CA GLN B 148 -24.18 38.27 -18.30
C GLN B 148 -22.70 38.08 -18.54
N LYS B 149 -22.33 37.17 -19.44
CA LYS B 149 -20.92 36.90 -19.69
C LYS B 149 -20.22 38.08 -20.37
N GLU B 150 -20.98 38.90 -21.09
CA GLU B 150 -20.38 40.06 -21.75
C GLU B 150 -19.96 41.14 -20.77
N LYS B 151 -20.49 41.12 -19.54
CA LYS B 151 -20.18 42.17 -18.58
C LYS B 151 -18.98 41.81 -17.72
N TYR B 152 -18.84 40.54 -17.34
CA TYR B 152 -17.81 40.15 -16.39
C TYR B 152 -16.55 39.61 -17.06
N LEU B 153 -16.71 38.78 -18.10
CA LEU B 153 -15.55 38.14 -18.72
C LEU B 153 -14.54 39.13 -19.29
N PRO B 154 -14.92 40.23 -19.95
CA PRO B 154 -13.89 41.19 -20.38
C PRO B 154 -13.03 41.72 -19.25
N LYS B 155 -13.61 41.91 -18.07
CA LYS B 155 -12.87 42.32 -16.89
C LYS B 155 -12.38 41.17 -16.04
N LEU B 156 -12.64 39.92 -16.46
CA LEU B 156 -12.21 38.74 -15.73
C LEU B 156 -11.13 37.96 -16.46
N ILE B 157 -11.14 37.94 -17.79
CA ILE B 157 -10.11 37.22 -18.54
C ILE B 157 -8.80 37.99 -18.55
N SER B 158 -8.87 39.32 -18.64
CA SER B 158 -7.65 40.13 -18.69
C SER B 158 -6.91 40.16 -17.37
N GLY B 159 -7.49 39.61 -16.31
CA GLY B 159 -6.81 39.58 -15.02
C GLY B 159 -7.17 40.70 -14.08
N GLU B 160 -8.24 41.45 -14.36
CA GLU B 160 -8.65 42.52 -13.46
C GLU B 160 -9.45 41.98 -12.29
N TYR B 161 -10.55 41.29 -12.57
CA TYR B 161 -11.35 40.67 -11.52
C TYR B 161 -10.82 39.29 -11.18
N ILE B 162 -11.10 38.85 -9.96
CA ILE B 162 -10.71 37.53 -9.48
C ILE B 162 -11.96 36.68 -9.35
N GLY B 163 -11.90 35.45 -9.86
CA GLY B 163 -13.05 34.59 -9.87
C GLY B 163 -13.08 33.57 -8.74
N ALA B 164 -13.96 33.79 -7.76
CA ALA B 164 -14.12 32.85 -6.66
C ALA B 164 -15.43 32.08 -6.80
N LEU B 165 -15.52 30.99 -6.05
CA LEU B 165 -16.70 30.14 -6.05
C LEU B 165 -17.10 29.82 -4.61
N ALA B 166 -18.41 29.73 -4.36
CA ALA B 166 -18.96 29.49 -3.03
C ALA B 166 -19.82 28.24 -3.07
N MET B 167 -19.33 27.16 -2.53
CA MET B 167 -20.24 26.08 -2.43
C MET B 167 -20.24 25.66 -1.03
N SER B 168 -19.11 25.20 -0.51
CA SER B 168 -19.22 24.64 0.83
C SER B 168 -19.66 25.69 1.84
N GLU B 169 -19.97 25.22 3.05
CA GLU B 169 -20.40 26.05 4.16
C GLU B 169 -19.73 25.57 5.43
N PRO B 170 -19.74 26.37 6.51
CA PRO B 170 -19.11 25.90 7.76
C PRO B 170 -19.72 24.62 8.31
N ASN B 171 -21.01 24.37 8.05
CA ASN B 171 -21.68 23.17 8.53
C ASN B 171 -21.99 22.20 7.40
N ALA B 172 -21.47 22.43 6.21
CA ALA B 172 -21.71 21.54 5.07
C ALA B 172 -20.46 21.54 4.20
N GLY B 173 -19.58 20.58 4.44
CA GLY B 173 -18.37 20.43 3.65
C GLY B 173 -18.58 19.58 2.43
N SER B 174 -19.10 18.36 2.62
CA SER B 174 -19.35 17.47 1.49
C SER B 174 -20.80 17.57 1.03
N ASP B 175 -21.73 17.68 1.97
CA ASP B 175 -23.16 17.78 1.65
C ASP B 175 -23.49 19.19 1.16
N VAL B 176 -23.09 19.47 -0.09
CA VAL B 176 -23.22 20.81 -0.64
C VAL B 176 -24.68 21.20 -0.86
N VAL B 177 -25.56 20.22 -1.08
CA VAL B 177 -26.97 20.52 -1.30
C VAL B 177 -27.71 20.90 -0.02
N SER B 178 -27.09 20.74 1.14
CA SER B 178 -27.69 21.09 2.41
C SER B 178 -27.34 22.50 2.87
N MET B 179 -27.03 23.41 1.95
CA MET B 179 -26.68 24.77 2.32
C MET B 179 -27.88 25.49 2.95
N LYS B 180 -27.58 26.44 3.84
CA LYS B 180 -28.60 27.18 4.54
C LYS B 180 -28.70 28.64 4.11
N LEU B 181 -28.00 29.04 3.05
CA LEU B 181 -28.07 30.41 2.57
C LEU B 181 -29.43 30.70 1.96
N LYS B 182 -30.25 31.46 2.68
CA LYS B 182 -31.58 31.80 2.19
C LYS B 182 -31.52 33.01 1.27
N ALA B 183 -32.46 33.04 0.31
CA ALA B 183 -32.54 34.15 -0.64
C ALA B 183 -34.02 34.43 -0.90
N GLU B 184 -34.57 35.38 -0.14
CA GLU B 184 -35.95 35.78 -0.32
C GLU B 184 -36.09 36.71 -1.51
N LYS B 185 -37.25 36.64 -2.17
CA LYS B 185 -37.53 37.42 -3.36
C LYS B 185 -38.44 38.59 -3.00
N LYS B 186 -38.02 39.80 -3.35
CA LYS B 186 -38.81 41.02 -3.13
C LYS B 186 -38.78 41.82 -4.44
N GLY B 187 -39.74 41.55 -5.30
CA GLY B 187 -39.76 42.22 -6.60
C GLY B 187 -38.62 41.71 -7.47
N ASN B 188 -37.81 42.64 -7.97
CA ASN B 188 -36.65 42.32 -8.79
C ASN B 188 -35.36 42.26 -7.99
N HIS B 189 -35.44 42.06 -6.67
CA HIS B 189 -34.27 42.02 -5.82
C HIS B 189 -34.30 40.77 -4.94
N TYR B 190 -33.12 40.21 -4.71
CA TYR B 190 -32.94 39.05 -3.85
C TYR B 190 -32.11 39.44 -2.63
N ILE B 191 -32.62 39.10 -1.44
CA ILE B 191 -31.96 39.44 -0.19
C ILE B 191 -31.37 38.16 0.39
N LEU B 192 -30.05 38.08 0.42
CA LEU B 192 -29.33 36.92 0.92
C LEU B 192 -28.86 37.18 2.35
N ASN B 193 -29.05 36.19 3.22
CA ASN B 193 -28.64 36.28 4.62
C ASN B 193 -28.06 34.93 5.04
N GLY B 194 -26.73 34.83 5.04
CA GLY B 194 -26.07 33.60 5.44
C GLY B 194 -24.56 33.73 5.53
N ASN B 195 -23.86 32.60 5.53
CA ASN B 195 -22.42 32.59 5.64
C ASN B 195 -21.85 31.45 4.80
N LYS B 196 -20.64 31.66 4.31
CA LYS B 196 -19.91 30.67 3.53
C LYS B 196 -18.55 30.41 4.18
N PHE B 197 -17.85 29.40 3.68
CA PHE B 197 -16.54 29.04 4.20
C PHE B 197 -15.74 28.35 3.12
N TRP B 198 -14.43 28.28 3.34
CA TRP B 198 -13.48 27.67 2.40
C TRP B 198 -13.52 28.32 1.03
N ILE B 199 -13.72 29.64 0.98
CA ILE B 199 -13.84 30.37 -0.28
C ILE B 199 -12.44 30.74 -0.73
N THR B 200 -11.95 30.08 -1.77
CA THR B 200 -10.63 30.42 -2.32
C THR B 200 -10.67 31.80 -2.95
N ASN B 201 -9.63 32.59 -2.67
CA ASN B 201 -9.51 33.97 -3.15
C ASN B 201 -10.68 34.84 -2.71
N GLY B 202 -11.09 34.71 -1.45
CA GLY B 202 -12.22 35.42 -0.92
C GLY B 202 -12.09 36.94 -0.97
N PRO B 203 -11.16 37.51 -0.19
CA PRO B 203 -11.08 38.96 -0.09
C PRO B 203 -10.59 39.65 -1.35
N ASP B 204 -10.03 38.91 -2.31
CA ASP B 204 -9.52 39.50 -3.54
C ASP B 204 -10.50 39.41 -4.70
N ALA B 205 -11.52 38.55 -4.58
CA ALA B 205 -12.46 38.39 -5.68
C ALA B 205 -13.41 39.58 -5.77
N ASP B 206 -13.55 40.12 -6.97
CA ASP B 206 -14.52 41.17 -7.24
C ASP B 206 -15.86 40.64 -7.71
N VAL B 207 -15.87 39.45 -8.31
CA VAL B 207 -17.10 38.76 -8.71
C VAL B 207 -17.06 37.36 -8.13
N LEU B 208 -18.14 36.95 -7.47
CA LEU B 208 -18.21 35.66 -6.79
C LEU B 208 -19.50 34.96 -7.17
N ILE B 209 -19.39 33.72 -7.65
CA ILE B 209 -20.55 32.88 -7.96
C ILE B 209 -20.95 32.17 -6.67
N VAL B 210 -22.01 32.64 -6.03
CA VAL B 210 -22.47 32.11 -4.74
C VAL B 210 -23.82 31.47 -4.95
N TYR B 211 -23.94 30.20 -4.55
CA TYR B 211 -25.18 29.46 -4.64
C TYR B 211 -26.04 29.75 -3.42
N ALA B 212 -27.30 30.11 -3.65
CA ALA B 212 -28.24 30.42 -2.58
C ALA B 212 -29.51 29.60 -2.75
N LYS B 213 -30.07 29.16 -1.63
CA LYS B 213 -31.29 28.37 -1.62
C LYS B 213 -32.48 29.33 -1.55
N THR B 214 -33.10 29.58 -2.70
CA THR B 214 -34.22 30.50 -2.76
C THR B 214 -35.52 29.90 -2.25
N ASP B 215 -35.59 28.56 -2.15
CA ASP B 215 -36.81 27.89 -1.70
C ASP B 215 -36.40 26.79 -0.73
N LEU B 216 -36.68 26.99 0.56
CA LEU B 216 -36.35 26.03 1.59
C LEU B 216 -37.50 25.09 1.92
N ALA B 217 -38.55 25.05 1.09
CA ALA B 217 -39.72 24.22 1.35
C ALA B 217 -40.00 23.24 0.21
N ALA B 218 -39.05 23.05 -0.69
CA ALA B 218 -39.24 22.09 -1.78
C ALA B 218 -39.08 20.67 -1.26
N VAL B 219 -39.77 19.73 -1.90
CA VAL B 219 -39.68 18.32 -1.53
C VAL B 219 -38.29 17.79 -1.85
N PRO B 220 -37.71 18.06 -3.03
CA PRO B 220 -36.29 17.73 -3.22
C PRO B 220 -35.41 18.87 -2.73
N ALA B 221 -34.38 18.52 -1.96
CA ALA B 221 -33.49 19.54 -1.41
C ALA B 221 -32.67 20.21 -2.50
N SER B 222 -32.42 19.51 -3.61
CA SER B 222 -31.57 20.06 -4.66
C SER B 222 -32.30 21.12 -5.48
N ARG B 223 -33.63 21.03 -5.57
CA ARG B 223 -34.40 21.95 -6.41
C ARG B 223 -34.54 23.34 -5.80
N GLY B 224 -33.99 23.59 -4.61
CA GLY B 224 -34.17 24.86 -3.95
C GLY B 224 -33.00 25.83 -4.12
N ILE B 225 -31.83 25.32 -4.49
CA ILE B 225 -30.63 26.13 -4.59
C ILE B 225 -30.63 26.86 -5.93
N THR B 226 -30.02 28.05 -5.94
CA THR B 226 -29.93 28.88 -7.13
C THR B 226 -28.62 29.66 -7.08
N ALA B 227 -27.96 29.77 -8.23
CA ALA B 227 -26.68 30.44 -8.35
C ALA B 227 -26.87 31.92 -8.62
N PHE B 228 -26.13 32.76 -7.90
CA PHE B 228 -26.18 34.20 -8.07
C PHE B 228 -24.78 34.76 -8.22
N ILE B 229 -24.67 35.88 -8.95
CA ILE B 229 -23.40 36.53 -9.21
C ILE B 229 -23.26 37.66 -8.21
N VAL B 230 -22.47 37.43 -7.16
CA VAL B 230 -22.22 38.45 -6.15
C VAL B 230 -21.01 39.27 -6.55
N GLU B 231 -21.13 40.60 -6.43
CA GLU B 231 -20.08 41.53 -6.82
C GLU B 231 -19.57 42.27 -5.59
N LYS B 232 -18.29 42.61 -5.61
CA LYS B 232 -17.71 43.37 -4.51
C LYS B 232 -18.24 44.80 -4.53
N GLY B 233 -18.53 45.34 -3.34
CA GLY B 233 -19.04 46.68 -3.21
C GLY B 233 -20.53 46.78 -2.98
N MET B 234 -21.26 45.68 -3.02
CA MET B 234 -22.69 45.71 -2.74
C MET B 234 -22.93 45.86 -1.24
N PRO B 235 -23.95 46.59 -0.82
CA PRO B 235 -24.21 46.75 0.62
C PRO B 235 -24.58 45.41 1.26
N GLY B 236 -24.00 45.16 2.42
CA GLY B 236 -24.26 43.93 3.16
C GLY B 236 -23.31 42.79 2.89
N PHE B 237 -22.24 43.03 2.13
CA PHE B 237 -21.25 42.01 1.81
C PHE B 237 -19.94 42.34 2.48
N SER B 238 -19.34 41.36 3.14
CA SER B 238 -18.07 41.55 3.83
C SER B 238 -17.34 40.22 3.88
N THR B 239 -16.06 40.28 4.25
CA THR B 239 -15.21 39.10 4.32
C THR B 239 -14.40 39.14 5.62
N SER B 240 -14.07 37.95 6.12
CA SER B 240 -13.28 37.84 7.33
C SER B 240 -11.79 37.81 7.02
N LYS B 241 -10.99 37.62 8.07
CA LYS B 241 -9.55 37.55 7.89
C LYS B 241 -9.15 36.23 7.24
N LYS B 242 -7.94 36.21 6.68
CA LYS B 242 -7.46 35.02 5.98
C LYS B 242 -7.21 33.89 6.96
N LEU B 243 -7.40 32.65 6.48
CA LEU B 243 -7.21 31.48 7.31
C LEU B 243 -5.75 31.03 7.27
N ASP B 244 -5.27 30.54 8.39
CA ASP B 244 -3.89 30.03 8.50
C ASP B 244 -3.92 28.53 8.28
N LYS B 245 -3.76 28.12 7.02
CA LYS B 245 -3.84 26.72 6.65
C LYS B 245 -2.49 26.05 6.80
N LEU B 246 -2.52 24.71 6.86
CA LEU B 246 -1.28 23.93 6.93
C LEU B 246 -0.49 24.05 5.63
N GLY B 247 -1.16 23.85 4.49
CA GLY B 247 -0.52 23.97 3.21
C GLY B 247 -1.20 24.99 2.33
N MET B 248 -0.78 25.08 1.06
CA MET B 248 -1.30 26.06 0.11
C MET B 248 -1.17 27.48 0.65
N ARG B 249 -0.09 27.73 1.40
CA ARG B 249 0.12 29.05 1.99
C ARG B 249 0.37 30.08 0.90
N GLY B 250 -0.49 31.09 0.84
CA GLY B 250 -0.46 32.09 -0.20
C GLY B 250 -1.77 32.27 -0.92
N SER B 251 -2.61 31.22 -0.96
CA SER B 251 -3.93 31.30 -1.56
C SER B 251 -4.91 31.78 -0.49
N ASN B 252 -5.41 33.00 -0.67
CA ASN B 252 -6.29 33.60 0.32
C ASN B 252 -7.60 32.82 0.43
N THR B 253 -8.06 32.66 1.67
CA THR B 253 -9.31 31.97 1.95
C THR B 253 -9.88 32.51 3.27
N CYS B 254 -11.15 32.87 3.25
CA CYS B 254 -11.77 33.47 4.43
C CYS B 254 -13.26 33.18 4.41
N GLU B 255 -13.94 33.63 5.46
CA GLU B 255 -15.38 33.45 5.58
C GLU B 255 -16.13 34.59 4.92
N LEU B 256 -17.22 34.26 4.23
CA LEU B 256 -18.08 35.24 3.60
C LEU B 256 -19.28 35.53 4.50
N ILE B 257 -19.65 36.80 4.57
CA ILE B 257 -20.74 37.25 5.42
C ILE B 257 -21.78 37.96 4.56
N PHE B 258 -23.04 37.58 4.72
CA PHE B 258 -24.15 38.20 4.01
C PHE B 258 -25.16 38.71 5.02
N GLU B 259 -25.51 39.99 4.92
CA GLU B 259 -26.46 40.62 5.83
C GLU B 259 -27.28 41.63 5.03
N ASP B 260 -28.50 41.24 4.65
CA ASP B 260 -29.39 42.08 3.86
C ASP B 260 -28.77 42.52 2.54
N CYS B 261 -27.99 41.62 1.92
CA CYS B 261 -27.33 41.91 0.66
C CYS B 261 -28.36 41.91 -0.47
N LYS B 262 -28.52 43.05 -1.13
CA LYS B 262 -29.48 43.20 -2.21
C LYS B 262 -28.83 42.72 -3.51
N ILE B 263 -29.29 41.59 -4.02
CA ILE B 263 -28.78 41.01 -5.25
C ILE B 263 -29.78 41.28 -6.38
N PRO B 264 -29.37 41.92 -7.47
CA PRO B 264 -30.31 42.17 -8.56
C PRO B 264 -30.78 40.88 -9.20
N ALA B 265 -31.98 40.93 -9.79
CA ALA B 265 -32.52 39.75 -10.45
C ALA B 265 -31.76 39.42 -11.73
N ALA B 266 -31.14 40.41 -12.35
CA ALA B 266 -30.39 40.17 -13.59
C ALA B 266 -29.10 39.40 -13.33
N ASN B 267 -28.63 39.35 -12.09
CA ASN B 267 -27.39 38.67 -11.75
C ASN B 267 -27.58 37.17 -11.50
N ILE B 268 -28.75 36.61 -11.86
CA ILE B 268 -28.97 35.19 -11.65
C ILE B 268 -28.22 34.39 -12.69
N LEU B 269 -27.71 33.22 -12.30
CA LEU B 269 -26.99 32.33 -13.19
C LEU B 269 -27.89 31.13 -13.53
N GLY B 270 -28.01 30.83 -14.81
CA GLY B 270 -28.86 29.72 -15.22
C GLY B 270 -30.33 30.10 -15.09
N HIS B 271 -31.06 29.29 -14.33
CA HIS B 271 -32.47 29.53 -14.09
C HIS B 271 -32.79 29.34 -12.61
N GLU B 272 -33.89 29.94 -12.17
CA GLU B 272 -34.28 29.85 -10.77
C GLU B 272 -34.70 28.43 -10.43
N ASN B 273 -34.36 28.01 -9.20
CA ASN B 273 -34.67 26.69 -8.68
C ASN B 273 -33.98 25.58 -9.48
N LYS B 274 -33.08 25.95 -10.39
CA LYS B 274 -32.33 24.99 -11.20
C LYS B 274 -30.83 25.13 -11.00
N GLY B 275 -30.39 25.63 -9.84
CA GLY B 275 -28.97 25.80 -9.58
C GLY B 275 -28.21 24.51 -9.40
N VAL B 276 -28.90 23.41 -9.11
CA VAL B 276 -28.24 22.13 -8.92
C VAL B 276 -27.72 21.59 -10.25
N TYR B 277 -28.47 21.78 -11.33
CA TYR B 277 -28.08 21.32 -12.66
C TYR B 277 -26.87 22.06 -13.20
N VAL B 278 -26.44 23.14 -12.55
CA VAL B 278 -25.21 23.84 -12.90
C VAL B 278 -24.06 23.44 -11.97
N LEU B 279 -24.31 23.39 -10.67
CA LEU B 279 -23.26 23.01 -9.71
C LEU B 279 -22.80 21.58 -9.97
N MET B 280 -23.73 20.65 -10.13
CA MET B 280 -23.35 19.25 -10.31
C MET B 280 -22.67 19.03 -11.66
N SER B 281 -23.06 19.80 -12.68
CA SER B 281 -22.45 19.69 -13.99
C SER B 281 -21.10 20.40 -14.08
N GLY B 282 -20.83 21.35 -13.20
CA GLY B 282 -19.56 22.04 -13.22
C GLY B 282 -18.54 21.47 -12.27
N LEU B 283 -19.00 20.80 -11.20
CA LEU B 283 -18.07 20.21 -10.24
C LEU B 283 -17.24 19.10 -10.88
N ASP B 284 -17.82 18.37 -11.83
CA ASP B 284 -17.04 17.34 -12.54
C ASP B 284 -15.90 17.96 -13.34
N LEU B 285 -16.18 19.02 -14.11
CA LEU B 285 -15.12 19.70 -14.85
C LEU B 285 -14.11 20.33 -13.91
N ALA B 286 -14.55 20.80 -12.74
CA ALA B 286 -13.62 21.38 -11.77
C ALA B 286 -12.68 20.32 -11.22
N ARG B 287 -13.21 19.14 -10.89
CA ARG B 287 -12.35 18.04 -10.44
C ARG B 287 -11.43 17.57 -11.56
N LEU B 288 -11.90 17.66 -12.80
CA LEU B 288 -11.07 17.23 -13.93
C LEU B 288 -9.90 18.17 -14.14
N VAL B 289 -10.16 19.49 -14.13
CA VAL B 289 -9.10 20.45 -14.39
C VAL B 289 -8.13 20.52 -13.21
N LEU B 290 -8.66 20.47 -11.98
CA LEU B 290 -7.80 20.54 -10.80
C LEU B 290 -6.96 19.27 -10.63
N ALA B 291 -7.21 18.22 -11.42
CA ALA B 291 -6.41 17.02 -11.35
C ALA B 291 -4.97 17.25 -11.80
N GLY B 292 -4.73 18.30 -12.59
CA GLY B 292 -3.38 18.59 -13.03
C GLY B 292 -2.50 19.10 -11.90
N GLY B 293 -3.10 19.52 -10.79
CA GLY B 293 -2.36 20.00 -9.64
C GLY B 293 -1.38 18.98 -9.08
N PRO B 294 -1.89 17.85 -8.61
CA PRO B 294 -0.98 16.80 -8.12
C PRO B 294 0.02 16.33 -9.16
N LEU B 295 -0.37 16.34 -10.44
CA LEU B 295 0.57 16.00 -11.50
C LEU B 295 1.80 16.90 -11.47
N GLY B 296 1.60 18.21 -11.52
CA GLY B 296 2.73 19.13 -11.46
C GLY B 296 3.45 19.08 -10.12
N LEU B 297 2.72 18.81 -9.05
CA LEU B 297 3.35 18.70 -7.73
C LEU B 297 4.38 17.57 -7.71
N MET B 298 3.96 16.36 -8.11
CA MET B 298 4.91 15.26 -8.14
C MET B 298 5.94 15.40 -9.25
N GLN B 299 5.62 16.14 -10.33
CA GLN B 299 6.62 16.45 -11.33
C GLN B 299 7.75 17.27 -10.72
N ALA B 300 7.40 18.31 -9.96
CA ALA B 300 8.42 19.10 -9.27
C ALA B 300 9.14 18.28 -8.22
N VAL B 301 8.41 17.37 -7.56
CA VAL B 301 9.03 16.47 -6.58
C VAL B 301 10.15 15.68 -7.25
N LEU B 302 9.86 15.08 -8.40
CA LEU B 302 10.88 14.29 -9.10
C LEU B 302 11.99 15.18 -9.64
N ASP B 303 11.65 16.37 -10.13
CA ASP B 303 12.66 17.26 -10.68
C ASP B 303 13.61 17.76 -9.60
N HIS B 304 13.15 17.78 -8.35
CA HIS B 304 14.04 18.14 -7.25
C HIS B 304 14.76 16.92 -6.68
N THR B 305 14.16 15.74 -6.77
CA THR B 305 14.74 14.56 -6.15
C THR B 305 15.84 13.95 -7.02
N ILE B 306 15.62 13.88 -8.34
CA ILE B 306 16.57 13.17 -9.20
C ILE B 306 17.96 13.80 -9.17
N PRO B 307 18.14 15.12 -9.35
CA PRO B 307 19.51 15.66 -9.28
C PRO B 307 20.14 15.51 -7.91
N TYR B 308 19.34 15.56 -6.84
CA TYR B 308 19.89 15.43 -5.49
C TYR B 308 20.44 14.03 -5.26
N LEU B 309 19.78 13.00 -5.81
CA LEU B 309 20.26 11.64 -5.64
C LEU B 309 21.54 11.39 -6.42
N HIS B 310 21.85 12.22 -7.42
CA HIS B 310 23.10 12.10 -8.16
C HIS B 310 24.21 12.98 -7.61
N VAL B 311 23.88 14.13 -7.00
CA VAL B 311 24.89 14.98 -6.41
C VAL B 311 25.34 14.45 -5.06
N ARG B 312 24.38 14.11 -4.20
CA ARG B 312 24.70 13.58 -2.88
C ARG B 312 25.32 12.19 -3.00
N GLU B 313 26.41 11.97 -2.27
CA GLU B 313 27.15 10.71 -2.32
C GLU B 313 27.32 10.15 -0.91
N ALA B 314 27.34 8.83 -0.82
CA ALA B 314 27.53 8.14 0.44
C ALA B 314 28.09 6.75 0.17
N PHE B 315 28.86 6.25 1.14
CA PHE B 315 29.49 4.92 1.05
C PHE B 315 30.41 4.81 -0.15
N GLY B 316 31.02 5.93 -0.56
CA GLY B 316 31.98 5.94 -1.63
C GLY B 316 31.42 6.12 -3.02
N GLN B 317 30.10 6.32 -3.16
CA GLN B 317 29.49 6.50 -4.47
C GLN B 317 28.22 7.32 -4.30
N LYS B 318 27.61 7.65 -5.44
CA LYS B 318 26.37 8.42 -5.42
C LYS B 318 25.24 7.59 -4.83
N ILE B 319 24.35 8.25 -4.07
CA ILE B 319 23.24 7.55 -3.44
C ILE B 319 22.23 7.10 -4.48
N GLY B 320 22.25 7.70 -5.67
CA GLY B 320 21.34 7.32 -6.73
C GLY B 320 21.64 6.00 -7.40
N HIS B 321 22.74 5.35 -7.04
CA HIS B 321 23.10 4.06 -7.62
C HIS B 321 22.70 2.88 -6.74
N PHE B 322 22.18 3.13 -5.53
CA PHE B 322 21.73 2.05 -4.67
C PHE B 322 20.38 1.53 -5.15
N GLN B 323 20.14 0.24 -4.91
CA GLN B 323 18.95 -0.41 -5.47
C GLN B 323 17.66 0.12 -4.85
N LEU B 324 17.69 0.52 -3.58
CA LEU B 324 16.49 1.05 -2.95
C LEU B 324 16.11 2.40 -3.55
N MET B 325 17.09 3.29 -3.71
CA MET B 325 16.81 4.58 -4.34
C MET B 325 16.35 4.41 -5.78
N GLN B 326 16.95 3.47 -6.51
CA GLN B 326 16.53 3.22 -7.88
C GLN B 326 15.10 2.68 -7.93
N GLY B 327 14.74 1.80 -7.00
CA GLY B 327 13.37 1.30 -6.97
C GLY B 327 12.37 2.38 -6.64
N LYS B 328 12.72 3.26 -5.69
CA LYS B 328 11.84 4.38 -5.37
C LYS B 328 11.68 5.32 -6.55
N MET B 329 12.78 5.61 -7.24
CA MET B 329 12.71 6.46 -8.43
C MET B 329 11.83 5.82 -9.50
N ALA B 330 11.96 4.50 -9.70
CA ALA B 330 11.15 3.80 -10.69
C ALA B 330 9.68 3.88 -10.32
N ASP B 331 9.35 3.62 -9.05
CA ASP B 331 7.95 3.68 -8.62
C ASP B 331 7.37 5.07 -8.80
N MET B 332 8.11 6.11 -8.39
CA MET B 332 7.62 7.47 -8.53
C MET B 332 7.43 7.85 -9.99
N TYR B 333 8.38 7.48 -10.85
CA TYR B 333 8.26 7.81 -12.26
C TYR B 333 7.08 7.10 -12.90
N THR B 334 6.91 5.81 -12.59
CA THR B 334 5.78 5.07 -13.15
C THR B 334 4.45 5.66 -12.69
N ARG B 335 4.34 6.01 -11.40
CA ARG B 335 3.10 6.58 -10.90
C ARG B 335 2.81 7.93 -11.54
N LEU B 336 3.84 8.79 -11.64
CA LEU B 336 3.66 10.09 -12.28
C LEU B 336 3.21 9.94 -13.73
N MET B 337 3.89 9.08 -14.50
CA MET B 337 3.54 8.92 -15.90
C MET B 337 2.14 8.33 -16.06
N ALA B 338 1.78 7.35 -15.22
CA ALA B 338 0.46 6.75 -15.31
C ALA B 338 -0.63 7.78 -15.02
N CYS B 339 -0.47 8.56 -13.94
CA CYS B 339 -1.47 9.57 -13.61
C CYS B 339 -1.56 10.64 -14.69
N ARG B 340 -0.41 11.06 -15.24
CA ARG B 340 -0.42 12.10 -16.26
C ARG B 340 -1.11 11.61 -17.52
N GLN B 341 -0.79 10.38 -17.96
CA GLN B 341 -1.45 9.82 -19.13
C GLN B 341 -2.95 9.65 -18.90
N TYR B 342 -3.34 9.19 -17.71
CA TYR B 342 -4.77 9.05 -17.40
C TYR B 342 -5.48 10.40 -17.51
N VAL B 343 -4.93 11.42 -16.86
CA VAL B 343 -5.56 12.74 -16.85
C VAL B 343 -5.63 13.30 -18.27
N TYR B 344 -4.56 13.14 -19.04
CA TYR B 344 -4.55 13.67 -20.40
C TYR B 344 -5.55 12.97 -21.30
N ASN B 345 -5.61 11.63 -21.19
CA ASN B 345 -6.55 10.88 -22.03
C ASN B 345 -7.99 11.17 -21.66
N VAL B 346 -8.25 11.45 -20.37
CA VAL B 346 -9.60 11.80 -19.97
C VAL B 346 -9.95 13.22 -20.43
N ALA B 347 -8.96 14.12 -20.40
CA ALA B 347 -9.20 15.48 -20.87
C ALA B 347 -9.45 15.50 -22.38
N LYS B 348 -8.78 14.62 -23.12
CA LYS B 348 -9.01 14.56 -24.56
C LYS B 348 -10.43 14.07 -24.88
N ALA B 349 -10.99 13.23 -24.00
CA ALA B 349 -12.34 12.72 -24.24
C ALA B 349 -13.37 13.83 -24.06
N CYS B 350 -13.20 14.67 -23.04
CA CYS B 350 -14.16 15.75 -22.81
C CYS B 350 -14.09 16.82 -23.90
N ASP B 351 -12.94 16.96 -24.55
CA ASP B 351 -12.83 17.91 -25.66
C ASP B 351 -13.67 17.47 -26.85
N GLU B 352 -13.94 16.18 -26.97
CA GLU B 352 -14.76 15.65 -28.05
C GLU B 352 -16.24 15.56 -27.69
N GLY B 353 -16.62 15.99 -26.49
CA GLY B 353 -18.00 15.97 -26.07
C GLY B 353 -18.43 14.76 -25.28
N HIS B 354 -17.49 13.97 -24.75
CA HIS B 354 -17.78 12.78 -23.97
C HIS B 354 -17.36 13.05 -22.53
N CYS B 355 -18.27 13.60 -21.74
CA CYS B 355 -17.98 13.90 -20.35
C CYS B 355 -18.73 12.93 -19.43
N THR B 356 -18.03 12.48 -18.39
CA THR B 356 -18.61 11.57 -17.41
C THR B 356 -18.21 12.03 -16.01
N ALA B 357 -19.16 11.93 -15.08
CA ALA B 357 -18.90 12.37 -13.71
C ALA B 357 -17.97 11.40 -12.99
N LYS B 358 -18.01 10.11 -13.37
CA LYS B 358 -17.20 9.11 -12.71
C LYS B 358 -15.71 9.32 -12.97
N ASP B 359 -15.35 9.49 -14.25
CA ASP B 359 -13.94 9.60 -14.62
C ASP B 359 -13.31 10.89 -14.12
N CYS B 360 -14.05 11.99 -14.11
CA CYS B 360 -13.50 13.26 -13.67
C CYS B 360 -13.12 13.22 -12.20
N ALA B 361 -13.92 12.54 -11.38
CA ALA B 361 -13.56 12.37 -9.97
C ALA B 361 -12.47 11.32 -9.81
N GLY B 362 -12.52 10.26 -10.61
CA GLY B 362 -11.55 9.19 -10.48
C GLY B 362 -10.13 9.65 -10.80
N VAL B 363 -9.97 10.47 -11.83
CA VAL B 363 -8.63 10.90 -12.22
C VAL B 363 -8.00 11.75 -11.13
N ILE B 364 -8.77 12.68 -10.55
CA ILE B 364 -8.19 13.53 -9.50
C ILE B 364 -7.97 12.73 -8.22
N LEU B 365 -8.85 11.78 -7.91
CA LEU B 365 -8.64 10.90 -6.76
C LEU B 365 -7.33 10.13 -6.90
N TYR B 366 -7.13 9.49 -8.06
CA TYR B 366 -5.92 8.71 -8.28
C TYR B 366 -4.68 9.61 -8.27
N SER B 367 -4.77 10.78 -8.91
CA SER B 367 -3.64 11.69 -8.95
C SER B 367 -3.23 12.14 -7.56
N ALA B 368 -4.21 12.49 -6.71
CA ALA B 368 -3.88 12.94 -5.37
C ALA B 368 -3.33 11.79 -4.52
N GLU B 369 -3.97 10.62 -4.58
CA GLU B 369 -3.51 9.48 -3.79
C GLU B 369 -2.12 9.03 -4.20
N CYS B 370 -1.74 9.24 -5.47
CA CYS B 370 -0.40 8.87 -5.90
C CYS B 370 0.61 9.97 -5.56
N ALA B 371 0.19 11.23 -5.69
CA ALA B 371 1.10 12.35 -5.43
C ALA B 371 1.45 12.42 -3.95
N THR B 372 0.54 12.03 -3.07
CA THR B 372 0.86 11.98 -1.64
C THR B 372 2.04 11.04 -1.39
N GLN B 373 1.97 9.82 -1.91
CA GLN B 373 3.04 8.86 -1.71
C GLN B 373 4.31 9.29 -2.43
N VAL B 374 4.17 9.94 -3.59
CA VAL B 374 5.36 10.40 -4.32
C VAL B 374 6.07 11.49 -3.52
N ALA B 375 5.32 12.41 -2.92
CA ALA B 375 5.93 13.43 -2.08
C ALA B 375 6.55 12.83 -0.83
N LEU B 376 5.90 11.82 -0.24
CA LEU B 376 6.51 11.15 0.90
C LEU B 376 7.84 10.49 0.53
N ASP B 377 7.88 9.82 -0.62
CA ASP B 377 9.12 9.18 -1.06
C ASP B 377 10.18 10.22 -1.38
N GLY B 378 9.78 11.35 -1.96
CA GLY B 378 10.74 12.40 -2.27
C GLY B 378 11.35 13.00 -1.00
N ILE B 379 10.51 13.22 0.02
CA ILE B 379 11.03 13.68 1.31
C ILE B 379 11.94 12.63 1.92
N GLN B 380 11.59 11.35 1.74
CA GLN B 380 12.42 10.28 2.28
C GLN B 380 13.78 10.20 1.58
N CYS B 381 13.81 10.42 0.26
CA CYS B 381 15.06 10.33 -0.48
C CYS B 381 16.03 11.44 -0.11
N PHE B 382 15.54 12.58 0.35
CA PHE B 382 16.44 13.67 0.74
C PHE B 382 17.07 13.43 2.10
N GLY B 383 16.47 12.57 2.92
CA GLY B 383 17.03 12.32 4.24
C GLY B 383 16.77 13.47 5.20
N GLY B 384 17.82 13.84 5.93
CA GLY B 384 17.69 14.93 6.90
C GLY B 384 17.46 16.28 6.25
N ASN B 385 18.07 16.49 5.07
CA ASN B 385 17.95 17.78 4.40
C ASN B 385 16.52 18.05 3.94
N GLY B 386 15.73 17.00 3.69
CA GLY B 386 14.37 17.20 3.27
C GLY B 386 13.41 17.57 4.37
N TYR B 387 13.86 17.52 5.63
CA TYR B 387 13.00 17.81 6.76
C TYR B 387 12.97 19.29 7.13
N ILE B 388 14.00 20.05 6.75
CA ILE B 388 14.03 21.47 7.03
C ILE B 388 13.27 22.23 5.95
N ASN B 389 12.75 23.40 6.32
CA ASN B 389 11.98 24.22 5.38
C ASN B 389 12.85 24.97 4.39
N ASP B 390 14.17 24.79 4.42
CA ASP B 390 15.04 25.43 3.43
C ASP B 390 14.86 24.83 2.05
N PHE B 391 14.45 23.57 1.97
CA PHE B 391 14.17 22.90 0.71
C PHE B 391 12.67 22.86 0.44
N PRO B 392 12.27 22.91 -0.84
CA PRO B 392 10.84 22.90 -1.16
C PRO B 392 10.16 21.56 -0.98
N MET B 393 10.88 20.54 -0.48
CA MET B 393 10.28 19.22 -0.32
C MET B 393 9.20 19.22 0.75
N GLY B 394 9.33 20.07 1.77
CA GLY B 394 8.32 20.14 2.82
C GLY B 394 7.02 20.75 2.33
N ARG B 395 7.10 21.68 1.38
CA ARG B 395 5.89 22.31 0.87
C ARG B 395 5.12 21.37 -0.04
N PHE B 396 5.83 20.46 -0.72
CA PHE B 396 5.17 19.56 -1.67
C PHE B 396 4.20 18.64 -0.96
N LEU B 397 4.56 18.17 0.24
CA LEU B 397 3.68 17.27 0.98
C LEU B 397 2.44 18.01 1.47
N ARG B 398 2.61 19.23 1.98
CA ARG B 398 1.49 19.98 2.51
C ARG B 398 0.55 20.42 1.39
N ASP B 399 1.10 20.72 0.21
CA ASP B 399 0.25 21.12 -0.91
C ASP B 399 -0.49 19.94 -1.51
N ALA B 400 0.15 18.76 -1.53
CA ALA B 400 -0.50 17.58 -2.10
C ALA B 400 -1.69 17.12 -1.28
N LYS B 401 -1.73 17.44 0.02
CA LYS B 401 -2.83 17.01 0.86
C LYS B 401 -4.11 17.80 0.60
N LEU B 402 -4.01 18.98 -0.03
CA LEU B 402 -5.19 19.80 -0.25
C LEU B 402 -6.11 19.16 -1.28
N TYR B 403 -5.54 18.57 -2.35
CA TYR B 403 -6.35 17.99 -3.41
C TYR B 403 -7.16 16.79 -2.95
N GLU B 404 -6.95 16.30 -1.73
CA GLU B 404 -7.75 15.22 -1.18
C GLU B 404 -8.91 15.72 -0.34
N ILE B 405 -8.89 16.97 0.12
CA ILE B 405 -9.94 17.50 0.98
C ILE B 405 -10.43 18.84 0.46
N GLY B 406 -9.69 19.45 -0.45
CA GLY B 406 -10.05 20.77 -0.95
C GLY B 406 -10.87 20.75 -2.23
N ALA B 407 -10.96 19.59 -2.86
CA ALA B 407 -11.75 19.42 -4.08
C ALA B 407 -12.63 18.18 -3.92
N GLY B 408 -13.29 18.08 -2.78
CA GLY B 408 -14.08 16.91 -2.44
C GLY B 408 -13.22 15.81 -1.86
N THR B 409 -13.72 15.16 -0.81
CA THR B 409 -12.94 14.11 -0.16
C THR B 409 -12.93 12.85 -1.02
N SER B 410 -11.95 11.98 -0.74
CA SER B 410 -11.82 10.74 -1.49
C SER B 410 -13.05 9.85 -1.30
N GLU B 411 -13.69 9.95 -0.14
CA GLU B 411 -14.90 9.17 0.12
C GLU B 411 -16.02 9.59 -0.82
N VAL B 412 -16.22 10.90 -0.97
CA VAL B 412 -17.28 11.39 -1.86
C VAL B 412 -16.97 11.02 -3.30
N ARG B 413 -15.68 11.05 -3.68
CA ARG B 413 -15.30 10.66 -5.04
C ARG B 413 -15.59 9.19 -5.29
N ARG B 414 -15.24 8.32 -4.33
CA ARG B 414 -15.52 6.90 -4.49
C ARG B 414 -17.02 6.62 -4.49
N LEU B 415 -17.79 7.42 -3.76
CA LEU B 415 -19.24 7.27 -3.78
C LEU B 415 -19.81 7.67 -5.14
N VAL B 416 -19.31 8.78 -5.71
CA VAL B 416 -19.75 9.20 -7.03
C VAL B 416 -19.40 8.15 -8.07
N ILE B 417 -18.21 7.56 -7.97
CA ILE B 417 -17.83 6.49 -8.89
C ILE B 417 -18.71 5.28 -8.66
N GLY B 418 -18.99 4.96 -7.40
CA GLY B 418 -19.80 3.78 -7.09
C GLY B 418 -21.23 3.92 -7.60
N ARG B 419 -21.81 5.11 -7.44
CA ARG B 419 -23.19 5.32 -7.89
C ARG B 419 -23.30 5.27 -9.40
N ALA B 420 -22.20 5.45 -10.11
CA ALA B 420 -22.22 5.35 -11.57
C ALA B 420 -22.46 3.94 -12.06
N PHE B 421 -22.10 2.93 -11.28
CA PHE B 421 -22.34 1.54 -11.68
C PHE B 421 -23.73 1.07 -11.26
N ASN B 422 -24.24 1.58 -10.15
CA ASN B 422 -25.57 1.19 -9.69
C ASN B 422 -26.68 1.75 -10.56
N ALA B 423 -26.37 2.68 -11.47
CA ALA B 423 -27.36 3.27 -12.36
C ALA B 423 -27.53 2.48 -13.65
N ASP B 424 -26.75 1.42 -13.85
CA ASP B 424 -26.86 0.60 -15.06
C ASP B 424 -27.76 -0.61 -14.81
N VAL C 38 -17.93 -2.90 -20.60
CA VAL C 38 -18.06 -2.06 -21.78
C VAL C 38 -16.91 -1.05 -21.84
N ASP C 39 -16.10 -1.15 -22.89
CA ASP C 39 -14.98 -0.24 -23.05
C ASP C 39 -15.45 1.13 -23.50
N ASP C 40 -14.76 2.16 -23.04
CA ASP C 40 -15.11 3.54 -23.34
C ASP C 40 -14.19 4.10 -24.42
N ALA C 41 -14.68 5.13 -25.11
CA ALA C 41 -13.91 5.78 -26.16
C ALA C 41 -12.83 6.70 -25.61
N ILE C 42 -12.73 6.83 -24.28
CA ILE C 42 -11.73 7.69 -23.67
C ILE C 42 -10.32 7.21 -23.99
N ASN C 43 -10.16 5.92 -24.31
CA ASN C 43 -8.85 5.37 -24.61
C ASN C 43 -8.19 6.03 -25.80
N GLY C 44 -8.96 6.72 -26.64
CA GLY C 44 -8.39 7.41 -27.79
C GLY C 44 -7.93 6.47 -28.88
N LEU C 45 -8.87 5.72 -29.45
CA LEU C 45 -8.59 4.76 -30.50
C LEU C 45 -9.32 5.14 -31.77
N SER C 46 -8.79 4.72 -32.91
CA SER C 46 -9.43 4.99 -34.18
C SER C 46 -10.66 4.11 -34.36
N GLU C 47 -11.47 4.44 -35.37
CA GLU C 47 -12.66 3.65 -35.65
C GLU C 47 -12.29 2.24 -36.09
N GLU C 48 -11.25 2.10 -36.90
CA GLU C 48 -10.80 0.78 -37.30
C GLU C 48 -10.30 -0.04 -36.11
N GLN C 49 -9.64 0.62 -35.16
CA GLN C 49 -9.18 -0.08 -33.96
C GLN C 49 -10.36 -0.56 -33.12
N ARG C 50 -11.41 0.27 -33.00
CA ARG C 50 -12.60 -0.15 -32.29
C ARG C 50 -13.29 -1.31 -32.99
N GLN C 51 -13.32 -1.28 -34.33
CA GLN C 51 -13.92 -2.38 -35.08
C GLN C 51 -13.12 -3.66 -34.88
N LEU C 52 -11.79 -3.56 -34.86
CA LEU C 52 -10.96 -4.73 -34.62
C LEU C 52 -11.18 -5.27 -33.21
N ARG C 53 -11.30 -4.38 -32.22
CA ARG C 53 -11.57 -4.80 -30.86
C ARG C 53 -12.92 -5.54 -30.77
N GLN C 54 -13.95 -5.00 -31.42
CA GLN C 54 -15.26 -5.63 -31.39
C GLN C 54 -15.22 -6.98 -32.10
N THR C 55 -14.49 -7.07 -33.21
CA THR C 55 -14.38 -8.34 -33.92
C THR C 55 -13.67 -9.39 -33.07
N MET C 56 -12.60 -8.99 -32.38
CA MET C 56 -11.90 -9.92 -31.50
C MET C 56 -12.79 -10.35 -30.34
N ALA C 57 -13.55 -9.42 -29.77
CA ALA C 57 -14.45 -9.76 -28.68
C ALA C 57 -15.53 -10.73 -29.15
N LYS C 58 -16.03 -10.54 -30.37
CA LYS C 58 -17.05 -11.46 -30.90
C LYS C 58 -16.46 -12.83 -31.19
N PHE C 59 -15.24 -12.87 -31.74
CA PHE C 59 -14.64 -14.15 -32.11
C PHE C 59 -14.25 -14.96 -30.87
N LEU C 60 -13.66 -14.30 -29.87
CA LEU C 60 -13.18 -15.02 -28.70
C LEU C 60 -14.31 -15.43 -27.76
N GLN C 61 -15.42 -14.69 -27.76
CA GLN C 61 -16.54 -15.06 -26.90
C GLN C 61 -17.23 -16.33 -27.39
N GLU C 62 -17.16 -16.60 -28.69
CA GLU C 62 -17.85 -17.76 -29.24
C GLU C 62 -16.98 -19.01 -29.21
N HIS C 63 -15.66 -18.85 -29.38
CA HIS C 63 -14.77 -19.98 -29.52
C HIS C 63 -13.87 -20.22 -28.32
N LEU C 64 -13.49 -19.18 -27.58
CA LEU C 64 -12.50 -19.31 -26.51
C LEU C 64 -13.09 -19.10 -25.13
N ALA C 65 -14.06 -18.19 -24.99
CA ALA C 65 -14.60 -17.87 -23.67
C ALA C 65 -15.26 -19.06 -22.97
N PRO C 66 -16.12 -19.87 -23.62
CA PRO C 66 -16.72 -20.99 -22.87
C PRO C 66 -15.72 -22.04 -22.44
N LYS C 67 -14.78 -22.42 -23.32
CA LYS C 67 -13.79 -23.43 -23.00
C LYS C 67 -12.58 -22.89 -22.26
N ALA C 68 -12.63 -21.64 -21.79
CA ALA C 68 -11.49 -21.07 -21.10
C ALA C 68 -11.23 -21.76 -19.77
N GLN C 69 -12.29 -22.18 -19.08
CA GLN C 69 -12.13 -22.86 -17.79
C GLN C 69 -11.61 -24.28 -17.98
N GLU C 70 -12.05 -24.96 -19.04
CA GLU C 70 -11.62 -26.34 -19.25
C GLU C 70 -10.14 -26.40 -19.59
N ILE C 71 -9.62 -25.39 -20.29
CA ILE C 71 -8.18 -25.35 -20.59
C ILE C 71 -7.38 -25.23 -19.30
N ASP C 72 -7.87 -24.42 -18.36
CA ASP C 72 -7.18 -24.28 -17.08
C ASP C 72 -7.30 -25.54 -16.24
N ARG C 73 -8.45 -26.22 -16.32
CA ARG C 73 -8.65 -27.42 -15.51
C ARG C 73 -7.81 -28.58 -16.01
N SER C 74 -7.72 -28.75 -17.34
CA SER C 74 -7.01 -29.88 -17.93
C SER C 74 -5.57 -29.55 -18.31
N ASN C 75 -5.19 -28.28 -18.31
CA ASN C 75 -3.84 -27.86 -18.70
C ASN C 75 -3.47 -28.36 -20.10
N GLU C 76 -4.43 -28.34 -21.01
CA GLU C 76 -4.22 -28.82 -22.36
C GLU C 76 -5.18 -28.11 -23.30
N PHE C 77 -4.74 -27.90 -24.55
CA PHE C 77 -5.54 -27.24 -25.58
C PHE C 77 -5.50 -28.15 -26.81
N LYS C 78 -6.50 -29.04 -26.91
CA LYS C 78 -6.55 -29.95 -28.04
C LYS C 78 -6.83 -29.21 -29.35
N ASN C 79 -7.56 -28.10 -29.28
CA ASN C 79 -7.85 -27.28 -30.45
C ASN C 79 -6.83 -26.16 -30.64
N LEU C 80 -5.59 -26.33 -30.18
CA LEU C 80 -4.59 -25.28 -30.28
C LEU C 80 -4.27 -24.95 -31.74
N ARG C 81 -3.98 -25.99 -32.54
CA ARG C 81 -3.62 -25.75 -33.93
C ARG C 81 -4.82 -25.25 -34.74
N GLU C 82 -6.03 -25.72 -34.41
CA GLU C 82 -7.21 -25.22 -35.10
C GLU C 82 -7.48 -23.77 -34.74
N PHE C 83 -7.36 -23.43 -33.46
CA PHE C 83 -7.53 -22.04 -33.05
C PHE C 83 -6.44 -21.15 -33.64
N TRP C 84 -5.22 -21.68 -33.75
CA TRP C 84 -4.14 -20.92 -34.37
C TRP C 84 -4.41 -20.70 -35.85
N LYS C 85 -4.97 -21.70 -36.53
CA LYS C 85 -5.34 -21.54 -37.94
C LYS C 85 -6.44 -20.50 -38.09
N GLN C 86 -7.43 -20.52 -37.19
CA GLN C 86 -8.50 -19.54 -37.23
C GLN C 86 -7.97 -18.13 -36.99
N LEU C 87 -7.01 -17.98 -36.07
CA LEU C 87 -6.38 -16.69 -35.87
C LEU C 87 -5.58 -16.26 -37.09
N GLY C 88 -4.92 -17.21 -37.76
CA GLY C 88 -4.19 -16.87 -38.96
C GLY C 88 -5.11 -16.42 -40.09
N ASN C 89 -6.32 -17.00 -40.15
CA ASN C 89 -7.31 -16.53 -41.11
C ASN C 89 -7.74 -15.10 -40.82
N LEU C 90 -7.70 -14.69 -39.55
CA LEU C 90 -8.05 -13.32 -39.18
C LEU C 90 -6.89 -12.36 -39.34
N GLY C 91 -5.67 -12.85 -39.51
CA GLY C 91 -4.51 -11.99 -39.67
C GLY C 91 -3.98 -11.35 -38.42
N VAL C 92 -4.39 -11.82 -37.23
CA VAL C 92 -3.92 -11.22 -35.99
C VAL C 92 -2.58 -11.78 -35.56
N LEU C 93 -2.17 -12.94 -36.08
CA LEU C 93 -0.87 -13.50 -35.71
C LEU C 93 0.28 -12.64 -36.24
N GLY C 94 0.19 -12.21 -37.48
CA GLY C 94 1.19 -11.33 -38.06
C GLY C 94 0.70 -9.90 -38.16
N ILE C 95 0.01 -9.45 -37.11
CA ILE C 95 -0.57 -8.11 -37.12
C ILE C 95 0.52 -7.04 -37.17
N THR C 96 1.70 -7.36 -36.65
CA THR C 96 2.85 -6.46 -36.70
C THR C 96 3.82 -6.82 -37.82
N ALA C 97 3.51 -7.83 -38.62
CA ALA C 97 4.37 -8.25 -39.72
C ALA C 97 3.99 -7.53 -41.01
N PRO C 98 4.93 -7.41 -41.96
CA PRO C 98 4.60 -6.77 -43.23
C PRO C 98 3.49 -7.50 -43.97
N VAL C 99 2.79 -6.76 -44.84
CA VAL C 99 1.66 -7.32 -45.57
C VAL C 99 2.14 -8.32 -46.63
N GLN C 100 3.38 -8.18 -47.09
CA GLN C 100 3.88 -9.07 -48.13
C GLN C 100 3.97 -10.51 -47.66
N TYR C 101 4.09 -10.73 -46.35
CA TYR C 101 4.12 -12.07 -45.79
C TYR C 101 2.74 -12.54 -45.33
N GLY C 102 1.68 -11.84 -45.73
CA GLY C 102 0.34 -12.20 -45.30
C GLY C 102 -0.12 -11.55 -44.02
N GLY C 103 0.68 -10.64 -43.45
CA GLY C 103 0.29 -9.97 -42.23
C GLY C 103 -0.63 -8.79 -42.48
N SER C 104 -1.04 -8.16 -41.38
CA SER C 104 -1.92 -7.01 -41.45
C SER C 104 -1.17 -5.68 -41.56
N GLY C 105 0.10 -5.64 -41.15
CA GLY C 105 0.86 -4.41 -41.24
C GLY C 105 0.43 -3.33 -40.29
N LEU C 106 -0.26 -3.67 -39.22
CA LEU C 106 -0.72 -2.69 -38.25
C LEU C 106 0.39 -2.37 -37.25
N GLY C 107 0.13 -1.41 -36.37
CA GLY C 107 1.11 -1.00 -35.38
C GLY C 107 1.04 -1.80 -34.10
N TYR C 108 1.90 -1.41 -33.15
CA TYR C 108 1.94 -2.10 -31.87
C TYR C 108 0.69 -1.85 -31.03
N LEU C 109 -0.02 -0.75 -31.28
CA LEU C 109 -1.25 -0.48 -30.52
C LEU C 109 -2.30 -1.55 -30.79
N GLU C 110 -2.50 -1.90 -32.07
CA GLU C 110 -3.45 -2.95 -32.39
C GLU C 110 -3.00 -4.30 -31.84
N HIS C 111 -1.68 -4.53 -31.78
CA HIS C 111 -1.18 -5.76 -31.18
C HIS C 111 -1.51 -5.82 -29.69
N VAL C 112 -1.35 -4.69 -28.99
CA VAL C 112 -1.71 -4.64 -27.58
C VAL C 112 -3.22 -4.82 -27.41
N LEU C 113 -4.01 -4.28 -28.34
CA LEU C 113 -5.46 -4.47 -28.30
C LEU C 113 -5.81 -5.94 -28.42
N VAL C 114 -5.22 -6.63 -29.40
CA VAL C 114 -5.51 -8.05 -29.59
C VAL C 114 -5.04 -8.86 -28.39
N MET C 115 -3.89 -8.50 -27.82
CA MET C 115 -3.40 -9.19 -26.63
C MET C 115 -4.37 -9.03 -25.47
N GLU C 116 -4.86 -7.81 -25.26
CA GLU C 116 -5.80 -7.56 -24.17
C GLU C 116 -7.11 -8.31 -24.40
N GLU C 117 -7.54 -8.40 -25.67
CA GLU C 117 -8.78 -9.11 -25.96
C GLU C 117 -8.64 -10.61 -25.74
N ILE C 118 -7.51 -11.18 -26.15
CA ILE C 118 -7.31 -12.63 -25.99
C ILE C 118 -7.12 -12.97 -24.51
N SER C 119 -6.35 -12.15 -23.79
CA SER C 119 -6.18 -12.37 -22.36
C SER C 119 -7.46 -12.10 -21.58
N ARG C 120 -8.41 -11.38 -22.17
CA ARG C 120 -9.69 -11.13 -21.49
C ARG C 120 -10.50 -12.41 -21.34
N ALA C 121 -10.42 -13.32 -22.32
CA ALA C 121 -11.15 -14.57 -22.24
C ALA C 121 -10.33 -15.66 -21.55
N SER C 122 -9.10 -15.88 -22.01
CA SER C 122 -8.22 -16.90 -21.46
C SER C 122 -6.82 -16.32 -21.33
N GLY C 123 -6.29 -16.30 -20.11
CA GLY C 123 -4.97 -15.75 -19.90
C GLY C 123 -3.87 -16.60 -20.51
N ALA C 124 -4.02 -17.93 -20.47
CA ALA C 124 -3.02 -18.81 -21.03
C ALA C 124 -2.92 -18.64 -22.54
N VAL C 125 -4.07 -18.57 -23.22
CA VAL C 125 -4.06 -18.33 -24.66
C VAL C 125 -3.48 -16.96 -24.97
N GLY C 126 -3.73 -15.98 -24.10
CA GLY C 126 -3.13 -14.67 -24.29
C GLY C 126 -1.61 -14.71 -24.21
N LEU C 127 -1.09 -15.41 -23.20
CA LEU C 127 0.36 -15.55 -23.07
C LEU C 127 0.94 -16.29 -24.27
N SER C 128 0.24 -17.32 -24.75
CA SER C 128 0.70 -18.05 -25.92
C SER C 128 0.74 -17.17 -27.15
N TYR C 129 -0.30 -16.36 -27.37
CA TYR C 129 -0.32 -15.46 -28.50
C TYR C 129 0.77 -14.40 -28.39
N GLY C 130 1.04 -13.94 -27.16
CA GLY C 130 2.11 -12.97 -26.98
C GLY C 130 3.47 -13.55 -27.27
N ALA C 131 3.70 -14.80 -26.84
CA ALA C 131 4.97 -15.45 -27.10
C ALA C 131 5.12 -15.82 -28.58
N HIS C 132 4.00 -16.03 -29.28
CA HIS C 132 4.07 -16.41 -30.69
C HIS C 132 4.25 -15.21 -31.60
N SER C 133 3.39 -14.19 -31.46
CA SER C 133 3.37 -13.08 -32.40
C SER C 133 4.51 -12.08 -32.19
N ASN C 134 5.02 -11.96 -30.96
CA ASN C 134 6.03 -10.95 -30.69
C ASN C 134 7.44 -11.55 -30.57
N LEU C 135 7.58 -12.64 -29.82
CA LEU C 135 8.90 -13.19 -29.57
C LEU C 135 9.52 -13.83 -30.81
N CYS C 136 8.70 -14.37 -31.72
CA CYS C 136 9.22 -15.04 -32.91
C CYS C 136 8.93 -14.25 -34.18
N ILE C 137 7.67 -13.86 -34.37
CA ILE C 137 7.29 -13.18 -35.61
C ILE C 137 7.88 -11.78 -35.65
N ASN C 138 7.64 -10.99 -34.61
CA ASN C 138 8.16 -9.62 -34.57
C ASN C 138 9.67 -9.57 -34.52
N GLN C 139 10.33 -10.65 -34.08
CA GLN C 139 11.79 -10.67 -34.04
C GLN C 139 12.39 -10.83 -35.42
N LEU C 140 11.77 -11.67 -36.27
CA LEU C 140 12.31 -11.91 -37.61
C LEU C 140 12.10 -10.72 -38.54
N VAL C 141 11.03 -9.95 -38.35
CA VAL C 141 10.77 -8.82 -39.25
C VAL C 141 11.69 -7.64 -38.96
N ARG C 142 12.38 -7.63 -37.82
CA ARG C 142 13.21 -6.51 -37.43
C ARG C 142 14.70 -6.82 -37.51
N ASN C 143 15.10 -8.09 -37.40
CA ASN C 143 16.51 -8.44 -37.44
C ASN C 143 16.82 -9.67 -38.29
N GLY C 144 15.87 -10.15 -39.09
CA GLY C 144 16.08 -11.31 -39.93
C GLY C 144 16.33 -10.93 -41.38
N ASN C 145 16.92 -11.86 -42.13
CA ASN C 145 17.20 -11.65 -43.53
C ASN C 145 15.96 -11.93 -44.37
N GLU C 146 16.06 -11.63 -45.67
CA GLU C 146 14.93 -11.80 -46.56
C GLU C 146 14.56 -13.27 -46.71
N ALA C 147 15.57 -14.14 -46.88
CA ALA C 147 15.30 -15.57 -47.02
C ALA C 147 14.74 -16.16 -45.74
N GLN C 148 15.32 -15.79 -44.60
CA GLN C 148 14.84 -16.29 -43.31
C GLN C 148 13.41 -15.86 -43.05
N LYS C 149 13.03 -14.67 -43.51
CA LYS C 149 11.66 -14.21 -43.36
C LYS C 149 10.72 -14.94 -44.30
N GLU C 150 11.11 -15.08 -45.56
CA GLU C 150 10.25 -15.76 -46.54
C GLU C 150 10.06 -17.23 -46.18
N LYS C 151 11.04 -17.83 -45.49
CA LYS C 151 10.94 -19.25 -45.19
C LYS C 151 10.00 -19.52 -44.01
N TYR C 152 10.00 -18.65 -43.02
CA TYR C 152 9.32 -18.91 -41.75
C TYR C 152 8.07 -18.07 -41.53
N LEU C 153 8.08 -16.79 -41.90
CA LEU C 153 6.96 -15.91 -41.58
C LEU C 153 5.62 -16.34 -42.17
N PRO C 154 5.52 -16.74 -43.45
CA PRO C 154 4.20 -17.12 -43.97
C PRO C 154 3.53 -18.23 -43.18
N LYS C 155 4.28 -19.27 -42.80
CA LYS C 155 3.69 -20.35 -42.01
C LYS C 155 3.38 -19.90 -40.59
N LEU C 156 4.19 -18.99 -40.05
CA LEU C 156 3.93 -18.45 -38.72
C LEU C 156 2.69 -17.57 -38.71
N ILE C 157 2.45 -16.83 -39.79
CA ILE C 157 1.29 -15.96 -39.83
C ILE C 157 0.02 -16.74 -40.15
N SER C 158 0.09 -17.71 -41.08
CA SER C 158 -1.08 -18.51 -41.44
C SER C 158 -1.44 -19.54 -40.39
N GLY C 159 -0.64 -19.67 -39.33
CA GLY C 159 -0.94 -20.64 -38.29
C GLY C 159 -0.34 -22.01 -38.49
N GLU C 160 0.46 -22.21 -39.55
CA GLU C 160 1.05 -23.52 -39.78
C GLU C 160 2.14 -23.84 -38.77
N TYR C 161 2.99 -22.87 -38.45
CA TYR C 161 4.09 -23.06 -37.51
C TYR C 161 3.86 -22.20 -36.27
N ILE C 162 4.28 -22.71 -35.12
CA ILE C 162 4.21 -21.99 -33.86
C ILE C 162 5.60 -21.51 -33.50
N GLY C 163 5.69 -20.28 -32.99
CA GLY C 163 6.96 -19.67 -32.67
C GLY C 163 7.25 -19.71 -31.18
N ALA C 164 8.54 -19.70 -30.85
CA ALA C 164 8.97 -19.72 -29.46
C ALA C 164 10.30 -19.00 -29.34
N LEU C 165 10.59 -18.54 -28.12
CA LEU C 165 11.82 -17.83 -27.81
C LEU C 165 12.51 -18.50 -26.63
N ALA C 166 13.84 -18.59 -26.70
CA ALA C 166 14.64 -19.27 -25.68
C ALA C 166 15.69 -18.30 -25.15
N MET C 167 15.44 -17.74 -23.97
CA MET C 167 16.40 -16.87 -23.30
C MET C 167 16.79 -17.42 -21.92
N SER C 168 15.81 -17.85 -21.15
CA SER C 168 16.05 -18.28 -19.78
C SER C 168 16.78 -19.62 -19.74
N GLU C 169 17.46 -19.87 -18.63
CA GLU C 169 18.20 -21.10 -18.37
C GLU C 169 17.97 -21.51 -16.93
N PRO C 170 18.14 -22.80 -16.62
CA PRO C 170 17.96 -23.23 -15.22
C PRO C 170 18.89 -22.55 -14.24
N ASN C 171 20.08 -22.14 -14.67
CA ASN C 171 21.04 -21.48 -13.80
C ASN C 171 21.13 -19.98 -14.06
N ALA C 172 20.35 -19.46 -15.02
CA ALA C 172 20.36 -18.03 -15.33
C ALA C 172 18.95 -17.65 -15.77
N GLY C 173 18.17 -17.14 -14.82
CA GLY C 173 16.82 -16.70 -15.11
C GLY C 173 16.74 -15.21 -15.40
N SER C 174 17.37 -14.40 -14.54
CA SER C 174 17.41 -12.96 -14.75
C SER C 174 18.68 -12.54 -15.49
N ASP C 175 19.83 -13.07 -15.07
CA ASP C 175 21.11 -12.74 -15.70
C ASP C 175 21.29 -13.55 -16.99
N VAL C 176 20.59 -13.11 -18.04
CA VAL C 176 20.66 -13.79 -19.33
C VAL C 176 22.05 -13.68 -19.94
N VAL C 177 22.85 -12.72 -19.51
CA VAL C 177 24.20 -12.57 -20.04
C VAL C 177 25.09 -13.72 -19.61
N SER C 178 24.77 -14.34 -18.46
CA SER C 178 25.57 -15.42 -17.91
C SER C 178 25.13 -16.79 -18.44
N MET C 179 24.50 -16.84 -19.61
CA MET C 179 24.10 -18.11 -20.19
C MET C 179 25.33 -18.97 -20.50
N LYS C 180 25.14 -20.29 -20.42
CA LYS C 180 26.23 -21.23 -20.66
C LYS C 180 26.03 -22.09 -21.89
N LEU C 181 25.02 -21.81 -22.71
CA LEU C 181 24.79 -22.60 -23.92
C LEU C 181 25.89 -22.36 -24.95
N LYS C 182 26.77 -23.35 -25.12
CA LYS C 182 27.87 -23.22 -26.07
C LYS C 182 27.38 -23.50 -27.48
N ALA C 183 27.91 -22.73 -28.43
CA ALA C 183 27.47 -22.80 -29.82
C ALA C 183 28.69 -22.85 -30.75
N GLU C 184 29.66 -23.67 -30.38
CA GLU C 184 30.85 -23.83 -31.20
C GLU C 184 30.48 -24.33 -32.59
N LYS C 185 31.24 -23.89 -33.58
CA LYS C 185 30.92 -24.14 -34.98
C LYS C 185 32.05 -24.91 -35.65
N LYS C 186 31.68 -25.65 -36.69
CA LYS C 186 32.65 -26.39 -37.50
C LYS C 186 32.22 -26.29 -38.95
N GLY C 187 33.00 -25.57 -39.75
CA GLY C 187 32.63 -25.37 -41.14
C GLY C 187 31.44 -24.44 -41.25
N ASN C 188 30.38 -24.92 -41.90
CA ASN C 188 29.16 -24.13 -42.09
C ASN C 188 28.02 -24.58 -41.19
N HIS C 189 28.34 -25.23 -40.06
CA HIS C 189 27.32 -25.69 -39.12
C HIS C 189 27.76 -25.36 -37.70
N TYR C 190 26.78 -25.09 -36.85
CA TYR C 190 27.01 -24.78 -35.45
C TYR C 190 26.59 -25.96 -34.58
N ILE C 191 27.47 -26.32 -33.65
CA ILE C 191 27.21 -27.45 -32.75
C ILE C 191 26.73 -26.93 -31.40
N LEU C 192 25.41 -26.86 -31.24
CA LEU C 192 24.84 -26.41 -29.98
C LEU C 192 24.77 -27.56 -28.98
N ASN C 193 25.10 -27.26 -27.72
CA ASN C 193 25.10 -28.27 -26.67
C ASN C 193 24.73 -27.58 -25.36
N GLY C 194 23.61 -27.98 -24.76
CA GLY C 194 23.17 -27.41 -23.51
C GLY C 194 21.66 -27.43 -23.35
N ASN C 195 21.17 -27.04 -22.17
CA ASN C 195 19.75 -27.05 -21.88
C ASN C 195 19.27 -25.65 -21.53
N LYS C 196 18.02 -25.35 -21.87
CA LYS C 196 17.39 -24.08 -21.56
C LYS C 196 16.01 -24.35 -20.96
N PHE C 197 15.63 -23.53 -19.99
CA PHE C 197 14.40 -23.73 -19.23
C PHE C 197 13.43 -22.57 -19.50
N TRP C 198 12.18 -22.78 -19.07
CA TRP C 198 11.10 -21.80 -19.18
C TRP C 198 10.80 -21.40 -20.62
N ILE C 199 10.70 -22.37 -21.52
CA ILE C 199 10.46 -22.11 -22.94
C ILE C 199 8.95 -22.19 -23.17
N THR C 200 8.34 -21.04 -23.47
CA THR C 200 6.91 -21.00 -23.73
C THR C 200 6.60 -21.62 -25.09
N ASN C 201 5.50 -22.36 -25.16
CA ASN C 201 5.05 -23.02 -26.38
C ASN C 201 6.09 -24.00 -26.90
N GLY C 202 6.89 -24.56 -25.99
CA GLY C 202 7.98 -25.44 -26.34
C GLY C 202 7.59 -26.64 -27.19
N PRO C 203 6.81 -27.57 -26.62
CA PRO C 203 6.52 -28.82 -27.34
C PRO C 203 5.75 -28.62 -28.62
N ASP C 204 5.01 -27.53 -28.77
CA ASP C 204 4.20 -27.29 -29.95
C ASP C 204 4.83 -26.36 -30.98
N ALA C 205 5.94 -25.70 -30.63
CA ALA C 205 6.57 -24.79 -31.57
C ALA C 205 7.25 -25.56 -32.70
N ASP C 206 7.13 -25.02 -33.91
CA ASP C 206 7.79 -25.58 -35.09
C ASP C 206 9.03 -24.79 -35.48
N VAL C 207 9.04 -23.48 -35.24
CA VAL C 207 10.20 -22.63 -35.47
C VAL C 207 10.52 -21.90 -34.17
N LEU C 208 11.74 -22.07 -33.67
CA LEU C 208 12.15 -21.50 -32.41
C LEU C 208 13.38 -20.63 -32.59
N ILE C 209 13.43 -19.53 -31.85
CA ILE C 209 14.59 -18.63 -31.83
C ILE C 209 15.31 -18.87 -30.51
N VAL C 210 16.50 -19.46 -30.60
CA VAL C 210 17.28 -19.84 -29.42
C VAL C 210 18.55 -19.00 -29.38
N TYR C 211 18.73 -18.24 -28.30
CA TYR C 211 19.94 -17.47 -28.10
C TYR C 211 21.02 -18.36 -27.48
N ALA C 212 22.20 -18.35 -28.08
CA ALA C 212 23.31 -19.18 -27.63
C ALA C 212 24.56 -18.33 -27.49
N LYS C 213 25.50 -18.82 -26.68
CA LYS C 213 26.77 -18.14 -26.42
C LYS C 213 27.87 -18.88 -27.17
N THR C 214 28.45 -18.23 -28.18
CA THR C 214 29.49 -18.85 -28.99
C THR C 214 30.88 -18.73 -28.36
N ASP C 215 31.25 -17.54 -27.88
CA ASP C 215 32.55 -17.30 -27.29
C ASP C 215 32.38 -17.03 -25.80
N LEU C 216 32.81 -17.99 -24.98
CA LEU C 216 32.70 -17.86 -23.54
C LEU C 216 33.94 -17.27 -22.88
N ALA C 217 35.03 -17.10 -23.64
CA ALA C 217 36.27 -16.56 -23.12
C ALA C 217 36.48 -15.09 -23.45
N ALA C 218 35.48 -14.45 -24.06
CA ALA C 218 35.61 -13.03 -24.40
C ALA C 218 35.49 -12.18 -23.14
N VAL C 219 36.25 -11.09 -23.10
CA VAL C 219 36.22 -10.17 -21.97
C VAL C 219 34.85 -9.50 -21.86
N PRO C 220 34.26 -8.97 -22.96
CA PRO C 220 32.87 -8.49 -22.85
C PRO C 220 31.89 -9.63 -22.71
N ALA C 221 31.23 -9.71 -21.54
CA ALA C 221 30.29 -10.80 -21.31
C ALA C 221 29.06 -10.68 -22.22
N SER C 222 28.69 -9.45 -22.59
CA SER C 222 27.52 -9.27 -23.44
C SER C 222 27.83 -9.58 -24.89
N ARG C 223 29.05 -9.30 -25.34
CA ARG C 223 29.44 -9.51 -26.75
C ARG C 223 29.92 -10.93 -26.99
N GLY C 224 29.11 -11.92 -26.59
CA GLY C 224 29.43 -13.31 -26.81
C GLY C 224 28.22 -14.16 -27.12
N ILE C 225 27.07 -13.52 -27.30
CA ILE C 225 25.80 -14.21 -27.53
C ILE C 225 25.49 -14.18 -29.02
N THR C 226 24.87 -15.24 -29.52
CA THR C 226 24.44 -15.33 -30.91
C THR C 226 23.09 -16.03 -30.97
N ALA C 227 22.16 -15.44 -31.72
CA ALA C 227 20.82 -15.97 -31.84
C ALA C 227 20.73 -16.94 -33.02
N PHE C 228 20.17 -18.11 -32.77
CA PHE C 228 20.01 -19.15 -33.78
C PHE C 228 18.54 -19.50 -33.93
N ILE C 229 18.14 -19.82 -35.16
CA ILE C 229 16.74 -20.11 -35.47
C ILE C 229 16.66 -21.63 -35.72
N VAL C 230 16.29 -22.37 -34.68
CA VAL C 230 16.14 -23.81 -34.80
C VAL C 230 14.69 -24.15 -35.16
N GLU C 231 14.49 -25.34 -35.70
CA GLU C 231 13.17 -25.80 -36.08
C GLU C 231 13.00 -27.26 -35.69
N LYS C 232 11.74 -27.69 -35.60
CA LYS C 232 11.44 -29.07 -35.24
C LYS C 232 11.88 -30.01 -36.35
N GLY C 233 12.56 -31.08 -35.97
CA GLY C 233 13.05 -32.08 -36.91
C GLY C 233 14.55 -32.21 -36.95
N MET C 234 15.29 -31.26 -36.38
CA MET C 234 16.75 -31.35 -36.37
C MET C 234 17.20 -32.45 -35.43
N PRO C 235 18.15 -33.30 -35.83
CA PRO C 235 18.64 -34.35 -34.92
C PRO C 235 19.31 -33.79 -33.68
N GLY C 236 18.73 -34.03 -32.51
CA GLY C 236 19.24 -33.53 -31.25
C GLY C 236 18.30 -32.59 -30.53
N PHE C 237 17.28 -32.07 -31.20
CA PHE C 237 16.31 -31.17 -30.59
C PHE C 237 15.20 -31.99 -29.97
N SER C 238 15.33 -32.28 -28.68
CA SER C 238 14.37 -33.07 -27.93
C SER C 238 13.73 -32.19 -26.86
N THR C 239 12.40 -32.13 -26.88
CA THR C 239 11.66 -31.34 -25.91
C THR C 239 11.23 -32.21 -24.73
N SER C 240 11.18 -31.60 -23.55
CA SER C 240 10.80 -32.30 -22.33
C SER C 240 9.28 -32.23 -22.14
N LYS C 241 8.83 -32.81 -21.03
CA LYS C 241 7.41 -32.80 -20.70
C LYS C 241 6.98 -31.40 -20.27
N LYS C 242 5.66 -31.18 -20.28
CA LYS C 242 5.12 -29.90 -19.88
C LYS C 242 5.30 -29.69 -18.38
N LEU C 243 5.22 -28.43 -17.96
CA LEU C 243 5.41 -28.07 -16.56
C LEU C 243 4.08 -27.67 -15.94
N ASP C 244 3.79 -28.25 -14.78
CA ASP C 244 2.60 -27.90 -14.02
C ASP C 244 2.90 -26.69 -13.15
N LYS C 245 2.15 -25.61 -13.37
CA LYS C 245 2.41 -24.34 -12.72
C LYS C 245 1.15 -23.81 -12.06
N LEU C 246 1.31 -22.75 -11.26
CA LEU C 246 0.19 -22.19 -10.51
C LEU C 246 -0.87 -21.63 -11.44
N GLY C 247 -0.48 -20.97 -12.51
CA GLY C 247 -1.45 -20.39 -13.41
C GLY C 247 -1.02 -20.57 -14.85
N MET C 248 -1.75 -19.89 -15.74
CA MET C 248 -1.53 -19.99 -17.18
C MET C 248 -1.61 -21.44 -17.66
N ARG C 249 -2.52 -22.20 -17.07
CA ARG C 249 -2.66 -23.61 -17.42
C ARG C 249 -3.17 -23.73 -18.85
N GLY C 250 -2.51 -24.58 -19.64
CA GLY C 250 -2.79 -24.72 -21.05
C GLY C 250 -1.67 -24.30 -21.96
N SER C 251 -0.71 -23.52 -21.46
CA SER C 251 0.46 -23.13 -22.22
C SER C 251 1.57 -24.16 -22.01
N ASN C 252 2.01 -24.79 -23.09
CA ASN C 252 2.98 -25.88 -23.02
C ASN C 252 4.38 -25.30 -22.81
N THR C 253 4.87 -25.40 -21.58
CA THR C 253 6.21 -24.95 -21.23
C THR C 253 7.06 -26.16 -20.87
N CYS C 254 8.23 -26.29 -21.52
CA CYS C 254 9.10 -27.42 -21.30
C CYS C 254 10.55 -26.98 -21.38
N GLU C 255 11.45 -27.90 -21.04
CA GLU C 255 12.87 -27.64 -21.09
C GLU C 255 13.44 -28.14 -22.41
N LEU C 256 14.17 -27.26 -23.11
CA LEU C 256 14.81 -27.65 -24.36
C LEU C 256 16.15 -28.32 -24.08
N ILE C 257 16.48 -29.32 -24.89
CA ILE C 257 17.71 -30.10 -24.72
C ILE C 257 18.41 -30.13 -26.07
N PHE C 258 19.63 -29.60 -26.11
CA PHE C 258 20.46 -29.62 -27.31
C PHE C 258 21.69 -30.50 -27.05
N GLU C 259 21.85 -31.53 -27.87
CA GLU C 259 22.96 -32.48 -27.72
C GLU C 259 23.56 -32.71 -29.11
N ASP C 260 24.59 -31.92 -29.43
CA ASP C 260 25.32 -32.04 -30.70
C ASP C 260 24.36 -31.89 -31.89
N CYS C 261 23.61 -30.80 -31.90
CA CYS C 261 22.70 -30.51 -33.00
C CYS C 261 23.43 -29.78 -34.12
N LYS C 262 22.93 -29.98 -35.34
CA LYS C 262 23.53 -29.40 -36.54
C LYS C 262 22.62 -28.27 -37.04
N ILE C 263 22.99 -27.04 -36.70
CA ILE C 263 22.24 -25.86 -37.13
C ILE C 263 22.98 -25.27 -38.33
N PRO C 264 22.32 -25.11 -39.48
CA PRO C 264 23.00 -24.52 -40.65
C PRO C 264 23.39 -23.07 -40.38
N ALA C 265 24.38 -22.59 -41.14
CA ALA C 265 24.87 -21.22 -41.02
C ALA C 265 23.89 -20.19 -41.57
N ALA C 266 22.81 -20.59 -42.21
CA ALA C 266 21.83 -19.64 -42.74
C ALA C 266 20.77 -19.27 -41.72
N ASN C 267 20.55 -20.10 -40.70
CA ASN C 267 19.55 -19.84 -39.67
C ASN C 267 20.16 -19.05 -38.50
N ILE C 268 20.73 -17.89 -38.81
CA ILE C 268 21.35 -17.03 -37.81
C ILE C 268 20.54 -15.73 -37.75
N LEU C 269 20.06 -15.39 -36.55
CA LEU C 269 19.32 -14.17 -36.32
C LEU C 269 20.27 -13.10 -35.83
N GLY C 270 20.29 -11.95 -36.50
CA GLY C 270 21.19 -10.89 -36.14
C GLY C 270 22.58 -11.09 -36.74
N HIS C 271 23.60 -10.75 -35.95
CA HIS C 271 24.98 -10.86 -36.36
C HIS C 271 25.71 -11.84 -35.45
N GLU C 272 26.75 -12.49 -36.00
CA GLU C 272 27.53 -13.45 -35.23
C GLU C 272 28.29 -12.76 -34.11
N ASN C 273 28.27 -13.38 -32.93
CA ASN C 273 28.98 -12.92 -31.74
C ASN C 273 28.49 -11.57 -31.24
N LYS C 274 27.37 -11.07 -31.77
CA LYS C 274 26.80 -9.80 -31.35
C LYS C 274 25.29 -9.92 -31.21
N GLY C 275 24.84 -11.02 -30.61
CA GLY C 275 23.42 -11.25 -30.42
C GLY C 275 22.80 -10.56 -29.21
N VAL C 276 23.61 -9.82 -28.44
CA VAL C 276 23.06 -9.09 -27.30
C VAL C 276 22.19 -7.94 -27.78
N TYR C 277 22.41 -7.41 -28.92
CA TYR C 277 21.63 -6.28 -29.33
C TYR C 277 20.25 -6.69 -29.79
N VAL C 278 20.12 -7.82 -30.52
CA VAL C 278 18.78 -8.29 -30.87
C VAL C 278 18.07 -8.81 -29.62
N LEU C 279 18.82 -9.35 -28.66
CA LEU C 279 18.22 -9.84 -27.43
C LEU C 279 17.65 -8.69 -26.61
N MET C 280 18.34 -7.58 -26.48
CA MET C 280 17.70 -6.51 -25.75
C MET C 280 16.70 -5.73 -26.58
N SER C 281 16.83 -5.68 -27.89
CA SER C 281 15.76 -5.06 -28.67
C SER C 281 14.47 -5.86 -28.58
N GLY C 282 14.55 -7.19 -28.58
CA GLY C 282 13.35 -7.98 -28.40
C GLY C 282 12.80 -7.91 -27.00
N LEU C 283 13.69 -7.79 -26.01
CA LEU C 283 13.25 -7.68 -24.62
C LEU C 283 12.57 -6.35 -24.34
N ASP C 284 13.01 -5.26 -25.00
CA ASP C 284 12.43 -3.96 -24.74
C ASP C 284 11.01 -3.84 -25.32
N LEU C 285 10.73 -4.54 -26.42
CA LEU C 285 9.42 -4.46 -27.04
C LEU C 285 8.48 -5.57 -26.61
N ALA C 286 9.00 -6.66 -26.04
CA ALA C 286 8.12 -7.73 -25.57
C ALA C 286 7.35 -7.31 -24.32
N ARG C 287 7.93 -6.40 -23.53
CA ARG C 287 7.25 -5.92 -22.33
C ARG C 287 6.10 -4.97 -22.65
N LEU C 288 6.09 -4.38 -23.84
CA LEU C 288 5.02 -3.46 -24.21
C LEU C 288 3.76 -4.23 -24.62
N VAL C 289 3.92 -5.20 -25.53
CA VAL C 289 2.76 -5.95 -26.01
C VAL C 289 2.24 -6.89 -24.93
N LEU C 290 3.11 -7.35 -24.03
CA LEU C 290 2.66 -8.23 -22.96
C LEU C 290 1.86 -7.48 -21.90
N ALA C 291 1.91 -6.15 -21.89
CA ALA C 291 1.15 -5.38 -20.92
C ALA C 291 -0.36 -5.54 -21.11
N GLY C 292 -0.80 -5.94 -22.29
CA GLY C 292 -2.22 -6.19 -22.52
C GLY C 292 -2.75 -7.36 -21.72
N GLY C 293 -1.90 -8.28 -21.31
CA GLY C 293 -2.29 -9.40 -20.49
C GLY C 293 -2.92 -8.99 -19.18
N PRO C 294 -2.16 -8.25 -18.35
CA PRO C 294 -2.76 -7.69 -17.13
C PRO C 294 -3.97 -6.81 -17.40
N LEU C 295 -3.95 -6.04 -18.49
CA LEU C 295 -5.11 -5.23 -18.84
C LEU C 295 -6.32 -6.10 -19.13
N GLY C 296 -6.13 -7.17 -19.91
CA GLY C 296 -7.23 -8.08 -20.19
C GLY C 296 -7.74 -8.78 -18.95
N LEU C 297 -6.84 -9.16 -18.05
CA LEU C 297 -7.26 -9.81 -16.81
C LEU C 297 -8.06 -8.86 -15.93
N MET C 298 -7.63 -7.60 -15.84
CA MET C 298 -8.39 -6.63 -15.06
C MET C 298 -9.75 -6.35 -15.69
N GLN C 299 -9.80 -6.26 -17.02
CA GLN C 299 -11.08 -6.09 -17.70
C GLN C 299 -11.99 -7.28 -17.43
N ALA C 300 -11.45 -8.49 -17.43
CA ALA C 300 -12.27 -9.68 -17.18
C ALA C 300 -12.78 -9.70 -15.74
N VAL C 301 -11.92 -9.41 -14.77
CA VAL C 301 -12.37 -9.44 -13.38
C VAL C 301 -13.39 -8.34 -13.13
N LEU C 302 -13.27 -7.19 -13.82
CA LEU C 302 -14.29 -6.16 -13.66
C LEU C 302 -15.60 -6.58 -14.31
N ASP C 303 -15.55 -7.14 -15.52
CA ASP C 303 -16.78 -7.57 -16.18
C ASP C 303 -17.42 -8.75 -15.47
N HIS C 304 -16.68 -9.43 -14.60
CA HIS C 304 -17.26 -10.50 -13.79
C HIS C 304 -17.77 -9.98 -12.44
N THR C 305 -17.11 -8.97 -11.88
CA THR C 305 -17.48 -8.50 -10.54
C THR C 305 -18.65 -7.51 -10.61
N ILE C 306 -18.55 -6.51 -11.48
CA ILE C 306 -19.52 -5.42 -11.54
C ILE C 306 -20.94 -5.96 -11.72
N PRO C 307 -21.22 -6.89 -12.65
CA PRO C 307 -22.58 -7.45 -12.71
C PRO C 307 -22.91 -8.30 -11.49
N TYR C 308 -21.93 -9.01 -10.93
CA TYR C 308 -22.21 -9.91 -9.82
C TYR C 308 -22.62 -9.13 -8.56
N LEU C 309 -22.11 -7.92 -8.39
CA LEU C 309 -22.44 -7.14 -7.20
C LEU C 309 -23.89 -6.66 -7.22
N HIS C 310 -24.59 -6.79 -8.34
CA HIS C 310 -25.98 -6.38 -8.44
C HIS C 310 -26.95 -7.56 -8.41
N VAL C 311 -26.44 -8.79 -8.47
CA VAL C 311 -27.28 -9.98 -8.42
C VAL C 311 -26.96 -10.75 -7.14
N ARG C 312 -26.53 -10.02 -6.12
CA ARG C 312 -26.25 -10.61 -4.82
C ARG C 312 -26.85 -9.73 -3.75
N GLU C 313 -27.51 -10.36 -2.77
CA GLU C 313 -28.24 -9.63 -1.74
C GLU C 313 -27.60 -9.87 -0.38
N ALA C 314 -27.57 -8.81 0.43
CA ALA C 314 -27.06 -8.88 1.78
C ALA C 314 -27.67 -7.74 2.59
N PHE C 315 -28.18 -8.09 3.78
CA PHE C 315 -28.85 -7.14 4.67
C PHE C 315 -30.06 -6.49 4.00
N GLY C 316 -30.72 -7.21 3.11
CA GLY C 316 -31.88 -6.68 2.43
C GLY C 316 -31.60 -5.78 1.26
N GLN C 317 -30.33 -5.60 0.89
CA GLN C 317 -29.94 -4.75 -0.22
C GLN C 317 -28.86 -5.43 -1.03
N LYS C 318 -28.64 -4.92 -2.25
CA LYS C 318 -27.56 -5.43 -3.09
C LYS C 318 -26.22 -5.05 -2.49
N ILE C 319 -25.24 -5.96 -2.62
CA ILE C 319 -23.92 -5.70 -2.06
C ILE C 319 -23.21 -4.58 -2.79
N GLY C 320 -23.62 -4.25 -4.01
CA GLY C 320 -23.00 -3.16 -4.74
C GLY C 320 -23.34 -1.78 -4.24
N HIS C 321 -24.30 -1.66 -3.32
CA HIS C 321 -24.70 -0.38 -2.77
C HIS C 321 -23.93 0.00 -1.51
N PHE C 322 -23.20 -0.94 -0.91
CA PHE C 322 -22.41 -0.62 0.28
C PHE C 322 -21.22 0.26 -0.10
N GLN C 323 -20.87 1.18 0.80
CA GLN C 323 -19.84 2.16 0.51
C GLN C 323 -18.47 1.51 0.35
N LEU C 324 -18.20 0.44 1.09
CA LEU C 324 -16.91 -0.24 0.96
C LEU C 324 -16.79 -0.93 -0.40
N MET C 325 -17.87 -1.58 -0.85
CA MET C 325 -17.85 -2.20 -2.17
C MET C 325 -17.77 -1.15 -3.27
N GLN C 326 -18.42 0.01 -3.06
CA GLN C 326 -18.30 1.09 -4.03
C GLN C 326 -16.87 1.63 -4.09
N GLY C 327 -16.21 1.72 -2.94
CA GLY C 327 -14.82 2.14 -2.94
C GLY C 327 -13.91 1.13 -3.63
N LYS C 328 -14.18 -0.16 -3.41
CA LYS C 328 -13.43 -1.19 -4.11
C LYS C 328 -13.62 -1.09 -5.62
N MET C 329 -14.86 -0.92 -6.07
CA MET C 329 -15.13 -0.74 -7.49
C MET C 329 -14.40 0.49 -8.03
N ALA C 330 -14.42 1.58 -7.27
CA ALA C 330 -13.75 2.81 -7.71
C ALA C 330 -12.26 2.58 -7.86
N ASP C 331 -11.64 1.95 -6.88
CA ASP C 331 -10.20 1.67 -6.95
C ASP C 331 -9.87 0.78 -8.15
N MET C 332 -10.63 -0.30 -8.34
CA MET C 332 -10.36 -1.21 -9.45
C MET C 332 -10.52 -0.51 -10.79
N TYR C 333 -11.60 0.26 -10.95
CA TYR C 333 -11.85 0.94 -12.21
C TYR C 333 -10.78 1.98 -12.49
N THR C 334 -10.41 2.78 -11.48
CA THR C 334 -9.37 3.79 -11.68
C THR C 334 -8.03 3.16 -12.01
N ARG C 335 -7.66 2.07 -11.34
CA ARG C 335 -6.39 1.42 -11.63
C ARG C 335 -6.39 0.85 -13.05
N LEU C 336 -7.48 0.17 -13.44
CA LEU C 336 -7.56 -0.38 -14.79
C LEU C 336 -7.47 0.72 -15.84
N MET C 337 -8.22 1.81 -15.65
CA MET C 337 -8.22 2.88 -16.62
C MET C 337 -6.85 3.54 -16.72
N ALA C 338 -6.21 3.80 -15.57
CA ALA C 338 -4.89 4.42 -15.57
C ALA C 338 -3.87 3.55 -16.29
N CYS C 339 -3.84 2.25 -15.96
CA CYS C 339 -2.90 1.35 -16.61
C CYS C 339 -3.18 1.25 -18.10
N ARG C 340 -4.45 1.20 -18.50
CA ARG C 340 -4.78 1.07 -19.91
C ARG C 340 -4.39 2.31 -20.69
N GLN C 341 -4.66 3.50 -20.15
CA GLN C 341 -4.25 4.71 -20.82
C GLN C 341 -2.73 4.83 -20.91
N TYR C 342 -2.04 4.44 -19.84
CA TYR C 342 -0.58 4.45 -19.85
C TYR C 342 -0.04 3.54 -20.96
N VAL C 343 -0.53 2.30 -21.01
CA VAL C 343 -0.04 1.35 -22.01
C VAL C 343 -0.37 1.83 -23.41
N TYR C 344 -1.56 2.38 -23.62
CA TYR C 344 -1.95 2.84 -24.94
C TYR C 344 -1.10 4.02 -25.39
N ASN C 345 -0.87 4.99 -24.50
CA ASN C 345 -0.07 6.15 -24.88
C ASN C 345 1.39 5.78 -25.11
N VAL C 346 1.89 4.78 -24.38
CA VAL C 346 3.27 4.34 -24.60
C VAL C 346 3.38 3.58 -25.91
N ALA C 347 2.36 2.77 -26.24
CA ALA C 347 2.38 2.03 -27.50
C ALA C 347 2.28 2.98 -28.70
N LYS C 348 1.40 3.98 -28.60
CA LYS C 348 1.26 4.93 -29.71
C LYS C 348 2.55 5.71 -29.95
N ALA C 349 3.32 5.95 -28.87
CA ALA C 349 4.59 6.65 -29.03
C ALA C 349 5.61 5.79 -29.77
N CYS C 350 5.54 4.48 -29.58
CA CYS C 350 6.50 3.59 -30.24
C CYS C 350 6.26 3.50 -31.74
N ASP C 351 5.03 3.77 -32.19
CA ASP C 351 4.74 3.74 -33.62
C ASP C 351 5.37 4.89 -34.38
N GLU C 352 5.86 5.92 -33.69
CA GLU C 352 6.47 7.07 -34.34
C GLU C 352 7.97 7.16 -34.05
N GLY C 353 8.59 6.08 -33.58
CA GLY C 353 10.00 6.05 -33.31
C GLY C 353 10.42 6.53 -31.94
N HIS C 354 9.47 6.81 -31.04
CA HIS C 354 9.80 7.26 -29.70
C HIS C 354 9.87 6.07 -28.73
N CYS C 355 10.69 5.08 -29.06
CA CYS C 355 10.81 3.90 -28.21
C CYS C 355 11.77 4.16 -27.06
N THR C 356 11.54 3.48 -25.95
CA THR C 356 12.38 3.59 -24.76
C THR C 356 12.19 2.36 -23.90
N ALA C 357 13.29 1.73 -23.51
CA ALA C 357 13.21 0.53 -22.66
C ALA C 357 12.68 0.87 -21.28
N LYS C 358 13.04 2.04 -20.76
CA LYS C 358 12.59 2.44 -19.43
C LYS C 358 11.07 2.53 -19.36
N ASP C 359 10.45 3.14 -20.38
CA ASP C 359 9.00 3.28 -20.38
C ASP C 359 8.31 1.94 -20.49
N CYS C 360 8.85 1.02 -21.30
CA CYS C 360 8.26 -0.31 -21.43
C CYS C 360 8.35 -1.08 -20.13
N ALA C 361 9.54 -1.07 -19.49
CA ALA C 361 9.66 -1.70 -18.19
C ALA C 361 8.71 -1.09 -17.18
N GLY C 362 8.57 0.24 -17.19
CA GLY C 362 7.66 0.88 -16.27
C GLY C 362 6.21 0.47 -16.46
N VAL C 363 5.77 0.45 -17.73
CA VAL C 363 4.36 0.12 -17.98
C VAL C 363 4.09 -1.35 -17.65
N ILE C 364 5.02 -2.25 -17.96
CA ILE C 364 4.77 -3.65 -17.66
C ILE C 364 4.79 -3.89 -16.15
N LEU C 365 5.71 -3.23 -15.43
CA LEU C 365 5.75 -3.38 -13.98
C LEU C 365 4.48 -2.83 -13.34
N TYR C 366 4.05 -1.64 -13.76
CA TYR C 366 2.86 -1.03 -13.19
C TYR C 366 1.61 -1.85 -13.50
N SER C 367 1.50 -2.35 -14.74
CA SER C 367 0.37 -3.19 -15.10
C SER C 367 0.33 -4.47 -14.28
N ALA C 368 1.46 -5.14 -14.10
CA ALA C 368 1.48 -6.36 -13.31
C ALA C 368 1.13 -6.08 -11.86
N GLU C 369 1.73 -5.04 -11.27
CA GLU C 369 1.49 -4.75 -9.87
C GLU C 369 0.04 -4.33 -9.62
N CYS C 370 -0.58 -3.62 -10.57
CA CYS C 370 -1.96 -3.21 -10.39
C CYS C 370 -2.91 -4.37 -10.65
N ALA C 371 -2.58 -5.23 -11.63
CA ALA C 371 -3.45 -6.37 -11.92
C ALA C 371 -3.45 -7.36 -10.77
N THR C 372 -2.31 -7.55 -10.10
CA THR C 372 -2.28 -8.43 -8.94
C THR C 372 -3.24 -7.93 -7.86
N GLN C 373 -3.18 -6.63 -7.54
CA GLN C 373 -4.05 -6.09 -6.50
C GLN C 373 -5.51 -6.11 -6.93
N VAL C 374 -5.79 -5.84 -8.21
CA VAL C 374 -7.17 -5.86 -8.68
C VAL C 374 -7.74 -7.28 -8.63
N ALA C 375 -6.93 -8.29 -8.96
CA ALA C 375 -7.39 -9.67 -8.88
C ALA C 375 -7.58 -10.09 -7.43
N LEU C 376 -6.73 -9.58 -6.52
CA LEU C 376 -6.91 -9.88 -5.11
C LEU C 376 -8.19 -9.25 -4.57
N ASP C 377 -8.50 -8.03 -5.02
CA ASP C 377 -9.70 -7.35 -4.53
C ASP C 377 -10.97 -7.93 -5.15
N GLY C 378 -10.87 -8.44 -6.38
CA GLY C 378 -12.05 -8.98 -7.04
C GLY C 378 -12.58 -10.23 -6.35
N ILE C 379 -11.69 -11.03 -5.77
CA ILE C 379 -12.13 -12.23 -5.05
C ILE C 379 -12.89 -11.84 -3.79
N GLN C 380 -12.44 -10.77 -3.12
CA GLN C 380 -13.10 -10.34 -1.89
C GLN C 380 -14.50 -9.81 -2.17
N CYS C 381 -14.73 -9.27 -3.37
CA CYS C 381 -16.06 -8.78 -3.70
C CYS C 381 -17.05 -9.93 -3.84
N PHE C 382 -16.60 -11.08 -4.36
CA PHE C 382 -17.48 -12.24 -4.47
C PHE C 382 -17.73 -12.90 -3.12
N GLY C 383 -16.80 -12.76 -2.18
CA GLY C 383 -16.94 -13.39 -0.88
C GLY C 383 -16.41 -14.82 -0.87
N GLY C 384 -17.33 -15.78 -0.80
CA GLY C 384 -16.95 -17.18 -0.83
C GLY C 384 -16.91 -17.76 -2.23
N ASN C 385 -17.61 -17.12 -3.16
CA ASN C 385 -17.70 -17.61 -4.54
C ASN C 385 -16.46 -17.25 -5.34
N GLY C 386 -15.42 -16.76 -4.67
CA GLY C 386 -14.18 -16.42 -5.35
C GLY C 386 -13.03 -17.32 -4.97
N TYR C 387 -13.30 -18.29 -4.09
CA TYR C 387 -12.27 -19.20 -3.59
C TYR C 387 -12.47 -20.63 -4.11
N ILE C 388 -13.23 -20.79 -5.19
CA ILE C 388 -13.51 -22.11 -5.78
C ILE C 388 -13.25 -22.04 -7.27
N ASN C 389 -12.91 -23.18 -7.87
CA ASN C 389 -12.64 -23.25 -9.29
C ASN C 389 -13.89 -23.12 -10.15
N ASP C 390 -15.08 -23.18 -9.54
CA ASP C 390 -16.31 -23.03 -10.31
C ASP C 390 -16.46 -21.64 -10.90
N PHE C 391 -15.79 -20.65 -10.33
CA PHE C 391 -15.83 -19.28 -10.82
C PHE C 391 -14.47 -18.87 -11.35
N PRO C 392 -14.42 -18.09 -12.43
CA PRO C 392 -13.13 -17.71 -13.03
C PRO C 392 -12.33 -16.70 -12.22
N MET C 393 -12.83 -16.26 -11.07
CA MET C 393 -12.09 -15.30 -10.27
C MET C 393 -10.79 -15.89 -9.73
N GLY C 394 -10.76 -17.20 -9.48
CA GLY C 394 -9.53 -17.81 -9.00
C GLY C 394 -8.48 -17.99 -10.08
N ARG C 395 -8.91 -18.14 -11.33
CA ARG C 395 -7.96 -18.35 -12.42
C ARG C 395 -7.23 -17.06 -12.76
N PHE C 396 -7.96 -15.93 -12.75
CA PHE C 396 -7.36 -14.66 -13.16
C PHE C 396 -6.28 -14.20 -12.18
N LEU C 397 -6.40 -14.58 -10.91
CA LEU C 397 -5.39 -14.20 -9.94
C LEU C 397 -4.09 -14.97 -10.16
N ARG C 398 -4.19 -16.29 -10.40
CA ARG C 398 -3.01 -17.11 -10.60
C ARG C 398 -2.30 -16.74 -11.90
N ASP C 399 -3.06 -16.27 -12.90
CA ASP C 399 -2.44 -15.87 -14.16
C ASP C 399 -1.77 -14.51 -14.05
N ALA C 400 -2.33 -13.61 -13.23
CA ALA C 400 -1.76 -12.28 -13.09
C ALA C 400 -0.42 -12.30 -12.39
N LYS C 401 -0.17 -13.33 -11.57
CA LYS C 401 1.09 -13.39 -10.83
C LYS C 401 2.27 -13.67 -11.75
N LEU C 402 2.02 -14.24 -12.94
CA LEU C 402 3.11 -14.56 -13.85
C LEU C 402 3.77 -13.29 -14.39
N TYR C 403 2.98 -12.24 -14.60
CA TYR C 403 3.52 -11.01 -15.18
C TYR C 403 4.48 -10.28 -14.24
N GLU C 404 4.53 -10.66 -12.97
CA GLU C 404 5.48 -10.07 -12.02
C GLU C 404 6.80 -10.82 -11.98
N ILE C 405 6.86 -12.04 -12.50
CA ILE C 405 8.07 -12.85 -12.47
C ILE C 405 8.45 -13.29 -13.87
N GLY C 406 7.47 -13.26 -14.79
CA GLY C 406 7.74 -13.64 -16.16
C GLY C 406 8.20 -12.47 -17.00
N ALA C 407 9.00 -12.80 -18.03
CA ALA C 407 9.57 -11.81 -18.94
C ALA C 407 10.33 -10.72 -18.18
N GLY C 408 11.19 -11.14 -17.26
CA GLY C 408 11.93 -10.22 -16.43
C GLY C 408 11.30 -10.03 -15.07
N THR C 409 12.10 -10.17 -14.01
CA THR C 409 11.61 -10.01 -12.65
C THR C 409 11.23 -8.55 -12.39
N SER C 410 10.28 -8.36 -11.46
CA SER C 410 9.82 -7.02 -11.14
C SER C 410 10.95 -6.14 -10.63
N GLU C 411 11.84 -6.71 -9.81
CA GLU C 411 12.97 -5.93 -9.30
C GLU C 411 13.97 -5.61 -10.41
N VAL C 412 14.12 -6.53 -11.38
CA VAL C 412 14.98 -6.25 -12.53
C VAL C 412 14.43 -5.07 -13.32
N ARG C 413 13.11 -4.95 -13.40
CA ARG C 413 12.51 -3.79 -14.07
C ARG C 413 12.84 -2.50 -13.33
N ARG C 414 12.77 -2.53 -12.00
CA ARG C 414 13.13 -1.34 -11.22
C ARG C 414 14.60 -0.99 -11.42
N LEU C 415 15.47 -2.00 -11.51
CA LEU C 415 16.89 -1.73 -11.74
C LEU C 415 17.11 -1.13 -13.13
N VAL C 416 16.41 -1.65 -14.13
CA VAL C 416 16.55 -1.11 -15.49
C VAL C 416 16.07 0.33 -15.54
N ILE C 417 14.97 0.64 -14.87
CA ILE C 417 14.46 2.00 -14.86
C ILE C 417 15.42 2.93 -14.12
N GLY C 418 15.98 2.46 -13.00
CA GLY C 418 16.89 3.29 -12.24
C GLY C 418 18.19 3.58 -12.99
N ARG C 419 18.70 2.58 -13.71
CA ARG C 419 19.93 2.77 -14.47
C ARG C 419 19.74 3.71 -15.65
N ALA C 420 18.51 3.99 -16.04
CA ALA C 420 18.23 4.91 -17.14
C ALA C 420 18.39 6.37 -16.74
N PHE C 421 18.35 6.69 -15.45
CA PHE C 421 18.56 8.06 -15.00
C PHE C 421 20.01 8.34 -14.63
N ASN C 422 20.83 7.30 -14.48
CA ASN C 422 22.24 7.47 -14.14
C ASN C 422 23.10 7.84 -15.33
N ALA C 423 22.49 8.11 -16.49
CA ALA C 423 23.23 8.49 -17.69
C ALA C 423 22.68 9.79 -18.27
N ASP C 424 22.17 10.67 -17.43
CA ASP C 424 21.62 11.95 -17.88
C ASP C 424 22.34 13.11 -17.20
N VAL D 38 14.19 -20.44 12.50
CA VAL D 38 14.13 -20.76 13.92
C VAL D 38 13.50 -19.61 14.69
N ASP D 39 12.52 -19.93 15.54
CA ASP D 39 11.84 -18.91 16.33
C ASP D 39 12.64 -18.58 17.58
N ASP D 40 12.52 -17.34 18.03
CA ASP D 40 13.23 -16.84 19.20
C ASP D 40 12.26 -16.60 20.35
N ALA D 41 12.83 -16.34 21.53
CA ALA D 41 12.03 -16.11 22.73
C ALA D 41 11.47 -14.69 22.81
N ILE D 42 11.63 -13.89 21.76
CA ILE D 42 11.13 -12.52 21.77
C ILE D 42 9.61 -12.47 21.80
N ASN D 43 8.95 -13.56 21.39
CA ASN D 43 7.50 -13.60 21.35
C ASN D 43 6.85 -13.48 22.73
N GLY D 44 7.62 -13.63 23.80
CA GLY D 44 7.08 -13.53 25.13
C GLY D 44 6.56 -14.84 25.71
N LEU D 45 6.99 -15.97 25.17
CA LEU D 45 6.52 -17.26 25.65
C LEU D 45 7.32 -17.70 26.87
N SER D 46 6.64 -18.35 27.80
CA SER D 46 7.30 -18.88 28.98
C SER D 46 8.05 -20.16 28.64
N GLU D 47 8.70 -20.74 29.66
CA GLU D 47 9.46 -21.96 29.46
C GLU D 47 8.57 -23.10 29.01
N GLU D 48 7.40 -23.27 29.64
CA GLU D 48 6.48 -24.32 29.23
C GLU D 48 5.99 -24.10 27.80
N GLN D 49 5.70 -22.85 27.44
CA GLN D 49 5.23 -22.55 26.10
C GLN D 49 6.34 -22.76 25.06
N ARG D 50 7.58 -22.42 25.40
CA ARG D 50 8.69 -22.68 24.49
C ARG D 50 8.90 -24.18 24.31
N GLN D 51 8.78 -24.95 25.39
CA GLN D 51 8.90 -26.40 25.27
C GLN D 51 7.77 -26.97 24.43
N LEU D 52 6.56 -26.43 24.57
CA LEU D 52 5.44 -26.90 23.75
C LEU D 52 5.67 -26.58 22.28
N ARG D 53 6.19 -25.38 22.00
CA ARG D 53 6.50 -25.02 20.62
C ARG D 53 7.57 -25.93 20.03
N GLN D 54 8.60 -26.23 20.81
CA GLN D 54 9.65 -27.14 20.34
C GLN D 54 9.10 -28.54 20.09
N THR D 55 8.22 -29.00 20.98
CA THR D 55 7.61 -30.32 20.79
C THR D 55 6.76 -30.36 19.53
N MET D 56 5.98 -29.30 19.29
CA MET D 56 5.17 -29.24 18.08
C MET D 56 6.05 -29.20 16.83
N ALA D 57 7.16 -28.47 16.90
CA ALA D 57 8.06 -28.38 15.76
C ALA D 57 8.70 -29.73 15.46
N LYS D 58 9.12 -30.46 16.50
CA LYS D 58 9.76 -31.75 16.29
C LYS D 58 8.75 -32.85 15.97
N PHE D 59 7.47 -32.65 16.29
CA PHE D 59 6.47 -33.69 16.02
C PHE D 59 5.84 -33.52 14.65
N LEU D 60 5.56 -32.27 14.24
CA LEU D 60 4.91 -32.04 12.95
C LEU D 60 5.82 -32.46 11.80
N GLN D 61 7.13 -32.28 11.96
CA GLN D 61 8.07 -32.74 10.94
C GLN D 61 8.08 -34.27 10.87
N GLU D 62 8.33 -34.78 9.67
CA GLU D 62 8.42 -36.21 9.39
C GLU D 62 7.07 -36.90 9.55
N HIS D 63 6.04 -36.16 9.96
CA HIS D 63 4.71 -36.73 10.11
C HIS D 63 3.68 -35.97 9.30
N LEU D 64 3.70 -34.65 9.45
CA LEU D 64 2.78 -33.78 8.73
C LEU D 64 3.46 -33.23 7.49
N ALA D 65 4.18 -32.12 7.62
CA ALA D 65 4.95 -31.49 6.53
C ALA D 65 5.62 -32.22 5.40
N PRO D 66 6.17 -33.40 5.68
CA PRO D 66 6.70 -34.10 4.55
C PRO D 66 5.64 -34.62 3.60
N LYS D 67 4.38 -34.31 3.83
CA LYS D 67 3.35 -34.81 2.98
C LYS D 67 2.31 -33.77 2.67
N ALA D 68 2.58 -32.50 2.99
CA ALA D 68 1.69 -31.40 2.62
C ALA D 68 1.60 -31.18 1.10
N GLN D 69 2.64 -31.58 0.34
CA GLN D 69 2.53 -31.46 -1.11
C GLN D 69 1.57 -32.50 -1.75
N GLU D 70 1.46 -33.74 -1.24
CA GLU D 70 0.46 -34.70 -1.73
C GLU D 70 -0.95 -34.27 -1.34
N ILE D 71 -1.12 -33.76 -0.11
CA ILE D 71 -2.42 -33.28 0.33
C ILE D 71 -2.88 -32.12 -0.54
N ASP D 72 -1.95 -31.22 -0.88
CA ASP D 72 -2.30 -30.08 -1.72
C ASP D 72 -2.64 -30.52 -3.14
N ARG D 73 -1.88 -31.48 -3.67
CA ARG D 73 -2.09 -31.90 -5.05
C ARG D 73 -3.37 -32.72 -5.21
N SER D 74 -3.72 -33.52 -4.21
CA SER D 74 -4.85 -34.44 -4.33
C SER D 74 -6.08 -33.99 -3.55
N ASN D 75 -5.96 -32.96 -2.70
CA ASN D 75 -7.08 -32.46 -1.89
C ASN D 75 -7.67 -33.57 -1.03
N GLU D 76 -6.82 -34.46 -0.52
CA GLU D 76 -7.26 -35.58 0.30
C GLU D 76 -6.19 -35.92 1.31
N PHE D 77 -6.62 -36.20 2.55
CA PHE D 77 -5.73 -36.62 3.62
C PHE D 77 -5.95 -38.11 3.86
N LYS D 78 -4.95 -38.91 3.56
CA LYS D 78 -5.09 -40.37 3.68
C LYS D 78 -5.13 -40.80 5.14
N ASN D 79 -4.26 -40.24 5.96
CA ASN D 79 -4.16 -40.59 7.38
C ASN D 79 -4.65 -39.44 8.27
N LEU D 80 -5.75 -38.80 7.87
CA LEU D 80 -6.30 -37.71 8.66
C LEU D 80 -6.71 -38.19 10.06
N ARG D 81 -7.41 -39.33 10.12
CA ARG D 81 -7.84 -39.85 11.42
C ARG D 81 -6.66 -40.33 12.25
N GLU D 82 -5.63 -40.90 11.62
CA GLU D 82 -4.44 -41.29 12.35
C GLU D 82 -3.71 -40.08 12.92
N PHE D 83 -3.60 -39.01 12.14
CA PHE D 83 -2.98 -37.79 12.62
C PHE D 83 -3.80 -37.16 13.73
N TRP D 84 -5.13 -37.26 13.65
CA TRP D 84 -5.98 -36.72 14.71
C TRP D 84 -5.83 -37.53 15.99
N LYS D 85 -5.71 -38.85 15.88
CA LYS D 85 -5.44 -39.68 17.05
C LYS D 85 -4.09 -39.34 17.65
N GLN D 86 -3.09 -39.08 16.82
CA GLN D 86 -1.78 -38.68 17.33
C GLN D 86 -1.86 -37.34 18.04
N LEU D 87 -2.62 -36.39 17.49
CA LEU D 87 -2.78 -35.10 18.16
C LEU D 87 -3.52 -35.24 19.48
N GLY D 88 -4.49 -36.16 19.54
CA GLY D 88 -5.22 -36.36 20.78
C GLY D 88 -4.35 -36.90 21.89
N ASN D 89 -3.33 -37.69 21.54
CA ASN D 89 -2.43 -38.23 22.55
C ASN D 89 -1.58 -37.13 23.18
N LEU D 90 -1.26 -36.08 22.42
CA LEU D 90 -0.47 -34.97 22.94
C LEU D 90 -1.30 -33.94 23.67
N GLY D 91 -2.61 -33.97 23.53
CA GLY D 91 -3.48 -33.04 24.23
C GLY D 91 -3.66 -31.68 23.57
N VAL D 92 -3.23 -31.53 22.32
CA VAL D 92 -3.38 -30.23 21.65
C VAL D 92 -4.82 -29.97 21.26
N LEU D 93 -5.63 -31.00 21.10
CA LEU D 93 -7.05 -30.80 20.78
C LEU D 93 -7.79 -30.17 21.96
N GLY D 94 -7.41 -30.52 23.18
CA GLY D 94 -8.01 -29.95 24.37
C GLY D 94 -7.08 -28.96 25.04
N ILE D 95 -6.38 -28.15 24.24
CA ILE D 95 -5.41 -27.21 24.78
C ILE D 95 -6.07 -26.22 25.72
N THR D 96 -7.34 -25.88 25.44
CA THR D 96 -8.08 -24.97 26.31
C THR D 96 -8.99 -25.71 27.28
N ALA D 97 -9.43 -26.92 26.94
CA ALA D 97 -10.30 -27.68 27.81
C ALA D 97 -9.54 -28.24 29.00
N PRO D 98 -10.19 -28.34 30.16
CA PRO D 98 -9.49 -28.85 31.35
C PRO D 98 -9.22 -30.34 31.25
N VAL D 99 -8.40 -30.83 32.19
CA VAL D 99 -8.02 -32.23 32.22
C VAL D 99 -9.17 -33.12 32.67
N GLN D 100 -10.23 -32.53 33.23
CA GLN D 100 -11.37 -33.33 33.68
C GLN D 100 -12.01 -34.09 32.53
N TYR D 101 -12.16 -33.44 31.38
CA TYR D 101 -12.78 -34.06 30.23
C TYR D 101 -11.78 -34.66 29.25
N GLY D 102 -10.49 -34.42 29.46
CA GLY D 102 -9.45 -34.96 28.59
C GLY D 102 -8.49 -33.93 28.02
N GLY D 103 -8.68 -32.65 28.27
CA GLY D 103 -7.81 -31.63 27.74
C GLY D 103 -6.56 -31.44 28.57
N SER D 104 -5.94 -30.27 28.38
CA SER D 104 -4.72 -29.92 29.09
C SER D 104 -4.93 -28.85 30.15
N GLY D 105 -6.00 -28.06 30.07
CA GLY D 105 -6.27 -27.05 31.07
C GLY D 105 -5.40 -25.82 30.98
N LEU D 106 -5.07 -25.39 29.76
CA LEU D 106 -4.26 -24.20 29.55
C LEU D 106 -5.12 -23.07 29.00
N GLY D 107 -4.49 -21.94 28.69
CA GLY D 107 -5.20 -20.77 28.22
C GLY D 107 -5.23 -20.66 26.70
N TYR D 108 -5.81 -19.56 26.23
CA TYR D 108 -5.94 -19.34 24.79
C TYR D 108 -4.60 -18.95 24.16
N LEU D 109 -3.65 -18.47 24.98
CA LEU D 109 -2.32 -18.17 24.45
C LEU D 109 -1.66 -19.43 23.90
N GLU D 110 -1.72 -20.52 24.66
CA GLU D 110 -1.22 -21.80 24.17
C GLU D 110 -1.96 -22.27 22.93
N HIS D 111 -3.24 -21.94 22.81
CA HIS D 111 -4.01 -22.33 21.62
C HIS D 111 -3.52 -21.57 20.39
N VAL D 112 -3.39 -20.25 20.50
CA VAL D 112 -2.93 -19.45 19.36
C VAL D 112 -1.46 -19.76 19.06
N LEU D 113 -0.73 -20.29 20.05
CA LEU D 113 0.64 -20.71 19.81
C LEU D 113 0.68 -22.03 19.04
N VAL D 114 -0.13 -23.00 19.46
CA VAL D 114 -0.11 -24.31 18.81
C VAL D 114 -0.75 -24.23 17.42
N MET D 115 -1.61 -23.25 17.19
CA MET D 115 -2.20 -23.06 15.87
C MET D 115 -1.29 -22.27 14.93
N GLU D 116 -0.16 -21.78 15.44
CA GLU D 116 0.87 -21.20 14.57
C GLU D 116 1.85 -22.25 14.08
N GLU D 117 2.23 -23.19 14.94
CA GLU D 117 2.95 -24.37 14.47
C GLU D 117 2.10 -25.15 13.48
N ILE D 118 0.81 -25.32 13.80
CA ILE D 118 -0.15 -25.84 12.83
C ILE D 118 -0.27 -24.85 11.68
N SER D 119 -0.50 -25.37 10.47
CA SER D 119 -0.62 -24.60 9.24
C SER D 119 0.72 -23.99 8.82
N ARG D 120 1.77 -24.27 9.59
CA ARG D 120 3.11 -23.86 9.18
C ARG D 120 3.77 -24.94 8.33
N ALA D 121 3.78 -26.18 8.82
CA ALA D 121 4.27 -27.30 8.02
C ALA D 121 3.33 -27.61 6.87
N SER D 122 2.03 -27.57 7.14
CA SER D 122 1.03 -27.82 6.11
C SER D 122 -0.16 -26.91 6.36
N GLY D 123 -0.31 -25.89 5.51
CA GLY D 123 -1.41 -24.96 5.66
C GLY D 123 -2.76 -25.59 5.40
N ALA D 124 -2.79 -26.71 4.68
CA ALA D 124 -4.04 -27.39 4.36
C ALA D 124 -4.77 -27.87 5.60
N VAL D 125 -4.07 -28.63 6.45
CA VAL D 125 -4.70 -29.20 7.64
C VAL D 125 -4.84 -28.15 8.73
N GLY D 126 -4.35 -26.93 8.50
CA GLY D 126 -4.42 -25.90 9.51
C GLY D 126 -5.83 -25.47 9.85
N LEU D 127 -6.73 -25.47 8.85
CA LEU D 127 -8.10 -25.06 9.12
C LEU D 127 -8.88 -26.14 9.85
N SER D 128 -8.55 -27.42 9.62
CA SER D 128 -9.28 -28.50 10.26
C SER D 128 -9.10 -28.48 11.77
N TYR D 129 -7.89 -28.24 12.25
CA TYR D 129 -7.65 -28.17 13.69
C TYR D 129 -8.43 -27.02 14.32
N GLY D 130 -8.45 -25.86 13.65
CA GLY D 130 -9.19 -24.74 14.18
C GLY D 130 -10.69 -24.97 14.18
N ALA D 131 -11.21 -25.65 13.16
CA ALA D 131 -12.63 -25.95 13.12
C ALA D 131 -13.01 -27.03 14.13
N HIS D 132 -12.08 -27.93 14.45
CA HIS D 132 -12.35 -29.01 15.40
C HIS D 132 -12.27 -28.51 16.84
N SER D 133 -11.13 -27.94 17.23
CA SER D 133 -10.91 -27.57 18.62
C SER D 133 -11.68 -26.32 19.00
N ASN D 134 -11.43 -25.21 18.30
CA ASN D 134 -11.98 -23.93 18.72
C ASN D 134 -13.48 -23.84 18.43
N LEU D 135 -13.88 -24.27 17.23
CA LEU D 135 -15.26 -24.07 16.80
C LEU D 135 -16.25 -25.05 17.42
N CYS D 136 -15.80 -26.24 17.79
CA CYS D 136 -16.71 -27.28 18.30
C CYS D 136 -16.43 -27.63 19.75
N ILE D 137 -15.18 -27.93 20.10
CA ILE D 137 -14.88 -28.40 21.46
C ILE D 137 -15.09 -27.27 22.46
N ASN D 138 -14.42 -26.14 22.23
CA ASN D 138 -14.51 -25.02 23.18
C ASN D 138 -15.92 -24.46 23.25
N GLN D 139 -16.66 -24.52 22.14
CA GLN D 139 -18.05 -24.04 22.14
C GLN D 139 -18.91 -24.86 23.10
N LEU D 140 -18.64 -26.16 23.17
CA LEU D 140 -19.38 -27.02 24.12
C LEU D 140 -18.83 -26.86 25.53
N VAL D 141 -17.53 -26.61 25.65
CA VAL D 141 -16.93 -26.44 26.98
C VAL D 141 -17.45 -25.19 27.66
N ARG D 142 -17.56 -24.08 26.94
CA ARG D 142 -17.90 -22.79 27.52
C ARG D 142 -19.40 -22.55 27.64
N ASN D 143 -20.19 -23.00 26.66
CA ASN D 143 -21.64 -22.76 26.66
C ASN D 143 -22.42 -24.07 26.65
N GLY D 144 -21.96 -25.07 27.39
CA GLY D 144 -22.65 -26.35 27.44
C GLY D 144 -23.03 -26.78 28.84
N ASN D 145 -24.04 -27.65 28.94
CA ASN D 145 -24.47 -28.19 30.21
C ASN D 145 -23.68 -29.45 30.55
N GLU D 146 -23.88 -29.94 31.79
CA GLU D 146 -23.12 -31.09 32.25
C GLU D 146 -23.45 -32.34 31.45
N ALA D 147 -24.69 -32.47 30.99
CA ALA D 147 -25.09 -33.66 30.23
C ALA D 147 -24.40 -33.69 28.87
N GLN D 148 -24.42 -32.57 28.15
CA GLN D 148 -23.80 -32.53 26.83
C GLN D 148 -22.28 -32.50 26.92
N LYS D 149 -21.72 -32.10 28.06
CA LYS D 149 -20.28 -32.00 28.24
C LYS D 149 -19.62 -33.35 28.48
N GLU D 150 -20.35 -34.46 28.42
CA GLU D 150 -19.79 -35.79 28.63
C GLU D 150 -20.07 -36.78 27.53
N LYS D 151 -20.90 -36.44 26.54
CA LYS D 151 -21.22 -37.38 25.47
C LYS D 151 -20.36 -37.17 24.24
N TYR D 152 -20.10 -35.92 23.88
CA TYR D 152 -19.36 -35.59 22.66
C TYR D 152 -17.92 -35.19 22.94
N LEU D 153 -17.69 -34.39 23.97
CA LEU D 153 -16.35 -33.87 24.24
C LEU D 153 -15.34 -34.96 24.59
N PRO D 154 -15.66 -35.98 25.41
CA PRO D 154 -14.69 -37.07 25.63
C PRO D 154 -14.30 -37.77 24.34
N LYS D 155 -15.16 -37.66 23.32
CA LYS D 155 -14.87 -38.24 22.01
C LYS D 155 -14.11 -37.27 21.11
N LEU D 156 -14.40 -35.97 21.23
CA LEU D 156 -13.75 -34.98 20.38
C LEU D 156 -12.33 -34.68 20.85
N ILE D 157 -12.14 -34.53 22.17
CA ILE D 157 -10.83 -34.17 22.69
C ILE D 157 -9.83 -35.30 22.48
N SER D 158 -10.28 -36.54 22.63
CA SER D 158 -9.41 -37.71 22.46
C SER D 158 -9.15 -38.04 21.00
N GLY D 159 -9.64 -37.23 20.07
CA GLY D 159 -9.43 -37.48 18.66
C GLY D 159 -10.29 -38.57 18.05
N GLU D 160 -11.18 -39.17 18.83
CA GLU D 160 -12.01 -40.25 18.30
C GLU D 160 -13.08 -39.72 17.36
N TYR D 161 -13.63 -38.54 17.63
CA TYR D 161 -14.60 -37.90 16.78
C TYR D 161 -14.04 -36.58 16.26
N ILE D 162 -14.63 -36.11 15.16
CA ILE D 162 -14.23 -34.85 14.53
C ILE D 162 -15.37 -33.86 14.69
N GLY D 163 -15.02 -32.65 15.13
CA GLY D 163 -16.03 -31.62 15.37
C GLY D 163 -16.01 -30.50 14.34
N ALA D 164 -17.13 -29.82 14.19
CA ALA D 164 -17.25 -28.73 13.22
C ALA D 164 -18.38 -27.81 13.64
N LEU D 165 -18.33 -26.58 13.13
CA LEU D 165 -19.36 -25.58 13.36
C LEU D 165 -20.06 -25.25 12.05
N ALA D 166 -21.36 -24.98 12.13
CA ALA D 166 -22.18 -24.72 10.95
C ALA D 166 -23.08 -23.51 11.22
N MET D 167 -22.72 -22.34 10.65
CA MET D 167 -23.57 -21.17 10.71
C MET D 167 -23.84 -20.58 9.37
N SER D 168 -22.93 -20.70 8.41
CA SER D 168 -23.09 -20.04 7.12
C SER D 168 -24.08 -20.79 6.24
N GLU D 169 -24.61 -20.07 5.24
CA GLU D 169 -25.55 -20.63 4.29
C GLU D 169 -25.42 -19.83 2.99
N PRO D 170 -25.90 -20.38 1.86
CA PRO D 170 -25.74 -19.65 0.58
C PRO D 170 -26.38 -18.26 0.58
N ASN D 171 -27.51 -18.09 1.25
CA ASN D 171 -28.18 -16.80 1.28
C ASN D 171 -27.68 -15.89 2.41
N ALA D 172 -26.85 -16.41 3.32
CA ALA D 172 -26.31 -15.64 4.44
C ALA D 172 -24.87 -16.09 4.69
N GLY D 173 -23.92 -15.35 4.12
CA GLY D 173 -22.51 -15.61 4.35
C GLY D 173 -21.85 -14.45 5.06
N SER D 174 -22.53 -13.30 5.07
CA SER D 174 -22.04 -12.12 5.76
C SER D 174 -23.10 -11.63 6.75
N ASP D 175 -24.37 -11.77 6.38
CA ASP D 175 -25.47 -11.43 7.25
C ASP D 175 -25.96 -12.66 8.00
N VAL D 176 -25.21 -13.07 9.02
CA VAL D 176 -25.47 -14.34 9.70
C VAL D 176 -26.84 -14.33 10.41
N VAL D 177 -27.40 -13.16 10.71
CA VAL D 177 -28.68 -13.12 11.42
C VAL D 177 -29.87 -13.27 10.48
N SER D 178 -29.64 -13.42 9.18
CA SER D 178 -30.70 -13.55 8.19
C SER D 178 -30.84 -14.97 7.66
N MET D 179 -30.66 -15.98 8.51
CA MET D 179 -30.77 -17.36 8.08
C MET D 179 -32.19 -17.69 7.60
N LYS D 180 -32.30 -18.80 6.88
CA LYS D 180 -33.59 -19.28 6.40
C LYS D 180 -33.93 -20.69 6.88
N LEU D 181 -32.99 -21.38 7.53
CA LEU D 181 -33.25 -22.72 8.04
C LEU D 181 -34.25 -22.66 9.18
N LYS D 182 -35.48 -23.14 8.93
CA LYS D 182 -36.51 -23.11 9.95
C LYS D 182 -36.42 -24.34 10.84
N ALA D 183 -36.83 -24.17 12.10
CA ALA D 183 -36.82 -25.25 13.10
C ALA D 183 -38.19 -25.27 13.78
N GLU D 184 -39.02 -26.24 13.41
CA GLU D 184 -40.35 -26.39 13.96
C GLU D 184 -40.32 -27.39 15.12
N LYS D 185 -41.11 -27.09 16.15
CA LYS D 185 -41.16 -27.92 17.36
C LYS D 185 -42.42 -28.78 17.33
N LYS D 186 -42.25 -30.08 17.55
CA LYS D 186 -43.35 -31.03 17.61
C LYS D 186 -43.25 -31.88 18.87
N GLY D 187 -42.89 -31.26 19.99
CA GLY D 187 -42.77 -31.97 21.24
C GLY D 187 -41.39 -31.89 21.85
N ASN D 188 -40.71 -33.03 21.96
CA ASN D 188 -39.35 -33.10 22.51
C ASN D 188 -38.30 -33.28 21.41
N HIS D 189 -38.67 -33.02 20.15
CA HIS D 189 -37.74 -33.15 19.04
C HIS D 189 -37.97 -32.02 18.05
N TYR D 190 -36.88 -31.44 17.56
CA TYR D 190 -36.92 -30.35 16.60
C TYR D 190 -36.54 -30.86 15.22
N ILE D 191 -37.33 -30.53 14.21
CA ILE D 191 -37.11 -30.98 12.85
C ILE D 191 -36.47 -29.81 12.09
N LEU D 192 -35.21 -30.00 11.67
CA LEU D 192 -34.52 -28.98 10.92
C LEU D 192 -34.79 -29.11 9.43
N ASN D 193 -35.08 -27.99 8.78
CA ASN D 193 -35.35 -27.96 7.35
C ASN D 193 -34.64 -26.75 6.75
N GLY D 194 -33.86 -26.99 5.69
CA GLY D 194 -33.13 -25.92 5.04
C GLY D 194 -31.85 -26.40 4.39
N ASN D 195 -30.90 -25.49 4.20
CA ASN D 195 -29.63 -25.81 3.56
C ASN D 195 -28.55 -24.85 4.05
N LYS D 196 -27.33 -25.38 4.20
CA LYS D 196 -26.19 -24.58 4.62
C LYS D 196 -25.02 -24.84 3.68
N PHE D 197 -24.09 -23.90 3.63
CA PHE D 197 -22.98 -23.98 2.71
C PHE D 197 -21.70 -23.58 3.43
N TRP D 198 -20.57 -24.01 2.86
CA TRP D 198 -19.24 -23.68 3.38
C TRP D 198 -19.05 -24.15 4.82
N ILE D 199 -19.31 -25.42 5.09
CA ILE D 199 -19.10 -25.99 6.41
C ILE D 199 -17.75 -26.71 6.42
N THR D 200 -16.81 -26.20 7.21
CA THR D 200 -15.49 -26.80 7.29
C THR D 200 -15.58 -28.19 7.93
N ASN D 201 -14.78 -29.12 7.42
CA ASN D 201 -14.77 -30.51 7.86
C ASN D 201 -16.13 -31.18 7.72
N GLY D 202 -16.88 -30.84 6.67
CA GLY D 202 -18.22 -31.38 6.48
C GLY D 202 -18.29 -32.88 6.32
N PRO D 203 -17.66 -33.46 5.29
CA PRO D 203 -17.84 -34.90 5.03
C PRO D 203 -17.22 -35.81 6.08
N ASP D 204 -16.45 -35.28 7.03
CA ASP D 204 -15.77 -36.14 7.99
C ASP D 204 -16.04 -35.81 9.45
N ALA D 205 -16.78 -34.75 9.77
CA ALA D 205 -17.07 -34.44 11.16
C ALA D 205 -18.14 -35.37 11.71
N ASP D 206 -17.93 -35.85 12.93
CA ASP D 206 -18.90 -36.69 13.61
C ASP D 206 -19.85 -35.89 14.50
N VAL D 207 -19.44 -34.70 14.95
CA VAL D 207 -20.28 -33.83 15.75
C VAL D 207 -20.27 -32.45 15.10
N LEU D 208 -21.46 -31.95 14.75
CA LEU D 208 -21.61 -30.68 14.07
C LEU D 208 -22.55 -29.78 14.86
N ILE D 209 -22.11 -28.55 15.12
CA ILE D 209 -22.94 -27.55 15.80
C ILE D 209 -23.62 -26.73 14.73
N VAL D 210 -24.92 -26.98 14.52
CA VAL D 210 -25.70 -26.32 13.48
C VAL D 210 -26.61 -25.30 14.15
N TYR D 211 -26.60 -24.07 13.63
CA TYR D 211 -27.46 -23.00 14.11
C TYR D 211 -28.70 -22.92 13.23
N ALA D 212 -29.87 -22.83 13.86
CA ALA D 212 -31.12 -22.78 13.13
C ALA D 212 -32.07 -21.79 13.81
N LYS D 213 -32.99 -21.25 13.02
CA LYS D 213 -33.96 -20.27 13.49
C LYS D 213 -35.24 -20.99 13.91
N THR D 214 -35.55 -20.95 15.20
CA THR D 214 -36.78 -21.57 15.69
C THR D 214 -37.97 -20.62 15.60
N ASP D 215 -37.75 -19.32 15.52
CA ASP D 215 -38.82 -18.33 15.45
C ASP D 215 -38.49 -17.39 14.28
N LEU D 216 -39.08 -17.66 13.12
CA LEU D 216 -38.85 -16.86 11.93
C LEU D 216 -39.82 -15.67 11.82
N ALA D 217 -40.65 -15.45 12.83
CA ALA D 217 -41.61 -14.35 12.81
C ALA D 217 -41.28 -13.26 13.82
N ALA D 218 -40.22 -13.42 14.61
CA ALA D 218 -39.85 -12.40 15.56
C ALA D 218 -39.23 -11.19 14.85
N VAL D 219 -39.52 -10.00 15.37
CA VAL D 219 -39.01 -8.76 14.80
C VAL D 219 -37.49 -8.70 14.96
N PRO D 220 -36.93 -8.94 16.15
CA PRO D 220 -35.46 -8.99 16.25
C PRO D 220 -34.93 -10.27 15.61
N ALA D 221 -34.04 -10.11 14.62
CA ALA D 221 -33.47 -11.28 13.96
C ALA D 221 -32.57 -12.07 14.88
N SER D 222 -31.95 -11.41 15.87
CA SER D 222 -31.05 -12.10 16.78
C SER D 222 -31.78 -12.92 17.82
N ARG D 223 -33.07 -12.66 18.03
CA ARG D 223 -33.85 -13.38 19.03
C ARG D 223 -34.42 -14.69 18.52
N GLY D 224 -34.33 -14.97 17.22
CA GLY D 224 -34.86 -16.19 16.68
C GLY D 224 -33.88 -17.32 16.45
N ILE D 225 -32.59 -17.05 16.64
CA ILE D 225 -31.54 -18.03 16.36
C ILE D 225 -31.37 -18.95 17.57
N THR D 226 -31.17 -20.24 17.31
CA THR D 226 -30.99 -21.24 18.34
C THR D 226 -29.96 -22.26 17.87
N ALA D 227 -29.04 -22.62 18.75
CA ALA D 227 -27.98 -23.57 18.42
C ALA D 227 -28.44 -25.00 18.69
N PHE D 228 -27.89 -25.94 17.91
CA PHE D 228 -28.22 -27.35 18.04
C PHE D 228 -26.96 -28.18 17.83
N ILE D 229 -26.99 -29.40 18.37
CA ILE D 229 -25.89 -30.34 18.25
C ILE D 229 -26.32 -31.47 17.32
N VAL D 230 -25.55 -31.71 16.26
CA VAL D 230 -25.84 -32.73 15.27
C VAL D 230 -24.75 -33.79 15.31
N GLU D 231 -25.17 -35.04 15.23
CA GLU D 231 -24.25 -36.18 15.22
C GLU D 231 -24.42 -36.95 13.90
N LYS D 232 -23.31 -37.50 13.42
CA LYS D 232 -23.33 -38.26 12.18
C LYS D 232 -24.22 -39.50 12.32
N GLY D 233 -25.03 -39.74 11.30
CA GLY D 233 -25.93 -40.87 11.30
C GLY D 233 -27.37 -40.55 11.64
N MET D 234 -27.70 -39.29 11.86
CA MET D 234 -29.09 -38.92 12.15
C MET D 234 -29.92 -38.97 10.87
N PRO D 235 -31.20 -39.32 10.98
CA PRO D 235 -32.05 -39.36 9.78
C PRO D 235 -32.32 -37.97 9.24
N GLY D 236 -32.35 -37.86 7.92
CA GLY D 236 -32.59 -36.59 7.27
C GLY D 236 -31.31 -35.81 7.03
N PHE D 237 -30.28 -36.05 7.83
CA PHE D 237 -29.01 -35.37 7.65
C PHE D 237 -28.17 -36.06 6.59
N SER D 238 -27.54 -35.26 5.74
CA SER D 238 -26.70 -35.80 4.67
C SER D 238 -25.69 -34.75 4.25
N THR D 239 -24.59 -35.21 3.66
CA THR D 239 -23.52 -34.35 3.19
C THR D 239 -23.45 -34.41 1.67
N SER D 240 -23.19 -33.26 1.05
CA SER D 240 -23.11 -33.17 -0.40
C SER D 240 -21.68 -33.42 -0.87
N LYS D 241 -21.44 -33.15 -2.15
CA LYS D 241 -20.12 -33.36 -2.73
C LYS D 241 -19.13 -32.34 -2.17
N LYS D 242 -17.90 -32.79 -1.94
CA LYS D 242 -16.86 -31.90 -1.43
C LYS D 242 -16.48 -30.86 -2.47
N LEU D 243 -16.24 -29.64 -2.01
CA LEU D 243 -15.92 -28.54 -2.92
C LEU D 243 -14.43 -28.55 -3.26
N ASP D 244 -14.13 -28.21 -4.52
CA ASP D 244 -12.76 -28.08 -4.99
C ASP D 244 -12.37 -26.61 -4.87
N LYS D 245 -11.88 -26.23 -3.70
CA LYS D 245 -11.54 -24.85 -3.43
C LYS D 245 -10.26 -24.45 -4.17
N LEU D 246 -10.09 -23.14 -4.32
CA LEU D 246 -8.88 -22.62 -4.97
C LEU D 246 -7.65 -22.91 -4.14
N GLY D 247 -7.72 -22.66 -2.83
CA GLY D 247 -6.61 -22.92 -1.94
C GLY D 247 -7.08 -23.71 -0.74
N MET D 248 -6.15 -23.96 0.17
CA MET D 248 -6.42 -24.72 1.40
C MET D 248 -6.97 -26.12 1.11
N ARG D 249 -6.61 -26.68 -0.04
CA ARG D 249 -7.10 -28.00 -0.41
C ARG D 249 -6.55 -29.06 0.53
N GLY D 250 -7.44 -29.83 1.12
CA GLY D 250 -7.08 -30.79 2.16
C GLY D 250 -8.02 -30.68 3.34
N SER D 251 -8.49 -29.48 3.62
CA SER D 251 -9.53 -29.24 4.61
C SER D 251 -10.88 -29.45 3.95
N ASN D 252 -11.56 -30.54 4.29
CA ASN D 252 -12.80 -30.90 3.63
C ASN D 252 -13.88 -29.85 3.87
N THR D 253 -14.62 -29.53 2.81
CA THR D 253 -15.73 -28.60 2.88
C THR D 253 -16.79 -29.04 1.87
N CYS D 254 -18.04 -29.09 2.31
CA CYS D 254 -19.13 -29.53 1.45
C CYS D 254 -20.40 -28.78 1.83
N GLU D 255 -21.54 -29.25 1.34
CA GLU D 255 -22.83 -28.64 1.58
C GLU D 255 -23.69 -29.56 2.45
N LEU D 256 -24.37 -28.98 3.43
CA LEU D 256 -25.23 -29.73 4.32
C LEU D 256 -26.67 -29.64 3.84
N ILE D 257 -27.37 -30.78 3.83
CA ILE D 257 -28.74 -30.87 3.37
C ILE D 257 -29.58 -31.44 4.50
N PHE D 258 -30.63 -30.73 4.89
CA PHE D 258 -31.54 -31.16 5.95
C PHE D 258 -32.92 -31.37 5.37
N GLU D 259 -33.41 -32.60 5.43
CA GLU D 259 -34.73 -32.96 4.92
C GLU D 259 -35.43 -33.79 5.99
N ASP D 260 -36.28 -33.13 6.78
CA ASP D 260 -37.04 -33.77 7.86
C ASP D 260 -36.10 -34.46 8.85
N CYS D 261 -35.25 -33.65 9.48
CA CYS D 261 -34.32 -34.16 10.47
C CYS D 261 -35.06 -34.45 11.78
N LYS D 262 -34.32 -35.02 12.73
CA LYS D 262 -34.90 -35.40 14.02
C LYS D 262 -33.81 -35.29 15.08
N ILE D 263 -33.82 -34.19 15.82
CA ILE D 263 -32.84 -33.92 16.87
C ILE D 263 -33.59 -33.79 18.19
N PRO D 264 -33.18 -34.51 19.23
CA PRO D 264 -33.88 -34.40 20.53
C PRO D 264 -33.71 -33.01 21.12
N ALA D 265 -34.62 -32.65 22.03
CA ALA D 265 -34.56 -31.35 22.67
C ALA D 265 -33.37 -31.23 23.62
N ALA D 266 -32.84 -32.35 24.10
CA ALA D 266 -31.70 -32.32 25.01
C ALA D 266 -30.40 -31.90 24.31
N ASN D 267 -30.36 -31.95 22.98
CA ASN D 267 -29.17 -31.57 22.22
C ASN D 267 -29.09 -30.08 21.92
N ILE D 268 -30.02 -29.29 22.45
CA ILE D 268 -29.98 -27.84 22.21
C ILE D 268 -28.80 -27.24 22.97
N LEU D 269 -27.99 -26.47 22.26
CA LEU D 269 -26.84 -25.79 22.84
C LEU D 269 -27.27 -24.39 23.27
N GLY D 270 -27.02 -24.06 24.53
CA GLY D 270 -27.46 -22.77 25.04
C GLY D 270 -28.91 -22.82 25.45
N HIS D 271 -29.70 -21.86 24.96
CA HIS D 271 -31.12 -21.79 25.25
C HIS D 271 -31.89 -21.50 23.98
N GLU D 272 -33.17 -21.86 23.99
CA GLU D 272 -34.02 -21.63 22.83
C GLU D 272 -34.32 -20.15 22.68
N ASN D 273 -34.30 -19.67 21.42
CA ASN D 273 -34.55 -18.28 21.07
C ASN D 273 -33.58 -17.31 21.75
N LYS D 274 -32.41 -17.82 22.18
CA LYS D 274 -31.40 -16.98 22.80
C LYS D 274 -30.00 -17.29 22.28
N GLY D 275 -29.88 -17.79 21.05
CA GLY D 275 -28.58 -18.11 20.48
C GLY D 275 -27.79 -16.92 20.00
N VAL D 276 -28.24 -15.70 20.28
CA VAL D 276 -27.53 -14.51 19.82
C VAL D 276 -26.18 -14.40 20.51
N TYR D 277 -26.15 -14.48 21.84
CA TYR D 277 -24.89 -14.41 22.55
C TYR D 277 -24.08 -15.69 22.39
N VAL D 278 -24.75 -16.82 22.13
CA VAL D 278 -24.04 -18.07 21.92
C VAL D 278 -23.30 -18.03 20.59
N LEU D 279 -23.95 -17.51 19.55
CA LEU D 279 -23.33 -17.43 18.23
C LEU D 279 -22.14 -16.47 18.25
N MET D 280 -22.39 -15.21 18.60
CA MET D 280 -21.33 -14.21 18.60
C MET D 280 -20.50 -14.21 19.88
N SER D 281 -20.10 -15.39 20.35
CA SER D 281 -19.11 -15.51 21.41
C SER D 281 -17.99 -16.43 20.93
N GLY D 282 -18.38 -17.47 20.17
CA GLY D 282 -17.37 -18.33 19.57
C GLY D 282 -16.78 -17.73 18.31
N LEU D 283 -17.53 -16.85 17.65
CA LEU D 283 -17.01 -16.17 16.46
C LEU D 283 -15.87 -15.22 16.81
N ASP D 284 -15.81 -14.75 18.06
CA ASP D 284 -14.72 -13.91 18.53
C ASP D 284 -13.47 -14.69 18.90
N LEU D 285 -13.62 -15.78 19.66
CA LEU D 285 -12.50 -16.67 19.91
C LEU D 285 -12.00 -17.33 18.63
N ALA D 286 -12.87 -17.50 17.64
CA ALA D 286 -12.44 -17.99 16.33
C ALA D 286 -11.47 -17.00 15.70
N ARG D 287 -11.85 -15.73 15.62
CA ARG D 287 -10.98 -14.71 15.06
C ARG D 287 -9.69 -14.58 15.89
N LEU D 288 -9.80 -14.79 17.20
CA LEU D 288 -8.60 -14.72 18.05
C LEU D 288 -7.66 -15.88 17.79
N VAL D 289 -8.20 -17.10 17.71
CA VAL D 289 -7.34 -18.27 17.59
C VAL D 289 -6.90 -18.49 16.15
N LEU D 290 -7.81 -18.32 15.19
CA LEU D 290 -7.46 -18.52 13.79
C LEU D 290 -6.48 -17.48 13.28
N ALA D 291 -6.17 -16.45 14.07
CA ALA D 291 -5.17 -15.47 13.66
C ALA D 291 -3.78 -16.10 13.58
N GLY D 292 -3.55 -17.20 14.30
CA GLY D 292 -2.27 -17.88 14.22
C GLY D 292 -2.08 -18.62 12.90
N GLY D 293 -3.15 -18.79 12.13
CA GLY D 293 -3.08 -19.44 10.84
C GLY D 293 -2.14 -18.76 9.88
N PRO D 294 -2.45 -17.50 9.52
CA PRO D 294 -1.53 -16.75 8.63
C PRO D 294 -0.16 -16.53 9.24
N LEU D 295 -0.05 -16.53 10.57
CA LEU D 295 1.27 -16.44 11.20
C LEU D 295 2.13 -17.64 10.80
N GLY D 296 1.56 -18.85 10.84
CA GLY D 296 2.29 -20.01 10.40
C GLY D 296 2.65 -19.97 8.93
N LEU D 297 1.76 -19.41 8.11
CA LEU D 297 2.05 -19.28 6.68
C LEU D 297 3.22 -18.33 6.45
N MET D 298 3.25 -17.20 7.16
CA MET D 298 4.37 -16.28 7.03
C MET D 298 5.66 -16.91 7.54
N GLN D 299 5.58 -17.64 8.65
CA GLN D 299 6.77 -18.33 9.15
C GLN D 299 7.27 -19.35 8.14
N ALA D 300 6.36 -20.05 7.46
CA ALA D 300 6.76 -21.05 6.47
C ALA D 300 7.40 -20.40 5.25
N VAL D 301 6.80 -19.31 4.75
CA VAL D 301 7.37 -18.66 3.58
C VAL D 301 8.71 -18.01 3.92
N LEU D 302 8.91 -17.62 5.19
CA LEU D 302 10.21 -17.09 5.58
C LEU D 302 11.24 -18.20 5.71
N ASP D 303 10.87 -19.32 6.33
CA ASP D 303 11.78 -20.46 6.43
C ASP D 303 12.10 -21.07 5.07
N HIS D 304 11.26 -20.82 4.06
CA HIS D 304 11.55 -21.27 2.71
C HIS D 304 12.26 -20.21 1.87
N THR D 305 12.15 -18.93 2.24
CA THR D 305 12.72 -17.86 1.42
C THR D 305 14.15 -17.55 1.84
N ILE D 306 14.40 -17.51 3.16
CA ILE D 306 15.74 -17.11 3.64
C ILE D 306 16.83 -18.07 3.17
N PRO D 307 16.69 -19.40 3.32
CA PRO D 307 17.76 -20.28 2.82
C PRO D 307 17.89 -20.28 1.31
N TYR D 308 16.78 -20.07 0.58
CA TYR D 308 16.84 -20.08 -0.87
C TYR D 308 17.61 -18.87 -1.40
N LEU D 309 17.47 -17.72 -0.74
CA LEU D 309 18.18 -16.52 -1.17
C LEU D 309 19.68 -16.60 -0.87
N HIS D 310 20.10 -17.54 -0.03
CA HIS D 310 21.51 -17.70 0.32
C HIS D 310 22.16 -18.86 -0.42
N VAL D 311 21.43 -19.50 -1.35
CA VAL D 311 21.99 -20.60 -2.13
C VAL D 311 21.86 -20.27 -3.61
N ARG D 312 20.92 -19.39 -3.94
CA ARG D 312 20.75 -18.97 -5.32
C ARG D 312 21.68 -17.80 -5.63
N GLU D 313 22.39 -17.88 -6.75
CA GLU D 313 23.35 -16.86 -7.15
C GLU D 313 22.94 -16.25 -8.48
N ALA D 314 23.14 -14.93 -8.59
CA ALA D 314 22.84 -14.21 -9.82
C ALA D 314 23.79 -13.03 -9.95
N PHE D 315 24.28 -12.81 -11.17
CA PHE D 315 25.23 -11.75 -11.47
C PHE D 315 26.51 -11.90 -10.65
N GLY D 316 26.92 -13.16 -10.42
CA GLY D 316 28.13 -13.45 -9.68
C GLY D 316 28.00 -13.35 -8.17
N GLN D 317 26.83 -13.00 -7.64
CA GLN D 317 26.62 -12.87 -6.22
C GLN D 317 25.32 -13.56 -5.82
N LYS D 318 25.22 -13.90 -4.54
CA LYS D 318 23.98 -14.48 -4.03
C LYS D 318 22.87 -13.44 -4.06
N ILE D 319 21.66 -13.88 -4.42
CA ILE D 319 20.53 -12.97 -4.53
C ILE D 319 20.16 -12.35 -3.19
N GLY D 320 20.51 -13.01 -2.08
CA GLY D 320 20.21 -12.48 -0.77
C GLY D 320 21.02 -11.25 -0.38
N HIS D 321 22.07 -10.93 -1.14
CA HIS D 321 22.91 -9.78 -0.83
C HIS D 321 22.46 -8.50 -1.52
N PHE D 322 21.56 -8.58 -2.49
CA PHE D 322 21.07 -7.38 -3.17
C PHE D 322 20.15 -6.59 -2.24
N GLN D 323 20.18 -5.26 -2.40
CA GLN D 323 19.45 -4.41 -1.46
C GLN D 323 17.94 -4.57 -1.60
N LEU D 324 17.47 -4.91 -2.80
CA LEU D 324 16.03 -5.10 -2.98
C LEU D 324 15.54 -6.37 -2.26
N MET D 325 16.26 -7.47 -2.39
CA MET D 325 15.89 -8.68 -1.66
C MET D 325 16.06 -8.48 -0.16
N GLN D 326 17.07 -7.71 0.25
CA GLN D 326 17.22 -7.39 1.66
C GLN D 326 16.04 -6.58 2.18
N GLY D 327 15.56 -5.62 1.39
CA GLY D 327 14.39 -4.86 1.80
C GLY D 327 13.14 -5.71 1.87
N LYS D 328 12.99 -6.63 0.90
CA LYS D 328 11.86 -7.55 0.94
C LYS D 328 11.89 -8.43 2.19
N MET D 329 13.06 -8.98 2.51
CA MET D 329 13.18 -9.80 3.72
C MET D 329 12.92 -8.97 4.97
N ALA D 330 13.39 -7.72 4.99
CA ALA D 330 13.14 -6.85 6.13
C ALA D 330 11.66 -6.59 6.31
N ASP D 331 10.97 -6.26 5.22
CA ASP D 331 9.53 -6.02 5.30
C ASP D 331 8.77 -7.26 5.76
N MET D 332 9.12 -8.43 5.21
CA MET D 332 8.43 -9.66 5.61
C MET D 332 8.67 -9.96 7.09
N TYR D 333 9.92 -9.83 7.55
CA TYR D 333 10.23 -10.12 8.94
C TYR D 333 9.52 -9.15 9.87
N THR D 334 9.52 -7.86 9.53
CA THR D 334 8.85 -6.87 10.37
C THR D 334 7.35 -7.12 10.42
N ARG D 335 6.74 -7.45 9.29
CA ARG D 335 5.30 -7.72 9.28
C ARG D 335 4.97 -8.96 10.10
N LEU D 336 5.77 -10.02 9.97
CA LEU D 336 5.54 -11.23 10.75
C LEU D 336 5.69 -10.95 12.25
N MET D 337 6.74 -10.22 12.64
CA MET D 337 6.96 -9.93 14.05
C MET D 337 5.88 -9.01 14.61
N ALA D 338 5.35 -8.11 13.78
CA ALA D 338 4.29 -7.23 14.24
C ALA D 338 2.98 -7.99 14.42
N CYS D 339 2.65 -8.86 13.47
CA CYS D 339 1.41 -9.63 13.57
C CYS D 339 1.49 -10.69 14.67
N ARG D 340 2.70 -11.18 14.96
CA ARG D 340 2.84 -12.25 15.94
C ARG D 340 2.68 -11.74 17.37
N GLN D 341 3.30 -10.59 17.68
CA GLN D 341 3.20 -10.06 19.04
C GLN D 341 1.80 -9.56 19.35
N TYR D 342 1.09 -9.03 18.35
CA TYR D 342 -0.27 -8.52 18.58
C TYR D 342 -1.20 -9.63 19.02
N VAL D 343 -1.24 -10.73 18.26
CA VAL D 343 -2.14 -11.84 18.59
C VAL D 343 -1.77 -12.45 19.94
N TYR D 344 -0.47 -12.59 20.20
CA TYR D 344 -0.03 -13.17 21.46
C TYR D 344 -0.42 -12.28 22.65
N ASN D 345 -0.27 -10.97 22.52
CA ASN D 345 -0.64 -10.07 23.60
C ASN D 345 -2.15 -10.04 23.81
N VAL D 346 -2.93 -10.10 22.73
CA VAL D 346 -4.38 -10.15 22.87
C VAL D 346 -4.81 -11.44 23.54
N ALA D 347 -4.12 -12.55 23.22
CA ALA D 347 -4.43 -13.82 23.87
C ALA D 347 -4.06 -13.78 25.35
N LYS D 348 -2.92 -13.16 25.67
CA LYS D 348 -2.54 -12.99 27.08
C LYS D 348 -3.57 -12.16 27.83
N ALA D 349 -4.11 -11.11 27.20
CA ALA D 349 -5.16 -10.32 27.83
C ALA D 349 -6.45 -11.10 27.97
N CYS D 350 -6.71 -12.01 27.02
CA CYS D 350 -7.95 -12.79 27.08
C CYS D 350 -7.90 -13.84 28.18
N ASP D 351 -6.70 -14.34 28.50
CA ASP D 351 -6.54 -15.37 29.52
C ASP D 351 -6.71 -14.85 30.94
N GLU D 352 -7.03 -13.56 31.14
CA GLU D 352 -7.23 -13.02 32.48
C GLU D 352 -8.61 -12.46 32.73
N GLY D 353 -9.48 -12.36 31.72
CA GLY D 353 -10.82 -11.84 31.92
C GLY D 353 -11.18 -10.72 30.98
N HIS D 354 -10.18 -10.07 30.40
CA HIS D 354 -10.38 -8.94 29.49
C HIS D 354 -10.47 -9.47 28.07
N CYS D 355 -11.69 -9.51 27.52
CA CYS D 355 -11.93 -9.96 26.17
C CYS D 355 -12.64 -8.87 25.37
N THR D 356 -12.34 -8.81 24.08
CA THR D 356 -12.94 -7.82 23.19
C THR D 356 -13.00 -8.38 21.78
N ALA D 357 -14.18 -8.37 21.18
CA ALA D 357 -14.33 -8.88 19.82
C ALA D 357 -13.63 -7.99 18.80
N LYS D 358 -13.56 -6.69 19.09
CA LYS D 358 -12.91 -5.74 18.18
C LYS D 358 -11.45 -6.13 17.97
N ASP D 359 -10.72 -6.37 19.06
CA ASP D 359 -9.31 -6.72 18.93
C ASP D 359 -9.14 -8.10 18.31
N CYS D 360 -10.05 -9.03 18.61
CA CYS D 360 -9.96 -10.37 18.03
C CYS D 360 -10.15 -10.34 16.53
N ALA D 361 -11.03 -9.45 16.04
CA ALA D 361 -11.19 -9.29 14.60
C ALA D 361 -10.01 -8.54 13.99
N GLY D 362 -9.50 -7.53 14.70
CA GLY D 362 -8.41 -6.74 14.17
C GLY D 362 -7.13 -7.54 13.99
N VAL D 363 -6.80 -8.38 14.98
CA VAL D 363 -5.57 -9.15 14.88
C VAL D 363 -5.61 -10.08 13.68
N ILE D 364 -6.73 -10.77 13.46
CA ILE D 364 -6.80 -11.70 12.34
C ILE D 364 -6.88 -10.99 11.00
N LEU D 365 -7.59 -9.85 10.92
CA LEU D 365 -7.63 -9.14 9.64
C LEU D 365 -6.26 -8.58 9.28
N TYR D 366 -5.53 -8.03 10.26
CA TYR D 366 -4.18 -7.53 10.00
C TYR D 366 -3.24 -8.66 9.64
N SER D 367 -3.37 -9.80 10.34
CA SER D 367 -2.51 -10.95 10.03
C SER D 367 -2.74 -11.43 8.60
N ALA D 368 -4.01 -11.52 8.18
CA ALA D 368 -4.30 -11.98 6.82
C ALA D 368 -3.81 -10.97 5.78
N GLU D 369 -4.05 -9.68 6.02
CA GLU D 369 -3.63 -8.66 5.07
C GLU D 369 -2.12 -8.60 4.94
N CYS D 370 -1.38 -8.88 6.03
CA CYS D 370 0.07 -8.91 5.95
C CYS D 370 0.56 -10.20 5.31
N ALA D 371 -0.10 -11.33 5.62
CA ALA D 371 0.34 -12.61 5.10
C ALA D 371 0.15 -12.70 3.59
N THR D 372 -0.90 -12.09 3.05
CA THR D 372 -1.07 -12.07 1.61
C THR D 372 0.11 -11.40 0.92
N GLN D 373 0.49 -10.21 1.40
CA GLN D 373 1.61 -9.49 0.79
C GLN D 373 2.94 -10.22 1.02
N VAL D 374 3.09 -10.87 2.18
CA VAL D 374 4.32 -11.60 2.46
C VAL D 374 4.43 -12.81 1.54
N ALA D 375 3.32 -13.49 1.27
CA ALA D 375 3.35 -14.61 0.33
C ALA D 375 3.64 -14.12 -1.09
N LEU D 376 3.06 -12.97 -1.46
CA LEU D 376 3.38 -12.38 -2.76
C LEU D 376 4.86 -12.08 -2.89
N ASP D 377 5.46 -11.49 -1.85
CA ASP D 377 6.89 -11.19 -1.88
C ASP D 377 7.73 -12.46 -1.91
N GLY D 378 7.32 -13.49 -1.17
CA GLY D 378 8.04 -14.75 -1.18
C GLY D 378 8.01 -15.43 -2.53
N ILE D 379 6.88 -15.35 -3.24
CA ILE D 379 6.82 -15.85 -4.61
C ILE D 379 7.69 -14.97 -5.51
N GLN D 380 7.73 -13.67 -5.25
CA GLN D 380 8.56 -12.78 -6.04
C GLN D 380 10.05 -13.06 -5.86
N CYS D 381 10.45 -13.49 -4.66
CA CYS D 381 11.86 -13.76 -4.40
C CYS D 381 12.36 -15.01 -5.11
N PHE D 382 11.47 -15.94 -5.45
CA PHE D 382 11.87 -17.16 -6.13
C PHE D 382 11.91 -17.03 -7.65
N GLY D 383 11.21 -16.07 -8.22
CA GLY D 383 11.23 -15.89 -9.66
C GLY D 383 10.43 -16.98 -10.35
N GLY D 384 11.09 -17.71 -11.24
CA GLY D 384 10.40 -18.75 -11.99
C GLY D 384 10.01 -19.94 -11.13
N ASN D 385 10.88 -20.30 -10.18
CA ASN D 385 10.62 -21.47 -9.34
C ASN D 385 9.42 -21.27 -8.43
N GLY D 386 9.07 -20.03 -8.11
CA GLY D 386 7.91 -19.77 -7.28
C GLY D 386 6.57 -19.89 -7.96
N TYR D 387 6.57 -20.21 -9.26
CA TYR D 387 5.34 -20.31 -10.02
C TYR D 387 4.89 -21.75 -10.25
N ILE D 388 5.83 -22.68 -10.42
CA ILE D 388 5.46 -24.07 -10.63
C ILE D 388 4.94 -24.68 -9.32
N ASN D 389 4.25 -25.81 -9.46
CA ASN D 389 3.70 -26.53 -8.31
C ASN D 389 4.73 -27.38 -7.58
N ASP D 390 5.96 -27.46 -8.10
CA ASP D 390 7.01 -28.20 -7.41
C ASP D 390 7.51 -27.47 -6.16
N PHE D 391 7.10 -26.22 -5.96
CA PHE D 391 7.46 -25.44 -4.78
C PHE D 391 6.20 -24.98 -4.06
N PRO D 392 6.25 -24.86 -2.73
CA PRO D 392 5.03 -24.49 -1.98
C PRO D 392 4.71 -23.00 -2.04
N MET D 393 5.35 -22.28 -2.95
CA MET D 393 5.14 -20.83 -3.05
C MET D 393 3.69 -20.52 -3.42
N GLY D 394 3.20 -21.11 -4.51
CA GLY D 394 1.82 -20.87 -4.91
C GLY D 394 0.81 -21.43 -3.92
N ARG D 395 1.15 -22.55 -3.27
CA ARG D 395 0.27 -23.13 -2.27
C ARG D 395 0.05 -22.16 -1.11
N PHE D 396 1.13 -21.59 -0.58
CA PHE D 396 1.03 -20.66 0.53
C PHE D 396 0.29 -19.38 0.13
N LEU D 397 0.37 -19.00 -1.14
CA LEU D 397 -0.39 -17.84 -1.61
C LEU D 397 -1.88 -18.17 -1.65
N ARG D 398 -2.23 -19.33 -2.22
CA ARG D 398 -3.63 -19.73 -2.28
C ARG D 398 -4.20 -19.96 -0.88
N ASP D 399 -3.35 -20.41 0.06
CA ASP D 399 -3.81 -20.65 1.42
C ASP D 399 -4.02 -19.33 2.17
N ALA D 400 -3.20 -18.32 1.87
CA ALA D 400 -3.30 -17.06 2.59
C ALA D 400 -4.57 -16.31 2.24
N LYS D 401 -5.13 -16.53 1.05
CA LYS D 401 -6.31 -15.79 0.62
C LYS D 401 -7.57 -16.22 1.36
N LEU D 402 -7.52 -17.34 2.09
CA LEU D 402 -8.71 -17.82 2.80
C LEU D 402 -9.09 -16.89 3.94
N TYR D 403 -8.11 -16.54 4.78
CA TYR D 403 -8.38 -15.76 5.98
C TYR D 403 -8.89 -14.35 5.68
N GLU D 404 -8.80 -13.89 4.44
CA GLU D 404 -9.34 -12.58 4.08
C GLU D 404 -10.82 -12.64 3.75
N ILE D 405 -11.28 -13.72 3.14
CA ILE D 405 -12.68 -13.89 2.78
C ILE D 405 -13.38 -14.91 3.67
N GLY D 406 -12.69 -15.96 4.07
CA GLY D 406 -13.28 -16.95 4.94
C GLY D 406 -13.19 -16.58 6.41
N ALA D 407 -14.03 -17.23 7.21
CA ALA D 407 -14.11 -17.00 8.65
C ALA D 407 -14.39 -15.52 8.95
N GLY D 408 -15.19 -14.88 8.11
CA GLY D 408 -15.50 -13.48 8.27
C GLY D 408 -14.64 -12.59 7.40
N THR D 409 -15.27 -11.88 6.46
CA THR D 409 -14.52 -11.01 5.57
C THR D 409 -13.99 -9.79 6.33
N SER D 410 -13.06 -9.08 5.70
CA SER D 410 -12.48 -7.90 6.31
C SER D 410 -13.51 -6.78 6.47
N GLU D 411 -14.48 -6.70 5.56
CA GLU D 411 -15.50 -5.68 5.66
C GLU D 411 -16.36 -5.85 6.91
N VAL D 412 -16.71 -7.10 7.22
CA VAL D 412 -17.51 -7.38 8.42
C VAL D 412 -16.74 -6.95 9.67
N ARG D 413 -15.45 -7.27 9.72
CA ARG D 413 -14.64 -6.92 10.88
C ARG D 413 -14.49 -5.40 11.00
N ARG D 414 -14.29 -4.71 9.87
CA ARG D 414 -14.21 -3.25 9.91
C ARG D 414 -15.51 -2.64 10.39
N LEU D 415 -16.65 -3.18 9.94
CA LEU D 415 -17.94 -2.68 10.40
C LEU D 415 -18.14 -2.94 11.88
N VAL D 416 -17.68 -4.09 12.38
CA VAL D 416 -17.80 -4.40 13.80
C VAL D 416 -16.96 -3.41 14.62
N ILE D 417 -15.73 -3.13 14.16
CA ILE D 417 -14.88 -2.19 14.88
C ILE D 417 -15.49 -0.80 14.85
N GLY D 418 -16.08 -0.42 13.71
CA GLY D 418 -16.74 0.87 13.61
C GLY D 418 -17.92 1.02 14.53
N ARG D 419 -18.74 -0.04 14.62
CA ARG D 419 -19.88 -0.02 15.53
C ARG D 419 -19.43 -0.01 16.99
N ALA D 420 -18.31 -0.68 17.30
CA ALA D 420 -17.78 -0.63 18.65
C ALA D 420 -17.21 0.73 19.00
N PHE D 421 -16.66 1.45 18.01
CA PHE D 421 -16.16 2.80 18.23
C PHE D 421 -17.26 3.84 18.30
N ASN D 422 -18.36 3.64 17.57
CA ASN D 422 -19.47 4.60 17.60
C ASN D 422 -20.37 4.41 18.81
N ALA D 423 -20.30 3.25 19.46
CA ALA D 423 -21.14 3.02 20.64
C ALA D 423 -20.67 3.87 21.82
N ASP D 424 -19.36 4.02 21.98
CA ASP D 424 -18.81 4.82 23.07
C ASP D 424 -19.03 6.31 22.83
O9 IVC E . 33.56 -5.45 12.23
P1 IVC E . 34.38 -4.34 12.77
O5 IVC E . 35.14 -3.66 11.66
O6 IVC E . 35.37 -4.96 13.80
O2 IVC E . 33.50 -3.23 13.53
C1 IVC E . 32.06 -3.11 13.35
C2 IVC E . 31.36 -3.34 14.69
O3 IVC E . 32.21 -3.16 15.71
C4 IVC E . 30.28 -2.21 14.80
N1 IVC E . 28.95 -2.83 15.09
C7 IVC E . 28.01 -3.16 14.22
N2 IVC E . 26.97 -3.69 14.86
C8 IVC E . 27.26 -3.69 16.16
C6 IVC E . 28.52 -3.15 16.31
N3 IVC E . 29.05 -3.02 17.54
C15 IVC E . 28.37 -3.43 18.62
N4 IVC E . 27.17 -3.96 18.52
C12 IVC E . 26.59 -4.10 17.31
N5 IVC E . 25.27 -4.68 17.18
O1 IVC E . 30.26 -1.63 13.65
C3 IVC E . 31.76 -1.85 13.06
C5 IVC E . 31.61 -1.59 11.62
O4 IVC E . 30.30 -1.90 11.42
P2 IVC E . 29.62 -1.72 9.92
O12 IVC E . 30.38 -2.53 8.94
O10 IVC E . 28.21 -2.16 9.95
O7 IVC E . 29.70 -0.11 9.54
P3 IVC E . 28.89 0.37 8.20
O14 IVC E . 29.25 -0.52 7.08
O13 IVC E . 29.25 1.81 7.85
O8 IVC E . 27.29 0.21 8.50
C11 IVC E . 26.69 0.81 9.64
C9 IVC E . 25.38 1.48 9.19
C13 IVC E . 25.78 2.75 8.32
C14 IVC E . 24.64 0.42 8.26
C10 IVC E . 24.44 1.86 10.42
O11 IVC E . 25.14 1.80 11.60
C16 IVC E . 23.88 3.28 10.44
O15 IVC E . 23.03 3.61 9.76
N6 IVC E . 24.45 4.23 11.43
C17 IVC E . 24.03 5.68 11.64
C18 IVC E . 22.56 5.93 11.70
C19 IVC E . 22.35 7.32 12.44
O16 IVC E . 22.93 8.26 11.98
N7 IVC E . 21.49 7.45 13.61
C20 IVC E . 21.26 8.72 14.32
C21 IVC E . 21.29 8.53 15.85
S1 IVC E . 19.68 8.41 16.65
C22 IVC E . 19.15 10.12 17.15
O17 IVC E . 19.59 10.53 18.11
C23 IVC E . 18.17 11.03 16.36
C24 IVC E . 16.94 11.76 16.93
C25 IVC E . 17.00 12.43 18.26
C26 IVC E . 16.14 12.41 15.83
H3 IVC E . 31.66 -3.77 12.66
H4 IVC E . 30.91 -4.33 14.74
H5 IVC E . 31.78 -3.42 16.49
H6 IVC E . 30.57 -1.46 15.61
H7 IVC E . 28.07 -3.03 13.16
H8 IVC E . 28.84 -3.32 19.62
H9 IVC E . 25.16 -5.60 16.77
H10 IVC E . 24.45 -4.17 17.51
H11 IVC E . 32.47 -1.16 13.52
H12 IVC E . 32.24 -2.18 11.05
H13 IVC E . 31.80 -0.55 11.41
H16 IVC E . 27.35 1.52 10.04
H17 IVC E . 26.51 0.01 10.36
H18 IVC E . 26.45 2.49 7.57
H19 IVC E . 26.24 3.47 8.94
H20 IVC E . 24.90 3.17 7.83
H21 IVC E . 24.95 0.54 7.23
H22 IVC E . 24.84 -0.63 8.61
H23 IVC E . 23.55 0.56 8.32
H24 IVC E . 23.63 1.18 10.51
H25 IVC E . 24.84 1.01 12.10
H26 IVC E . 25.20 3.88 12.00
H27 IVC E . 24.43 5.97 12.58
H28 IVC E . 24.49 6.34 10.86
H29 IVC E . 22.17 6.02 10.70
H30 IVC E . 22.07 5.13 12.23
H31 IVC E . 21.01 6.65 13.95
H32 IVC E . 20.30 9.14 14.05
H33 IVC E . 22.01 9.44 14.05
H34 IVC E . 21.76 9.39 16.30
H35 IVC E . 21.87 7.57 16.09
H36 IVC E . 18.68 11.52 15.61
H37 IVC E . 17.55 10.32 15.83
H38 IVC E . 16.30 10.89 17.14
H39 IVC E . 16.39 11.87 18.93
H40 IVC E . 18.00 12.43 18.67
H41 IVC E . 16.65 13.42 18.22
H42 IVC E . 15.21 11.85 15.73
H43 IVC E . 16.64 12.36 14.90
H44 IVC E . 15.89 13.45 16.06
PA FAD F . 22.07 10.74 3.82
O1A FAD F . 22.92 9.53 3.82
O2A FAD F . 22.45 11.91 3.01
O5B FAD F . 20.66 10.22 3.36
C5B FAD F . 20.22 10.38 2.01
C4B FAD F . 19.44 9.18 1.50
O4B FAD F . 20.41 8.24 1.06
C3B FAD F . 18.58 8.47 2.51
O3B FAD F . 17.34 8.10 1.95
C2B FAD F . 19.29 7.19 2.72
O2B FAD F . 18.42 6.11 2.88
C1B FAD F . 19.93 6.96 1.41
N9A FAD F . 21.01 5.98 1.53
C8A FAD F . 22.20 6.19 2.08
N7A FAD F . 22.92 5.05 2.01
C5A FAD F . 22.20 4.13 1.38
C6A FAD F . 22.37 2.74 0.98
N6A FAD F . 23.52 2.10 1.24
N1A FAD F . 21.35 2.14 0.36
C2A FAD F . 20.21 2.75 0.09
N3A FAD F . 20.00 4.01 0.44
C4A FAD F . 20.94 4.75 1.07
N1 FAD F . 17.79 14.84 11.39
C2 FAD F . 16.64 15.47 11.23
O2 FAD F . 16.26 15.65 10.07
N3 FAD F . 15.90 15.91 12.24
C4 FAD F . 16.28 15.72 13.48
O4 FAD F . 15.59 16.11 14.41
C4X FAD F . 17.53 15.02 13.74
N5 FAD F . 17.94 14.81 14.99
C5X FAD F . 19.07 14.15 15.20
C6 FAD F . 19.57 13.94 16.48
C7 FAD F . 20.72 13.33 16.83
C7M FAD F . 21.03 13.18 18.30
C8 FAD F . 21.50 12.89 15.70
C8M FAD F . 22.79 12.17 15.79
C9 FAD F . 21.04 13.09 14.44
C9A FAD F . 19.88 13.69 14.06
N10 FAD F . 19.51 13.90 12.73
C10 FAD F . 18.30 14.59 12.58
C1' FAD F . 20.25 13.46 11.51
C2' FAD F . 19.85 12.10 11.01
O2' FAD F . 20.66 11.19 11.70
C3' FAD F . 20.10 11.97 9.51
O3' FAD F . 19.22 12.90 8.90
C4' FAD F . 19.81 10.60 8.88
O4' FAD F . 20.52 9.54 9.46
C5' FAD F . 20.14 10.52 7.39
O5' FAD F . 20.08 11.75 6.67
P FAD F . 21.25 12.47 5.86
O1P FAD F . 20.63 13.24 4.74
O2P FAD F . 22.03 13.27 6.84
O3P FAD F . 22.07 11.21 5.33
H51A FAD F . 21.07 10.51 1.34
H52A FAD F . 19.59 11.27 1.94
H4B FAD F . 18.83 9.46 0.65
H3B FAD F . 18.43 9.01 3.45
HO3A FAD F . 16.85 7.54 2.56
H2B FAD F . 20.02 7.27 3.54
HO2A FAD F . 18.88 5.43 3.40
H1B FAD F . 19.18 6.62 0.67
H8A FAD F . 22.53 7.11 2.54
H61A FAD F . 23.64 1.13 0.96
H62A FAD F . 24.27 2.57 1.71
H2A FAD F . 19.44 2.21 -0.42
HN3 FAD F . 15.00 16.39 12.04
H6 FAD F . 19.03 14.22 17.29
HM71 FAD F . 20.14 13.00 18.85
HM72 FAD F . 21.46 14.08 18.64
HM73 FAD F . 21.69 12.38 18.50
HM81 FAD F . 23.54 12.77 15.35
HM82 FAD F . 22.69 11.26 15.25
HM83 FAD F . 23.08 11.97 16.79
H9 FAD F . 21.62 12.74 13.70
H1'1 FAD F . 21.32 13.48 11.64
H1'2 FAD F . 20.11 14.20 10.73
H2' FAD F . 18.80 11.89 11.25
HO2' FAD F . 20.14 10.75 12.39
H3' FAD F . 21.14 12.24 9.32
HO3' FAD F . 18.29 12.72 9.10
H4' FAD F . 18.75 10.37 8.99
HO4' FAD F . 21.32 9.85 9.92
H5'1 FAD F . 21.09 10.02 7.29
H5'2 FAD F . 19.39 9.88 6.93
O9 IVC G . -33.91 16.30 -8.53
P1 IVC G . -32.76 15.55 -8.01
O5 IVC G . -32.50 15.95 -6.53
O6 IVC G . -33.08 14.08 -8.09
O2 IVC G . -31.48 15.87 -8.91
C1 IVC G . -30.20 15.32 -8.48
C2 IVC G . -29.43 14.81 -9.71
O3 IVC G . -30.29 14.50 -10.69
C4 IVC G . -28.57 16.07 -10.13
N1 IVC G . -27.27 15.75 -10.81
C7 IVC G . -26.37 14.84 -10.46
N2 IVC G . -25.34 14.89 -11.30
C8 IVC G . -25.58 15.87 -12.18
C6 IVC G . -26.81 16.41 -11.87
N3 IVC G . -27.29 17.43 -12.60
C15 IVC G . -26.59 17.91 -13.64
N4 IVC G . -25.42 17.42 -13.99
C12 IVC G . -24.88 16.40 -13.29
N5 IVC G . -23.60 15.85 -13.66
O1 IVC G . -28.25 16.62 -9.00
C3 IVC G . -29.47 16.31 -7.95
C5 IVC G . -28.84 15.98 -6.65
O4 IVC G . -27.93 14.94 -6.80
P2 IVC G . -27.90 13.85 -5.55
O12 IVC G . -29.11 12.97 -5.61
O10 IVC G . -26.70 13.01 -5.65
O7 IVC G . -27.89 14.70 -4.12
P3 IVC G . -26.81 14.34 -2.93
O14 IVC G . -26.98 12.86 -2.56
O13 IVC G . -27.08 15.16 -1.75
O8 IVC G . -25.32 14.65 -3.47
C11 IVC G . -24.25 13.83 -3.02
C9 IVC G . -22.94 14.24 -3.73
C13 IVC G . -21.95 13.04 -3.62
C14 IVC G . -23.29 14.43 -5.24
C10 IVC G . -22.45 15.57 -3.04
O11 IVC G . -22.00 15.28 -1.76
C16 IVC G . -21.32 16.35 -3.69
O15 IVC G . -20.89 16.11 -4.72
N6 IVC G . -20.80 17.48 -2.91
C17 IVC G . -19.69 18.39 -3.36
C18 IVC G . -19.06 19.07 -2.20
C19 IVC G . -17.68 19.65 -2.64
O16 IVC G . -16.86 18.84 -2.94
N7 IVC G . -17.37 21.07 -2.68
C20 IVC G . -16.03 21.50 -3.10
C21 IVC G . -15.95 21.25 -4.60
S1 IVC G . -14.84 22.30 -5.61
C22 IVC G . -13.39 22.99 -4.75
O17 IVC G . -13.51 23.30 -3.65
C23 IVC G . -12.08 23.16 -5.57
C24 IVC G . -11.36 24.49 -5.30
C25 IVC G . -10.51 24.43 -4.08
C26 IVC G . -10.57 25.06 -6.45
H3 IVC G . -30.36 14.53 -7.81
H4 IVC G . -28.84 13.94 -9.42
H5 IVC G . -29.82 14.35 -11.47
H6 IVC G . -29.20 16.78 -10.74
H7 IVC G . -26.46 14.16 -9.65
H8 IVC G . -27.01 18.74 -14.23
H9 IVC G . -22.79 16.44 -13.67
H10 IVC G . -23.51 14.86 -13.89
H11 IVC G . -30.09 17.19 -7.86
H12 IVC G . -29.56 15.71 -5.97
H13 IVC G . -28.30 16.83 -6.30
H16 IVC G . -24.45 12.85 -3.26
H17 IVC G . -24.17 13.92 -1.95
H18 IVC G . -21.01 13.33 -3.95
H19 IVC G . -22.28 12.24 -4.24
H20 IVC G . -21.88 12.67 -2.60
H21 IVC G . -24.03 13.70 -5.56
H22 IVC G . -23.68 15.47 -5.39
H23 IVC G . -22.39 14.27 -5.86
H24 IVC G . -23.28 16.25 -2.93
H25 IVC G . -21.04 15.04 -1.77
H26 IVC G . -21.22 17.66 -2.01
H27 IVC G . -18.97 17.80 -3.89
H28 IVC G . -20.12 19.17 -4.05
H29 IVC G . -19.70 19.85 -1.82
H30 IVC G . -18.86 18.35 -1.43
H31 IVC G . -18.05 21.75 -2.43
H32 IVC G . -15.28 20.86 -2.69
H33 IVC G . -15.88 22.53 -2.86
H34 IVC G . -16.97 21.35 -4.93
H35 IVC G . -15.60 20.18 -4.78
H36 IVC G . -12.33 23.09 -6.57
H37 IVC G . -11.38 22.29 -5.32
H38 IVC G . -12.15 25.24 -5.09
H39 IVC G . -9.79 23.64 -4.17
H40 IVC G . -10.05 25.39 -3.88
H41 IVC G . -11.10 24.18 -3.27
H42 IVC G . -9.57 24.66 -6.45
H43 IVC G . -10.51 26.11 -6.35
H44 IVC G . -11.02 24.80 -7.40
PA FAD H . -16.84 16.88 5.97
O1A FAD H . -18.16 16.25 6.19
O2A FAD H . -16.08 17.60 6.99
O5B FAD H . -15.84 15.73 5.70
C5B FAD H . -15.26 15.06 6.80
C4B FAD H . -15.26 13.62 6.43
O4B FAD H . -16.63 13.25 6.31
C3B FAD H . -14.60 13.37 5.09
O3B FAD H . -13.68 12.30 5.10
C2B FAD H . -15.75 12.96 4.27
O2B FAD H . -15.42 11.96 3.35
C1B FAD H . -16.66 12.33 5.26
N9A FAD H . -17.95 12.08 4.61
C8A FAD H . -18.89 12.98 4.32
N7A FAD H . -19.93 12.37 3.70
C5A FAD H . -19.64 11.08 3.60
C6A FAD H . -20.28 9.88 3.05
N6A FAD H . -21.50 9.90 2.48
N1A FAD H . -19.61 8.73 3.16
C2A FAD H . -18.42 8.62 3.72
N3A FAD H . -17.80 9.67 4.21
C4A FAD H . -18.34 10.88 4.19
N1 FAD H . -11.08 23.54 1.75
C2 FAD H . -9.78 23.63 2.02
O2 FAD H . -9.35 23.00 2.98
N3 FAD H . -8.94 24.37 1.31
C4 FAD H . -9.37 25.05 0.26
O4 FAD H . -8.60 25.72 -0.42
C4X FAD H . -10.78 24.99 -0.10
N5 FAD H . -11.23 25.67 -1.14
C5X FAD H . -12.51 25.58 -1.48
C6 FAD H . -12.95 26.33 -2.55
C7 FAD H . -14.23 26.37 -2.96
C7M FAD H . -14.42 27.22 -4.17
C8 FAD H . -15.19 25.60 -2.20
C8M FAD H . -16.63 25.54 -2.54
C9 FAD H . -14.81 24.88 -1.11
C9A FAD H . -13.49 24.81 -0.70
N10 FAD H . -13.03 24.08 0.41
C10 FAD H . -11.66 24.19 0.72
C1' FAD H . -13.87 23.25 1.25
C2' FAD H . -13.83 21.85 0.71
O2' FAD H . -14.33 21.74 -0.61
C3' FAD H . -14.62 20.94 1.61
O3' FAD H . -13.93 20.99 2.85
C4' FAD H . -14.69 19.53 1.02
O4' FAD H . -15.77 19.34 0.13
C5' FAD H . -14.81 18.53 2.14
O5' FAD H . -15.72 19.12 3.06
P FAD H . -15.75 18.93 4.62
O1P FAD H . -14.50 18.27 4.90
O2P FAD H . -15.99 20.24 5.29
O3P FAD H . -16.89 17.85 4.75
H51A FAD H . -15.84 15.16 7.72
H52A FAD H . -14.24 15.41 6.98
H4B FAD H . -14.76 13.02 7.20
H3B FAD H . -14.09 14.26 4.70
HO3A FAD H . -13.31 12.20 4.21
H2B FAD H . -16.22 13.82 3.77
HO2A FAD H . -15.90 12.12 2.53
H1B FAD H . -16.22 11.38 5.60
H8A FAD H . -18.84 14.04 4.55
H61A FAD H . -21.89 9.05 2.12
H62A FAD H . -22.01 10.75 2.38
H2A FAD H . -17.94 7.65 3.76
HN3 FAD H . -7.93 24.40 1.56
H6 FAD H . -12.27 26.90 -3.12
HM71 FAD H . -14.13 28.21 -3.94
HM72 FAD H . -15.40 27.21 -4.55
HM73 FAD H . -13.78 26.86 -4.90
HM81 FAD H . -16.84 25.78 -3.54
HM82 FAD H . -17.06 24.62 -2.32
HM83 FAD H . -17.05 26.28 -1.91
H9 FAD H . -15.56 24.31 -0.63
H1'1 FAD H . -13.47 23.27 2.25
H1'2 FAD H . -14.90 23.60 1.36
H2' FAD H . -12.78 21.53 0.72
HO2' FAD H . -13.60 21.68 -1.24
H3' FAD H . -15.63 21.34 1.70
HO3' FAD H . -14.49 21.41 3.52
H4' FAD H . -13.83 19.28 0.41
HO4' FAD H . -15.42 19.23 -0.76
H5'1 FAD H . -15.23 17.61 1.75
H5'2 FAD H . -13.81 18.32 2.52
O9 IVC I . 27.26 -5.38 -25.30
P1 IVC I . 27.03 -4.49 -24.14
O5 IVC I . 28.10 -4.72 -23.11
O6 IVC I . 27.11 -3.01 -24.61
O2 IVC I . 25.58 -4.83 -23.51
C1 IVC I . 24.50 -3.85 -23.51
C2 IVC I . 23.76 -3.88 -24.87
O3 IVC I . 24.22 -4.89 -25.61
C4 IVC I . 22.26 -4.19 -24.50
N1 IVC I . 21.30 -3.50 -25.42
C7 IVC I . 21.27 -3.66 -26.74
N2 IVC I . 20.31 -2.93 -27.28
C8 IVC I . 19.69 -2.28 -26.29
C6 IVC I . 20.31 -2.64 -25.09
N3 IVC I . 19.86 -2.11 -23.94
C15 IVC I . 18.84 -1.26 -23.93
N4 IVC I . 18.22 -0.88 -25.03
C12 IVC I . 18.60 -1.37 -26.22
N5 IVC I . 17.93 -0.98 -27.44
O1 IVC I . 22.15 -3.79 -23.26
C3 IVC I . 23.59 -4.24 -22.62
C5 IVC I . 23.75 -3.54 -21.32
O4 IVC I . 23.14 -4.31 -20.36
P2 IVC I . 23.55 -3.99 -18.78
O12 IVC I . 24.96 -4.44 -18.52
O10 IVC I . 23.44 -2.54 -18.52
O7 IVC I . 22.52 -4.80 -17.74
P3 IVC I . 22.36 -6.45 -17.66
O14 IVC I . 22.40 -7.03 -19.01
O13 IVC I . 23.52 -7.05 -16.87
O8 IVC I . 20.96 -6.76 -16.88
C11 IVC I . 19.72 -6.64 -17.58
C9 IVC I . 19.04 -8.02 -17.57
C13 IVC I . 19.97 -9.06 -18.32
C14 IVC I . 18.92 -8.51 -16.07
C10 IVC I . 17.56 -7.89 -18.14
O11 IVC I . 17.50 -6.96 -19.15
C16 IVC I . 17.03 -9.20 -18.71
O15 IVC I . 17.37 -9.52 -19.75
N6 IVC I . 16.08 -10.09 -17.94
C17 IVC I . 15.58 -11.39 -18.53
C18 IVC I . 14.13 -11.37 -18.74
C19 IVC I . 13.63 -12.23 -19.96
O16 IVC I . 14.19 -13.26 -20.25
N7 IVC I . 12.48 -11.78 -20.74
C20 IVC I . 11.99 -12.50 -21.92
C21 IVC I . 10.94 -13.55 -21.62
S1 IVC I . 9.33 -12.93 -22.16
C22 IVC I . 8.15 -14.12 -21.41
O17 IVC I . 8.01 -14.28 -20.27
C23 IVC I . 7.35 -15.02 -22.33
C24 IVC I . 5.97 -14.61 -22.77
C25 IVC I . 5.35 -15.91 -23.14
C26 IVC I . 5.96 -13.61 -23.89
H3 IVC I . 24.82 -2.87 -23.32
H4 IVC I . 23.86 -2.93 -25.39
H5 IVC I . 24.30 -4.63 -26.48
H6 IVC I . 22.13 -5.30 -24.55
H7 IVC I . 21.93 -4.29 -27.28
H8 IVC I . 18.49 -0.84 -22.96
H9 IVC I . 17.98 -0.04 -27.76
H10 IVC I . 17.41 -1.68 -27.97
H11 IVC I . 23.63 -5.31 -22.48
H12 IVC I . 23.30 -2.62 -21.37
H13 IVC I . 24.79 -3.44 -21.07
H16 IVC I . 19.12 -5.92 -17.09
H17 IVC I . 19.93 -6.30 -18.59
H18 IVC I . 20.94 -9.09 -17.93
H19 IVC I . 20.03 -8.81 -19.34
H20 IVC I . 19.58 -10.06 -18.22
H21 IVC I . 19.77 -9.16 -15.87
H22 IVC I . 18.93 -7.65 -15.35
H23 IVC I . 18.00 -9.09 -15.91
H24 IVC I . 16.90 -7.56 -17.36
H25 IVC I . 17.97 -7.30 -19.94
H26 IVC I . 15.78 -9.82 -17.03
H27 IVC I . 16.05 -11.61 -19.47
H28 IVC I . 15.84 -12.22 -17.81
H29 IVC I . 13.70 -11.76 -17.86
H30 IVC I . 13.82 -10.33 -18.87
H31 IVC I . 12.03 -10.94 -20.50
H32 IVC I . 11.54 -11.77 -22.58
H33 IVC I . 12.80 -12.98 -22.45
H34 IVC I . 11.12 -14.39 -22.26
H35 IVC I . 10.93 -13.87 -20.52
H36 IVC I . 7.19 -15.86 -21.75
H37 IVC I . 7.97 -15.24 -23.24
H38 IVC I . 5.45 -14.16 -21.90
H39 IVC I . 5.09 -16.50 -22.29
H40 IVC I . 4.44 -15.72 -23.72
H41 IVC I . 6.02 -16.48 -23.72
H42 IVC I . 6.83 -12.97 -23.85
H43 IVC I . 5.95 -14.11 -24.82
H44 IVC I . 5.04 -13.00 -23.82
PA FAD J . 16.42 -15.69 -10.64
O1A FAD J . 17.75 -15.03 -10.68
O2A FAD J . 16.34 -17.08 -10.11
O5B FAD J . 15.43 -14.74 -9.84
C5B FAD J . 15.22 -14.93 -8.44
C4B FAD J . 15.20 -13.60 -7.71
O4B FAD J . 16.45 -12.97 -7.80
C3B FAD J . 14.20 -12.64 -8.27
O3B FAD J . 13.47 -12.09 -7.20
C2B FAD J . 14.99 -11.51 -8.79
O2B FAD J . 14.30 -10.30 -8.59
C1B FAD J . 16.20 -11.59 -7.91
N9A FAD J . 17.32 -10.86 -8.51
C8A FAD J . 18.11 -11.27 -9.51
N7A FAD J . 19.01 -10.31 -9.77
C5A FAD J . 18.80 -9.30 -8.94
C6A FAD J . 19.40 -8.00 -8.68
N6A FAD J . 20.45 -7.56 -9.40
N1A FAD J . 18.86 -7.25 -7.70
C2A FAD J . 17.82 -7.65 -6.97
N3A FAD J . 17.24 -8.83 -7.14
C4A FAD J . 17.68 -9.67 -8.10
N1 FAD J . 8.60 -18.29 -16.49
C2 FAD J . 7.43 -18.64 -16.00
O2 FAD J . 7.37 -18.79 -14.78
N3 FAD J . 6.36 -18.82 -16.79
C4 FAD J . 6.42 -18.65 -18.12
O4 FAD J . 5.44 -18.81 -18.85
C4X FAD J . 7.69 -18.26 -18.72
N5 FAD J . 7.81 -18.08 -20.03
C5X FAD J . 9.00 -17.72 -20.56
C6 FAD J . 9.24 -17.52 -21.90
C7 FAD J . 10.39 -17.20 -22.48
C7M FAD J . 10.36 -17.02 -23.94
C8 FAD J . 11.51 -17.01 -21.63
C8M FAD J . 12.87 -16.62 -22.11
C9 FAD J . 11.28 -17.21 -20.31
C9A FAD J . 10.13 -17.55 -19.67
N10 FAD J . 10.06 -17.73 -18.27
C10 FAD J . 8.80 -18.09 -17.79
C1' FAD J . 11.15 -17.56 -17.29
C2' FAD J . 11.26 -16.14 -16.77
O2' FAD J . 11.68 -15.26 -17.80
C3' FAD J . 12.28 -16.07 -15.68
O3' FAD J . 11.70 -16.79 -14.60
C4' FAD J . 12.56 -14.66 -15.19
O4' FAD J . 13.46 -13.96 -16.00
C5' FAD J . 13.17 -14.67 -13.79
O5' FAD J . 14.10 -15.74 -13.80
P FAD J . 14.65 -16.62 -12.60
O1P FAD J . 13.66 -16.58 -11.51
O2P FAD J . 15.03 -17.95 -13.12
O3P FAD J . 15.90 -15.74 -12.14
H51A FAD J . 16.00 -15.54 -8.01
H52A FAD J . 14.27 -15.43 -8.29
H4B FAD J . 15.03 -13.72 -6.64
H3B FAD J . 13.54 -13.09 -9.03
HO3A FAD J . 12.62 -11.77 -7.52
H2B FAD J . 15.24 -11.68 -9.86
HO2A FAD J . 14.67 -9.61 -9.15
H1B FAD J . 15.97 -11.18 -6.93
H8A FAD J . 18.02 -12.21 -10.03
H61A FAD J . 20.85 -6.66 -9.21
H62A FAD J . 20.83 -8.14 -10.14
H2A FAD J . 17.45 -7.00 -6.19
HN3 FAD J . 5.46 -19.09 -16.34
H6 FAD J . 8.54 -17.56 -22.67
HM71 FAD J . 9.96 -16.06 -24.13
HM72 FAD J . 9.81 -17.76 -24.46
HM73 FAD J . 11.33 -17.04 -24.27
HM81 FAD J . 13.29 -17.47 -22.55
HM82 FAD J . 13.49 -16.26 -21.34
HM83 FAD J . 12.80 -15.84 -22.82
H9 FAD J . 12.04 -17.06 -19.72
H1'1 FAD J . 11.01 -18.25 -16.47
H1'2 FAD J . 12.09 -17.90 -17.67
H2' FAD J . 10.28 -15.82 -16.38
HO2' FAD J . 10.91 -14.85 -18.20
H3' FAD J . 13.20 -16.54 -16.05
HO3' FAD J . 12.25 -17.56 -14.39
H4' FAD J . 11.66 -14.07 -15.23
HO4' FAD J . 13.07 -13.12 -16.25
H5'1 FAD J . 13.71 -13.74 -13.66
H5'2 FAD J . 12.40 -14.75 -13.03
O9 IVC K . -28.96 -6.38 21.21
P1 IVC K . -29.22 -7.65 20.48
O5 IVC K . -30.48 -8.32 21.09
O6 IVC K . -29.48 -7.37 19.03
O2 IVC K . -27.95 -8.65 20.64
C1 IVC K . -26.60 -8.24 20.26
C2 IVC K . -25.58 -8.93 21.19
O3 IVC K . -26.22 -9.63 22.15
C4 IVC K . -24.75 -9.93 20.29
N1 IVC K . -23.30 -9.72 20.57
C7 IVC K . -22.51 -8.80 20.05
N2 IVC K . -21.28 -8.93 20.56
C8 IVC K . -21.29 -9.95 21.43
C6 IVC K . -22.59 -10.46 21.43
N3 IVC K . -22.90 -11.51 22.22
C15 IVC K . -21.96 -12.06 22.98
N4 IVC K . -20.71 -11.62 23.02
C12 IVC K . -20.34 -10.57 22.27
N5 IVC K . -18.97 -10.09 22.30
O1 IVC K . -25.04 -9.64 19.05
C3 IVC K . -26.33 -8.63 19.01
C5 IVC K . -25.97 -7.48 18.13
O4 IVC K . -25.69 -7.99 16.89
P2 IVC K . -25.79 -7.04 15.51
O12 IVC K . -24.45 -6.42 15.24
O10 IVC K . -26.78 -5.95 15.68
O7 IVC K . -26.27 -8.05 14.25
P3 IVC K . -26.76 -7.61 12.72
O14 IVC K . -28.18 -8.02 12.53
O13 IVC K . -26.70 -6.10 12.57
O8 IVC K . -25.82 -8.35 11.60
C11 IVC K . -24.46 -7.96 11.53
C9 IVC K . -23.49 -9.10 11.93
C13 IVC K . -22.98 -8.81 13.39
C14 IVC K . -24.22 -10.49 11.93
C10 IVC K . -22.32 -9.14 10.88
O11 IVC K . -21.67 -7.92 10.80
C16 IVC K . -21.29 -10.20 11.21
O15 IVC K . -20.50 -10.01 12.03
N6 IVC K . -21.28 -11.48 10.45
C17 IVC K . -20.26 -12.57 10.70
C18 IVC K . -19.91 -13.22 9.40
C19 IVC K . -20.98 -14.33 9.06
O16 IVC K . -22.07 -13.98 8.72
N7 IVC K . -20.77 -15.76 9.16
C20 IVC K . -19.51 -16.37 9.53
C21 IVC K . -19.03 -16.35 11.03
S1 IVC K . -19.00 -17.77 12.32
C22 IVC K . -17.39 -18.63 12.82
O17 IVC K . -16.53 -18.87 12.06
C23 IVC K . -17.04 -18.93 14.28
C24 IVC K . -18.08 -19.55 15.24
C25 IVC K . -17.39 -20.15 16.44
C26 IVC K . -19.32 -18.78 15.65
H3 IVC K . -26.50 -7.21 20.39
H4 IVC K . -24.92 -8.18 21.64
H5 IVC K . -27.13 -9.64 21.95
H6 IVC K . -25.03 -11.01 20.52
H7 IVC K . -22.79 -8.06 19.34
H8 IVC K . -22.25 -12.92 23.63
H9 IVC K . -18.73 -9.34 22.90
H10 IVC K . -18.28 -10.53 21.71
H11 IVC K . -27.19 -9.15 18.60
H12 IVC K . -26.76 -6.82 18.10
H13 IVC K . -25.09 -6.99 18.50
H16 IVC K . -24.27 -7.62 10.56
H17 IVC K . -24.30 -7.15 12.21
H18 IVC K . -22.41 -9.61 13.76
H19 IVC K . -23.80 -8.74 14.03
H20 IVC K . -22.39 -7.91 13.45
H21 IVC K . -24.54 -10.75 10.92
H22 IVC K . -23.50 -11.25 12.31
H23 IVC K . -25.07 -10.50 12.63
H24 IVC K . -22.74 -9.35 9.90
H25 IVC K . -20.88 -7.94 11.38
H26 IVC K . -21.97 -11.62 9.72
H27 IVC K . -19.37 -12.20 11.14
H28 IVC K . -20.74 -13.34 11.38
H29 IVC K . -19.92 -12.47 8.62
H30 IVC K . -18.91 -13.62 9.48
H31 IVC K . -21.52 -16.35 8.91
H32 IVC K . -19.65 -17.34 9.14
H33 IVC K . -18.72 -15.94 8.92
H34 IVC K . -18.00 -16.04 10.86
H35 IVC K . -19.59 -15.49 11.51
H36 IVC K . -16.32 -19.65 14.12
H37 IVC K . -16.51 -18.08 14.75
H38 IVC K . -18.45 -20.34 14.57
H39 IVC K . -16.43 -19.75 16.46
H40 IVC K . -17.19 -21.19 16.41
H41 IVC K . -17.92 -20.02 17.34
H42 IVC K . -20.16 -19.46 15.58
H43 IVC K . -19.45 -17.92 15.05
H44 IVC K . -19.29 -18.44 16.69
PA FAD L . -19.78 -13.77 1.94
O1A FAD L . -18.35 -14.17 2.13
O2A FAD L . -20.24 -12.73 2.88
O5B FAD L . -20.06 -13.19 0.48
C5B FAD L . -21.14 -12.32 0.14
C4B FAD L . -20.63 -10.99 -0.34
O4B FAD L . -21.59 -10.01 0.07
C3B FAD L . -19.27 -10.51 0.17
O3B FAD L . -18.51 -9.86 -0.81
C2B FAD L . -19.62 -9.34 1.01
O2B FAD L . -18.64 -8.57 1.68
C1B FAD L . -20.93 -8.80 0.51
N9A FAD L . -21.51 -8.06 1.63
C8A FAD L . -22.44 -8.49 2.46
N7A FAD L . -22.73 -7.55 3.38
C5A FAD L . -21.95 -6.51 3.13
C6A FAD L . -21.74 -5.18 3.73
N6A FAD L . -22.43 -4.78 4.80
N1A FAD L . -20.82 -4.37 3.15
C2A FAD L . -20.11 -4.75 2.10
N3A FAD L . -20.27 -5.95 1.54
C4A FAD L . -21.15 -6.85 1.99
N1 FAD L . -14.82 -19.81 4.01
C2 FAD L . -13.98 -20.46 3.21
O2 FAD L . -13.63 -19.85 2.19
N3 FAD L . -13.54 -21.69 3.46
C4 FAD L . -13.93 -22.34 4.56
O4 FAD L . -13.53 -23.49 4.79
C4X FAD L . -14.85 -21.66 5.47
N5 FAD L . -15.28 -22.24 6.57
C5X FAD L . -16.12 -21.67 7.43
C6 FAD L . -16.53 -22.35 8.58
C7 FAD L . -17.37 -21.79 9.49
C7M FAD L . -17.79 -22.54 10.72
C8 FAD L . -17.81 -20.43 9.18
C8M FAD L . -18.70 -19.65 10.03
C9 FAD L . -17.43 -19.74 8.07
C9A FAD L . -16.59 -20.31 7.14
N10 FAD L . -16.18 -19.65 5.97
C10 FAD L . -15.29 -20.33 5.13
C1' FAD L . -16.57 -18.27 5.65
C2' FAD L . -17.95 -18.16 5.10
O2' FAD L . -18.32 -19.45 4.65
C3' FAD L . -17.93 -17.07 4.07
O3' FAD L . -19.21 -16.46 4.08
C4' FAD L . -17.50 -17.61 2.71
O4' FAD L . -16.55 -16.70 2.15
C5' FAD L . -18.75 -17.81 1.87
O5' FAD L . -19.20 -16.56 1.34
P FAD L . -20.66 -16.17 0.86
O1P FAD L . -20.55 -15.69 -0.56
O2P FAD L . -21.67 -17.24 1.17
O3P FAD L . -20.77 -15.00 1.92
H51A FAD L . -21.83 -12.18 0.97
H52A FAD L . -21.70 -12.80 -0.67
H4B FAD L . -20.57 -11.01 -1.45
H3B FAD L . -18.65 -11.20 0.76
HO3A FAD L . -17.67 -10.32 -0.93
H2B FAD L . -19.27 -8.85 0.12
HO2A FAD L . -18.66 -8.75 2.63
H1B FAD L . -20.74 -8.13 -0.34
H8A FAD L . -22.89 -9.47 2.40
H61A FAD L . -22.27 -3.86 5.18
H62A FAD L . -23.11 -5.38 5.21
H2A FAD L . -19.39 -4.07 1.68
HN3 FAD L . -12.89 -22.17 2.79
H6 FAD L . -16.19 -23.33 8.81
HM71 FAD L . -18.84 -22.63 10.71
HM72 FAD L . -17.48 -22.01 11.58
HM73 FAD L . -17.35 -23.50 10.77
HM81 FAD L . -18.94 -20.16 10.93
HM82 FAD L . -19.57 -19.44 9.47
HM83 FAD L . -18.24 -18.74 10.31
H9 FAD L . -17.85 -18.75 7.97
H1'1 FAD L . -16.52 -17.62 6.53
H1'2 FAD L . -15.85 -17.83 4.98
H2' FAD L . -18.64 -17.84 5.90
HO2' FAD L . -19.02 -19.81 5.21
H3' FAD L . -17.25 -16.26 4.36
HO3' FAD L . -19.12 -15.57 4.45
H4' FAD L . -16.99 -18.58 2.76
HO4' FAD L . -16.96 -15.84 2.00
H5'1 FAD L . -18.50 -18.47 1.04
H5'2 FAD L . -19.54 -18.34 2.41
#